data_2O9V
# 
_entry.id   2O9V 
# 
_audit_conform.dict_name       mmcif_pdbx.dic 
_audit_conform.dict_version    5.380 
_audit_conform.dict_location   http://mmcif.pdb.org/dictionaries/ascii/mmcif_pdbx.dic 
# 
loop_
_database_2.database_id 
_database_2.database_code 
_database_2.pdbx_database_accession 
_database_2.pdbx_DOI 
PDB   2O9V         pdb_00002o9v 10.2210/pdb2o9v/pdb 
RCSB  RCSB040869   ?            ?                   
WWPDB D_1000040869 ?            ?                   
# 
loop_
_pdbx_database_related.db_name 
_pdbx_database_related.db_id 
_pdbx_database_related.details 
_pdbx_database_related.content_type 
PDB 2O2W 'Powder diffraction model' unspecified 
PDB 2O9S .                          unspecified 
# 
_pdbx_database_status.status_code                     REL 
_pdbx_database_status.entry_id                        2O9V 
_pdbx_database_status.recvd_initial_deposition_date   2006-12-14 
_pdbx_database_status.deposit_site                    RCSB 
_pdbx_database_status.process_site                    PDBJ 
_pdbx_database_status.status_code_sf                  REL 
_pdbx_database_status.status_code_mr                  ? 
_pdbx_database_status.SG_entry                        ? 
_pdbx_database_status.pdb_format_compatible           Y 
_pdbx_database_status.status_code_cs                  ? 
_pdbx_database_status.methods_development_category    ? 
_pdbx_database_status.status_code_nmr_data            ? 
# 
loop_
_audit_author.name 
_audit_author.pdbx_ordinal 
'Pinotsis, N.' 1 
'Wilmanns, M.' 2 
# 
_citation.id                        primary 
_citation.title                     'Paxillin and ponsin interact in nascent costameres of muscle cells' 
_citation.journal_abbrev            J.Mol.Biol. 
_citation.journal_volume            369 
_citation.page_first                665 
_citation.page_last                 682 
_citation.year                      2007 
_citation.journal_id_ASTM           JMOBAK 
_citation.country                   UK 
_citation.journal_id_ISSN           0022-2836 
_citation.journal_id_CSD            0070 
_citation.book_publisher            ? 
_citation.pdbx_database_id_PubMed   17462669 
_citation.pdbx_database_id_DOI      10.1016/j.jmb.2007.03.050 
# 
loop_
_citation_author.citation_id 
_citation_author.name 
_citation_author.ordinal 
_citation_author.identifier_ORCID 
primary 'Gehmlich, K.'      1 ? 
primary 'Pinotsis, N.'      2 ? 
primary 'Hayess, K.'        3 ? 
primary 'van der Ven, P.F.' 4 ? 
primary 'Milting, H.'       5 ? 
primary 'El Banayosy, A.'   6 ? 
primary 'Wilmanns, M.'      7 ? 
primary 'Ehler, E.'         8 ? 
# 
_cell.entry_id           2O9V 
_cell.length_a           24.490 
_cell.length_b           41.852 
_cell.length_c           58.790 
_cell.angle_alpha        90.00 
_cell.angle_beta         90.00 
_cell.angle_gamma        90.00 
_cell.Z_PDB              4 
_cell.pdbx_unique_axis   ? 
_cell.length_a_esd       ? 
_cell.length_b_esd       ? 
_cell.length_c_esd       ? 
_cell.angle_alpha_esd    ? 
_cell.angle_beta_esd     ? 
_cell.angle_gamma_esd    ? 
# 
_symmetry.entry_id                         2O9V 
_symmetry.space_group_name_H-M             'P 21 21 21' 
_symmetry.pdbx_full_space_group_name_H-M   ? 
_symmetry.cell_setting                     ? 
_symmetry.Int_Tables_number                19 
_symmetry.space_group_name_Hall            ? 
# 
loop_
_entity.id 
_entity.type 
_entity.src_method 
_entity.pdbx_description 
_entity.formula_weight 
_entity.pdbx_number_of_molecules 
_entity.pdbx_ec 
_entity.pdbx_mutation 
_entity.pdbx_fragment 
_entity.details 
1 polymer man Ponsin   7698.707 1  ? ? 'SRC HOMOLOGY 3 (SH3) DOMAIN' ? 
2 polymer syn Paxillin 983.158  1  ? ? 'Proline rich region'         ? 
3 water   nat water    18.015   93 ? ? ?                             ? 
# 
loop_
_entity_poly.entity_id 
_entity_poly.type 
_entity_poly.nstd_linkage 
_entity_poly.nstd_monomer 
_entity_poly.pdbx_seq_one_letter_code 
_entity_poly.pdbx_seq_one_letter_code_can 
_entity_poly.pdbx_strand_id 
_entity_poly.pdbx_target_identifier 
1 'polypeptide(L)' no no GIDPFTGEAIAKFNFNGDTQVEMSFRKGERITLLRQVDENWYEGRIPGTSRQGIFPITYVDVIKRPL 
GIDPFTGEAIAKFNFNGDTQVEMSFRKGERITLLRQVDENWYEGRIPGTSRQGIFPITYVDVIKRPL A ? 
2 'polypeptide(L)' no no VPPPVPPPPS                                                          VPPPVPPPPS B ? 
# 
loop_
_entity_poly_seq.entity_id 
_entity_poly_seq.num 
_entity_poly_seq.mon_id 
_entity_poly_seq.hetero 
1 1  GLY n 
1 2  ILE n 
1 3  ASP n 
1 4  PRO n 
1 5  PHE n 
1 6  THR n 
1 7  GLY n 
1 8  GLU n 
1 9  ALA n 
1 10 ILE n 
1 11 ALA n 
1 12 LYS n 
1 13 PHE n 
1 14 ASN n 
1 15 PHE n 
1 16 ASN n 
1 17 GLY n 
1 18 ASP n 
1 19 THR n 
1 20 GLN n 
1 21 VAL n 
1 22 GLU n 
1 23 MET n 
1 24 SER n 
1 25 PHE n 
1 26 ARG n 
1 27 LYS n 
1 28 GLY n 
1 29 GLU n 
1 30 ARG n 
1 31 ILE n 
1 32 THR n 
1 33 LEU n 
1 34 LEU n 
1 35 ARG n 
1 36 GLN n 
1 37 VAL n 
1 38 ASP n 
1 39 GLU n 
1 40 ASN n 
1 41 TRP n 
1 42 TYR n 
1 43 GLU n 
1 44 GLY n 
1 45 ARG n 
1 46 ILE n 
1 47 PRO n 
1 48 GLY n 
1 49 THR n 
1 50 SER n 
1 51 ARG n 
1 52 GLN n 
1 53 GLY n 
1 54 ILE n 
1 55 PHE n 
1 56 PRO n 
1 57 ILE n 
1 58 THR n 
1 59 TYR n 
1 60 VAL n 
1 61 ASP n 
1 62 VAL n 
1 63 ILE n 
1 64 LYS n 
1 65 ARG n 
1 66 PRO n 
1 67 LEU n 
2 1  VAL n 
2 2  PRO n 
2 3  PRO n 
2 4  PRO n 
2 5  VAL n 
2 6  PRO n 
2 7  PRO n 
2 8  PRO n 
2 9  PRO n 
2 10 SER n 
# 
_entity_src_gen.entity_id                          1 
_entity_src_gen.pdbx_src_id                        1 
_entity_src_gen.pdbx_alt_source_flag               sample 
_entity_src_gen.pdbx_seq_type                      ? 
_entity_src_gen.pdbx_beg_seq_num                   ? 
_entity_src_gen.pdbx_end_seq_num                   ? 
_entity_src_gen.gene_src_common_name               human 
_entity_src_gen.gene_src_genus                     Homo 
_entity_src_gen.pdbx_gene_src_gene                 SORBS1 
_entity_src_gen.gene_src_species                   ? 
_entity_src_gen.gene_src_strain                    ? 
_entity_src_gen.gene_src_tissue                    ? 
_entity_src_gen.gene_src_tissue_fraction           ? 
_entity_src_gen.gene_src_details                   ? 
_entity_src_gen.pdbx_gene_src_fragment             ? 
_entity_src_gen.pdbx_gene_src_scientific_name      'Homo sapiens' 
_entity_src_gen.pdbx_gene_src_ncbi_taxonomy_id     9606 
_entity_src_gen.pdbx_gene_src_variant              ? 
_entity_src_gen.pdbx_gene_src_cell_line            ? 
_entity_src_gen.pdbx_gene_src_atcc                 ? 
_entity_src_gen.pdbx_gene_src_organ                ? 
_entity_src_gen.pdbx_gene_src_organelle            ? 
_entity_src_gen.pdbx_gene_src_cell                 ? 
_entity_src_gen.pdbx_gene_src_cellular_location    ? 
_entity_src_gen.host_org_common_name               ? 
_entity_src_gen.pdbx_host_org_scientific_name      'Escherichia coli' 
_entity_src_gen.pdbx_host_org_ncbi_taxonomy_id     562 
_entity_src_gen.host_org_genus                     Escherichia 
_entity_src_gen.pdbx_host_org_gene                 ? 
_entity_src_gen.pdbx_host_org_organ                ? 
_entity_src_gen.host_org_species                   ? 
_entity_src_gen.pdbx_host_org_tissue               ? 
_entity_src_gen.pdbx_host_org_tissue_fraction      ? 
_entity_src_gen.pdbx_host_org_strain               ? 
_entity_src_gen.pdbx_host_org_variant              ? 
_entity_src_gen.pdbx_host_org_cell_line            ? 
_entity_src_gen.pdbx_host_org_atcc                 ? 
_entity_src_gen.pdbx_host_org_culture_collection   ? 
_entity_src_gen.pdbx_host_org_cell                 ? 
_entity_src_gen.pdbx_host_org_organelle            ? 
_entity_src_gen.pdbx_host_org_cellular_location    ? 
_entity_src_gen.pdbx_host_org_vector_type          PLASMID 
_entity_src_gen.pdbx_host_org_vector               ? 
_entity_src_gen.host_org_details                   ? 
_entity_src_gen.expression_system_id               ? 
_entity_src_gen.plasmid_name                       PET151 
_entity_src_gen.plasmid_details                    ? 
_entity_src_gen.pdbx_description                   ? 
# 
_pdbx_entity_src_syn.entity_id              2 
_pdbx_entity_src_syn.pdbx_src_id            1 
_pdbx_entity_src_syn.pdbx_alt_source_flag   sample 
_pdbx_entity_src_syn.pdbx_beg_seq_num       ? 
_pdbx_entity_src_syn.pdbx_end_seq_num       ? 
_pdbx_entity_src_syn.organism_scientific    ? 
_pdbx_entity_src_syn.organism_common_name   ? 
_pdbx_entity_src_syn.ncbi_taxonomy_id       ? 
_pdbx_entity_src_syn.details                
'The peptide was chemically synthesized. The sequence of the peptide is naturally found in Homo sapiens (human)' 
# 
loop_
_struct_ref.id 
_struct_ref.db_name 
_struct_ref.db_code 
_struct_ref.pdbx_db_accession 
_struct_ref.entity_id 
_struct_ref.pdbx_seq_one_letter_code 
_struct_ref.pdbx_align_begin 
_struct_ref.pdbx_db_isoform 
1 UNP A0AED4_HUMAN A0AED4 1 GEAIAKFNFNGDTQVEMSFRKGERITLLRQVDENWYEGRIPGTSRQGIFPITYVDVIKRPL 824 ? 
2 UNP PAXI_HUMAN   P49023 2 VPPPVPPPPS                                                    45  ? 
# 
loop_
_struct_ref_seq.align_id 
_struct_ref_seq.ref_id 
_struct_ref_seq.pdbx_PDB_id_code 
_struct_ref_seq.pdbx_strand_id 
_struct_ref_seq.seq_align_beg 
_struct_ref_seq.pdbx_seq_align_beg_ins_code 
_struct_ref_seq.seq_align_end 
_struct_ref_seq.pdbx_seq_align_end_ins_code 
_struct_ref_seq.pdbx_db_accession 
_struct_ref_seq.db_align_beg 
_struct_ref_seq.pdbx_db_align_beg_ins_code 
_struct_ref_seq.db_align_end 
_struct_ref_seq.pdbx_db_align_end_ins_code 
_struct_ref_seq.pdbx_auth_seq_align_beg 
_struct_ref_seq.pdbx_auth_seq_align_end 
1 1 2O9V A 7 ? 67 ? A0AED4 824 ? 884 ? 824 884 
2 2 2O9V B 1 ? 10 ? P49023 45  ? 54  ? 45  54  
# 
loop_
_struct_ref_seq_dif.align_id 
_struct_ref_seq_dif.pdbx_pdb_id_code 
_struct_ref_seq_dif.mon_id 
_struct_ref_seq_dif.pdbx_pdb_strand_id 
_struct_ref_seq_dif.seq_num 
_struct_ref_seq_dif.pdbx_pdb_ins_code 
_struct_ref_seq_dif.pdbx_seq_db_name 
_struct_ref_seq_dif.pdbx_seq_db_accession_code 
_struct_ref_seq_dif.db_mon_id 
_struct_ref_seq_dif.pdbx_seq_db_seq_num 
_struct_ref_seq_dif.details 
_struct_ref_seq_dif.pdbx_auth_seq_num 
_struct_ref_seq_dif.pdbx_ordinal 
1 2O9V GLY A 1 ? UNP A0AED4 ? ? 'expression tag' 818 1 
1 2O9V ILE A 2 ? UNP A0AED4 ? ? 'expression tag' 819 2 
1 2O9V ASP A 3 ? UNP A0AED4 ? ? 'expression tag' 820 3 
1 2O9V PRO A 4 ? UNP A0AED4 ? ? 'expression tag' 821 4 
1 2O9V PHE A 5 ? UNP A0AED4 ? ? 'expression tag' 822 5 
1 2O9V THR A 6 ? UNP A0AED4 ? ? 'expression tag' 823 6 
# 
loop_
_chem_comp.id 
_chem_comp.type 
_chem_comp.mon_nstd_flag 
_chem_comp.name 
_chem_comp.pdbx_synonyms 
_chem_comp.formula 
_chem_comp.formula_weight 
ALA 'L-peptide linking' y ALANINE         ? 'C3 H7 N O2'     89.093  
ARG 'L-peptide linking' y ARGININE        ? 'C6 H15 N4 O2 1' 175.209 
ASN 'L-peptide linking' y ASPARAGINE      ? 'C4 H8 N2 O3'    132.118 
ASP 'L-peptide linking' y 'ASPARTIC ACID' ? 'C4 H7 N O4'     133.103 
GLN 'L-peptide linking' y GLUTAMINE       ? 'C5 H10 N2 O3'   146.144 
GLU 'L-peptide linking' y 'GLUTAMIC ACID' ? 'C5 H9 N O4'     147.129 
GLY 'peptide linking'   y GLYCINE         ? 'C2 H5 N O2'     75.067  
HOH non-polymer         . WATER           ? 'H2 O'           18.015  
ILE 'L-peptide linking' y ISOLEUCINE      ? 'C6 H13 N O2'    131.173 
LEU 'L-peptide linking' y LEUCINE         ? 'C6 H13 N O2'    131.173 
LYS 'L-peptide linking' y LYSINE          ? 'C6 H15 N2 O2 1' 147.195 
MET 'L-peptide linking' y METHIONINE      ? 'C5 H11 N O2 S'  149.211 
PHE 'L-peptide linking' y PHENYLALANINE   ? 'C9 H11 N O2'    165.189 
PRO 'L-peptide linking' y PROLINE         ? 'C5 H9 N O2'     115.130 
SER 'L-peptide linking' y SERINE          ? 'C3 H7 N O3'     105.093 
THR 'L-peptide linking' y THREONINE       ? 'C4 H9 N O3'     119.119 
TRP 'L-peptide linking' y TRYPTOPHAN      ? 'C11 H12 N2 O2'  204.225 
TYR 'L-peptide linking' y TYROSINE        ? 'C9 H11 N O3'    181.189 
VAL 'L-peptide linking' y VALINE          ? 'C5 H11 N O2'    117.146 
# 
_exptl.entry_id          2O9V 
_exptl.method            'X-RAY DIFFRACTION' 
_exptl.crystals_number   1 
# 
_exptl_crystal.id                    1 
_exptl_crystal.density_meas          ? 
_exptl_crystal.density_Matthews      1.74 
_exptl_crystal.density_percent_sol   29.11 
_exptl_crystal.description           ? 
_exptl_crystal.F_000                 ? 
_exptl_crystal.preparation           ? 
# 
_exptl_crystal_grow.crystal_id      1 
_exptl_crystal_grow.method          'VAPOR DIFFUSION, HANGING DROP' 
_exptl_crystal_grow.temp            292 
_exptl_crystal_grow.temp_details    ? 
_exptl_crystal_grow.pH              6.5 
_exptl_crystal_grow.pdbx_details    
'0.2M Sodium Acetate, 0.1M Sodium Cacodylate, 30% (w/v) PEG 8000, pH 6.5, VAPOR DIFFUSION, HANGING DROP, temperature 292K' 
_exptl_crystal_grow.pdbx_pH_range   . 
# 
_diffrn.id                     1 
_diffrn.ambient_temp           100 
_diffrn.ambient_temp_details   ? 
_diffrn.crystal_id             1 
# 
_diffrn_detector.diffrn_id              1 
_diffrn_detector.detector               CCD 
_diffrn_detector.type                   'MAR CCD 165 mm' 
_diffrn_detector.pdbx_collection_date   2006-06-01 
_diffrn_detector.details                ? 
# 
_diffrn_radiation.diffrn_id                        1 
_diffrn_radiation.wavelength_id                    1 
_diffrn_radiation.pdbx_monochromatic_or_laue_m_l   M 
_diffrn_radiation.monochromator                    'Ge Single Crystal' 
_diffrn_radiation.pdbx_diffrn_protocol             'SINGLE WAVELENGTH' 
_diffrn_radiation.pdbx_scattering_type             x-ray 
# 
_diffrn_radiation_wavelength.id           1 
_diffrn_radiation_wavelength.wavelength   0.8156 
_diffrn_radiation_wavelength.wt           1.0 
# 
_diffrn_source.diffrn_id                   1 
_diffrn_source.source                      SYNCHROTRON 
_diffrn_source.type                        'EMBL/DESY, HAMBURG BEAMLINE X11' 
_diffrn_source.pdbx_synchrotron_site       'EMBL/DESY, HAMBURG' 
_diffrn_source.pdbx_synchrotron_beamline   X11 
_diffrn_source.pdbx_wavelength             ? 
_diffrn_source.pdbx_wavelength_list        0.8156 
# 
_reflns.entry_id                     2O9V 
_reflns.observed_criterion_sigma_F   ? 
_reflns.observed_criterion_sigma_I   ? 
_reflns.d_resolution_high            1.63 
_reflns.d_resolution_low             25.0 
_reflns.number_all                   8022 
_reflns.number_obs                   7747 
_reflns.percent_possible_obs         96.6 
_reflns.pdbx_Rmerge_I_obs            0.059 
_reflns.pdbx_Rsym_value              ? 
_reflns.pdbx_netI_over_sigmaI        24.0 
_reflns.B_iso_Wilson_estimate        17.1 
_reflns.pdbx_redundancy              5.0 
_reflns.R_free_details               ? 
_reflns.limit_h_max                  ? 
_reflns.limit_h_min                  ? 
_reflns.limit_k_max                  ? 
_reflns.limit_k_min                  ? 
_reflns.limit_l_max                  ? 
_reflns.limit_l_min                  ? 
_reflns.observed_criterion_F_max     ? 
_reflns.observed_criterion_F_min     ? 
_reflns.pdbx_chi_squared             ? 
_reflns.pdbx_scaling_rejects         ? 
_reflns.pdbx_diffrn_id               1 
_reflns.pdbx_ordinal                 1 
# 
_reflns_shell.d_res_high             1.63 
_reflns_shell.d_res_low              1.66 
_reflns_shell.percent_possible_all   80.5 
_reflns_shell.Rmerge_I_obs           0.221 
_reflns_shell.pdbx_Rsym_value        ? 
_reflns_shell.meanI_over_sigI_obs    4.2 
_reflns_shell.pdbx_redundancy        2.7 
_reflns_shell.percent_possible_obs   ? 
_reflns_shell.number_unique_all      380 
_reflns_shell.number_measured_all    ? 
_reflns_shell.number_measured_obs    ? 
_reflns_shell.number_unique_obs      ? 
_reflns_shell.pdbx_chi_squared       ? 
_reflns_shell.pdbx_diffrn_id         ? 
_reflns_shell.pdbx_ordinal           1 
# 
_refine.entry_id                                 2O9V 
_refine.ls_number_reflns_obs                     7500 
_refine.ls_number_reflns_all                     ? 
_refine.pdbx_ls_sigma_I                          ? 
_refine.pdbx_ls_sigma_F                          ? 
_refine.pdbx_data_cutoff_high_absF               ? 
_refine.pdbx_data_cutoff_low_absF                ? 
_refine.pdbx_data_cutoff_high_rms_absF           ? 
_refine.ls_d_res_low                             18.81 
_refine.ls_d_res_high                            1.63 
_refine.ls_percent_reflns_obs                    100.00 
_refine.ls_R_factor_obs                          0.1436 
_refine.ls_R_factor_all                          ? 
_refine.ls_R_factor_R_work                       0.14255 
_refine.ls_R_factor_R_free                       0.17686 
_refine.ls_R_factor_R_free_error                 ? 
_refine.ls_R_factor_R_free_error_details         ? 
_refine.ls_percent_reflns_R_free                 2.8 
_refine.ls_number_reflns_R_free                  218 
_refine.ls_number_parameters                     ? 
_refine.ls_number_restraints                     ? 
_refine.occupancy_min                            ? 
_refine.occupancy_max                            ? 
_refine.correlation_coeff_Fo_to_Fc               0.975 
_refine.correlation_coeff_Fo_to_Fc_free          0.964 
_refine.B_iso_mean                               18.460 
_refine.aniso_B[1][1]                            -0.03 
_refine.aniso_B[2][2]                            0.03 
_refine.aniso_B[3][3]                            0.00 
_refine.aniso_B[1][2]                            0.00 
_refine.aniso_B[1][3]                            0.00 
_refine.aniso_B[2][3]                            0.00 
_refine.solvent_model_details                    'BABINET MODEL WITH MASK' 
_refine.solvent_model_param_ksol                 ? 
_refine.solvent_model_param_bsol                 ? 
_refine.pdbx_solvent_vdw_probe_radii             1.20 
_refine.pdbx_solvent_ion_probe_radii             0.80 
_refine.pdbx_solvent_shrinkage_radii             0.80 
_refine.pdbx_ls_cross_valid_method               THROUGHOUT 
_refine.details                                  ? 
_refine.pdbx_starting_model                      2O2W 
_refine.pdbx_method_to_determine_struct          'MOLECULAR REPLACEMENT' 
_refine.pdbx_isotropic_thermal_model             ? 
_refine.pdbx_stereochemistry_target_values       'MAXIMUM LIKELIHOOD' 
_refine.pdbx_stereochem_target_val_spec_case     ? 
_refine.pdbx_R_Free_selection_details            RANDOM 
_refine.pdbx_overall_ESU_R                       0.181 
_refine.pdbx_overall_ESU_R_Free                  0.092 
_refine.overall_SU_ML                            0.058 
_refine.overall_SU_B                             3.481 
_refine.ls_redundancy_reflns_obs                 ? 
_refine.B_iso_min                                ? 
_refine.B_iso_max                                ? 
_refine.overall_SU_R_Cruickshank_DPI             ? 
_refine.overall_SU_R_free                        ? 
_refine.ls_wR_factor_R_free                      ? 
_refine.ls_wR_factor_R_work                      ? 
_refine.overall_FOM_free_R_set                   ? 
_refine.overall_FOM_work_R_set                   ? 
_refine.pdbx_refine_id                           'X-RAY DIFFRACTION' 
_refine.pdbx_diffrn_id                           1 
_refine.pdbx_TLS_residual_ADP_flag               ? 
_refine.pdbx_overall_phase_error                 ? 
_refine.pdbx_overall_SU_R_free_Cruickshank_DPI   ? 
_refine.pdbx_overall_SU_R_Blow_DPI               ? 
_refine.pdbx_overall_SU_R_free_Blow_DPI          ? 
# 
_refine_hist.pdbx_refine_id                   'X-RAY DIFFRACTION' 
_refine_hist.cycle_id                         LAST 
_refine_hist.pdbx_number_atoms_protein        651 
_refine_hist.pdbx_number_atoms_nucleic_acid   0 
_refine_hist.pdbx_number_atoms_ligand         0 
_refine_hist.number_atoms_solvent             97 
_refine_hist.number_atoms_total               748 
_refine_hist.d_res_high                       1.63 
_refine_hist.d_res_low                        18.81 
# 
loop_
_refine_ls_restr.type 
_refine_ls_restr.dev_ideal 
_refine_ls_restr.dev_ideal_target 
_refine_ls_restr.weight 
_refine_ls_restr.number 
_refine_ls_restr.pdbx_refine_id 
_refine_ls_restr.pdbx_restraint_function 
r_bond_refined_d             0.019  0.022  ? 673 'X-RAY DIFFRACTION' ? 
r_bond_other_d               ?      ?      ? ?   'X-RAY DIFFRACTION' ? 
r_angle_refined_deg          1.608  1.982  ? 922 'X-RAY DIFFRACTION' ? 
r_angle_other_deg            ?      ?      ? ?   'X-RAY DIFFRACTION' ? 
r_dihedral_angle_1_deg       5.878  5.000  ? 83  'X-RAY DIFFRACTION' ? 
r_dihedral_angle_2_deg       28.449 22.500 ? 32  'X-RAY DIFFRACTION' ? 
r_dihedral_angle_3_deg       16.196 15.000 ? 107 'X-RAY DIFFRACTION' ? 
r_dihedral_angle_4_deg       29.795 15.000 ? 8   'X-RAY DIFFRACTION' ? 
r_chiral_restr               0.106  0.200  ? 96  'X-RAY DIFFRACTION' ? 
r_gen_planes_refined         0.007  0.020  ? 545 'X-RAY DIFFRACTION' ? 
r_gen_planes_other           ?      ?      ? ?   'X-RAY DIFFRACTION' ? 
r_nbd_refined                0.214  0.200  ? 286 'X-RAY DIFFRACTION' ? 
r_nbd_other                  ?      ?      ? ?   'X-RAY DIFFRACTION' ? 
r_nbtor_refined              0.322  0.200  ? 470 'X-RAY DIFFRACTION' ? 
r_nbtor_other                ?      ?      ? ?   'X-RAY DIFFRACTION' ? 
r_xyhbond_nbd_refined        0.175  0.200  ? 76  'X-RAY DIFFRACTION' ? 
r_xyhbond_nbd_other          ?      ?      ? ?   'X-RAY DIFFRACTION' ? 
r_metal_ion_refined          ?      ?      ? ?   'X-RAY DIFFRACTION' ? 
r_metal_ion_other            ?      ?      ? ?   'X-RAY DIFFRACTION' ? 
r_symmetry_vdw_refined       0.310  0.200  ? 73  'X-RAY DIFFRACTION' ? 
r_symmetry_vdw_other         ?      ?      ? ?   'X-RAY DIFFRACTION' ? 
r_symmetry_hbond_refined     0.291  0.200  ? 20  'X-RAY DIFFRACTION' ? 
r_symmetry_hbond_other       ?      ?      ? ?   'X-RAY DIFFRACTION' ? 
r_symmetry_metal_ion_refined ?      ?      ? ?   'X-RAY DIFFRACTION' ? 
r_symmetry_metal_ion_other   ?      ?      ? ?   'X-RAY DIFFRACTION' ? 
r_mcbond_it                  2.193  1.500  ? 420 'X-RAY DIFFRACTION' ? 
r_mcbond_other               ?      ?      ? ?   'X-RAY DIFFRACTION' ? 
r_mcangle_it                 3.420  2.000  ? 685 'X-RAY DIFFRACTION' ? 
r_scbond_it                  4.620  3.000  ? 279 'X-RAY DIFFRACTION' ? 
r_scangle_it                 6.746  4.500  ? 237 'X-RAY DIFFRACTION' ? 
r_rigid_bond_restr           ?      ?      ? ?   'X-RAY DIFFRACTION' ? 
r_sphericity_free            ?      ?      ? ?   'X-RAY DIFFRACTION' ? 
r_sphericity_bonded          ?      ?      ? ?   'X-RAY DIFFRACTION' ? 
# 
_refine_ls_shell.pdbx_total_number_of_bins_used   20 
_refine_ls_shell.d_res_high                       1.630 
_refine_ls_shell.d_res_low                        1.672 
_refine_ls_shell.number_reflns_R_work             450 
_refine_ls_shell.R_factor_R_work                  0.214 
_refine_ls_shell.percent_reflns_obs               100.00 
_refine_ls_shell.R_factor_R_free                  0.24 
_refine_ls_shell.R_factor_R_free_error            ? 
_refine_ls_shell.percent_reflns_R_free            ? 
_refine_ls_shell.number_reflns_R_free             17 
_refine_ls_shell.number_reflns_all                ? 
_refine_ls_shell.R_factor_all                     ? 
_refine_ls_shell.number_reflns_obs                ? 
_refine_ls_shell.redundancy_reflns_obs            ? 
_refine_ls_shell.pdbx_refine_id                   'X-RAY DIFFRACTION' 
# 
_struct.entry_id                  2O9V 
_struct.title                     'The second SH3 domain from Ponsin in complex with the paxillin proline rich region' 
_struct.pdbx_model_details        ? 
_struct.pdbx_CASP_flag            ? 
_struct.pdbx_model_type_details   ? 
# 
_struct_keywords.entry_id        2O9V 
_struct_keywords.pdbx_keywords   'SIGNALING PROTEIN/CELL ADHESION' 
_struct_keywords.text            'SH3 DOMAIN, PONSIN, Paxillin, proline-rich-region, SIGNALING PROTEIN-CELL ADHESION COMPLEX' 
# 
loop_
_struct_asym.id 
_struct_asym.pdbx_blank_PDB_chainid_flag 
_struct_asym.pdbx_modified 
_struct_asym.entity_id 
_struct_asym.details 
A N N 1 ? 
B N N 2 ? 
C N N 3 ? 
D N N 3 ? 
# 
loop_
_struct_biol.id 
_struct_biol.details 
1 ? 
2 ? 
# 
_struct_sheet.id               A 
_struct_sheet.type             ? 
_struct_sheet.number_strands   5 
_struct_sheet.details          ? 
# 
loop_
_struct_sheet_order.sheet_id 
_struct_sheet_order.range_id_1 
_struct_sheet_order.range_id_2 
_struct_sheet_order.offset 
_struct_sheet_order.sense 
A 1 2 ? anti-parallel 
A 2 3 ? anti-parallel 
A 3 4 ? anti-parallel 
A 4 5 ? anti-parallel 
# 
loop_
_struct_sheet_range.sheet_id 
_struct_sheet_range.id 
_struct_sheet_range.beg_label_comp_id 
_struct_sheet_range.beg_label_asym_id 
_struct_sheet_range.beg_label_seq_id 
_struct_sheet_range.pdbx_beg_PDB_ins_code 
_struct_sheet_range.end_label_comp_id 
_struct_sheet_range.end_label_asym_id 
_struct_sheet_range.end_label_seq_id 
_struct_sheet_range.pdbx_end_PDB_ins_code 
_struct_sheet_range.beg_auth_comp_id 
_struct_sheet_range.beg_auth_asym_id 
_struct_sheet_range.beg_auth_seq_id 
_struct_sheet_range.end_auth_comp_id 
_struct_sheet_range.end_auth_asym_id 
_struct_sheet_range.end_auth_seq_id 
A 1 GLN A 52 ? PRO A 56 ? GLN A 869 PRO A 873 
A 2 TRP A 41 ? ARG A 45 ? TRP A 858 ARG A 862 
A 3 ARG A 30 ? GLN A 36 ? ARG A 847 GLN A 853 
A 4 GLY A 7  ? ALA A 11 ? GLY A 824 ALA A 828 
A 5 VAL A 60 ? LYS A 64 ? VAL A 877 LYS A 881 
# 
loop_
_pdbx_struct_sheet_hbond.sheet_id 
_pdbx_struct_sheet_hbond.range_id_1 
_pdbx_struct_sheet_hbond.range_id_2 
_pdbx_struct_sheet_hbond.range_1_label_atom_id 
_pdbx_struct_sheet_hbond.range_1_label_comp_id 
_pdbx_struct_sheet_hbond.range_1_label_asym_id 
_pdbx_struct_sheet_hbond.range_1_label_seq_id 
_pdbx_struct_sheet_hbond.range_1_PDB_ins_code 
_pdbx_struct_sheet_hbond.range_1_auth_atom_id 
_pdbx_struct_sheet_hbond.range_1_auth_comp_id 
_pdbx_struct_sheet_hbond.range_1_auth_asym_id 
_pdbx_struct_sheet_hbond.range_1_auth_seq_id 
_pdbx_struct_sheet_hbond.range_2_label_atom_id 
_pdbx_struct_sheet_hbond.range_2_label_comp_id 
_pdbx_struct_sheet_hbond.range_2_label_asym_id 
_pdbx_struct_sheet_hbond.range_2_label_seq_id 
_pdbx_struct_sheet_hbond.range_2_PDB_ins_code 
_pdbx_struct_sheet_hbond.range_2_auth_atom_id 
_pdbx_struct_sheet_hbond.range_2_auth_comp_id 
_pdbx_struct_sheet_hbond.range_2_auth_asym_id 
_pdbx_struct_sheet_hbond.range_2_auth_seq_id 
A 1 2 O PHE A 55 ? O PHE A 872 N TYR A 42 ? N TYR A 859 
A 2 3 O ARG A 45 ? O ARG A 862 N THR A 32 ? N THR A 849 
A 3 4 O ILE A 31 ? O ILE A 848 N ALA A 9  ? N ALA A 826 
A 4 5 N ILE A 10 ? N ILE A 827 O ASP A 61 ? O ASP A 878 
# 
_atom_sites.entry_id                    2O9V 
_atom_sites.fract_transf_matrix[1][1]   -0.03031012 
_atom_sites.fract_transf_matrix[1][2]   -0.02667061 
_atom_sites.fract_transf_matrix[1][3]   -0.00610812 
_atom_sites.fract_transf_matrix[2][1]   -0.01571420 
_atom_sites.fract_transf_matrix[2][2]   0.01594671 
_atom_sites.fract_transf_matrix[2][3]   0.00834803 
_atom_sites.fract_transf_matrix[3][1]   -0.00218352 
_atom_sites.fract_transf_matrix[3][2]   0.00608481 
_atom_sites.fract_transf_matrix[3][3]   -0.01573364 
_atom_sites.fract_transf_vector[1]      0.917264 
_atom_sites.fract_transf_vector[2]      -0.003027 
_atom_sites.fract_transf_vector[3]      -0.109693 
# 
loop_
_atom_type.symbol 
C 
N 
O 
S 
# 
loop_
_atom_site.group_PDB 
_atom_site.id 
_atom_site.type_symbol 
_atom_site.label_atom_id 
_atom_site.label_alt_id 
_atom_site.label_comp_id 
_atom_site.label_asym_id 
_atom_site.label_entity_id 
_atom_site.label_seq_id 
_atom_site.pdbx_PDB_ins_code 
_atom_site.Cartn_x 
_atom_site.Cartn_y 
_atom_site.Cartn_z 
_atom_site.occupancy 
_atom_site.B_iso_or_equiv 
_atom_site.pdbx_formal_charge 
_atom_site.auth_seq_id 
_atom_site.auth_comp_id 
_atom_site.auth_asym_id 
_atom_site.auth_atom_id 
_atom_site.pdbx_PDB_model_num 
ATOM   1   N N   . GLY A 1 1  ? -5.265  14.427  -6.336  1.00 57.77 ? 818 GLY A N   1 
ATOM   2   C CA  . GLY A 1 1  ? -5.982  13.155  -6.577  1.00 57.51 ? 818 GLY A CA  1 
ATOM   3   C C   . GLY A 1 1  ? -6.415  13.035  -8.023  1.00 56.33 ? 818 GLY A C   1 
ATOM   4   O O   . GLY A 1 1  ? -7.579  12.740  -8.308  1.00 57.07 ? 818 GLY A O   1 
ATOM   5   N N   . ILE A 1 2  ? -5.468  13.264  -8.936  1.00 53.13 ? 819 ILE A N   1 
ATOM   6   C CA  . ILE A 1 2  ? -5.779  13.386  -10.360 1.00 48.77 ? 819 ILE A CA  1 
ATOM   7   C C   . ILE A 1 2  ? -6.593  12.206  -10.941 1.00 45.52 ? 819 ILE A C   1 
ATOM   8   O O   . ILE A 1 2  ? -7.691  12.424  -11.419 1.00 45.64 ? 819 ILE A O   1 
ATOM   9   C CB  . ILE A 1 2  ? -4.525  13.806  -11.216 1.00 48.50 ? 819 ILE A CB  1 
ATOM   10  C CG1 . ILE A 1 2  ? -4.651  13.329  -12.678 1.00 47.40 ? 819 ILE A CG1 1 
ATOM   11  C CG2 . ILE A 1 2  ? -3.208  13.402  -10.515 1.00 48.12 ? 819 ILE A CG2 1 
ATOM   12  C CD1 . ILE A 1 2  ? -4.089  11.933  -13.011 1.00 45.85 ? 819 ILE A CD1 1 
ATOM   13  N N   . ASP A 1 3  ? -6.077  10.976  -10.872 1.00 41.46 ? 820 ASP A N   1 
ATOM   14  C CA  . ASP A 1 3  ? -6.691  9.814   -11.555 1.00 37.38 ? 820 ASP A CA  1 
ATOM   15  C C   . ASP A 1 3  ? -7.943  9.219   -10.847 1.00 33.57 ? 820 ASP A C   1 
ATOM   16  O O   . ASP A 1 3  ? -7.837  8.629   -9.764  1.00 31.89 ? 820 ASP A O   1 
ATOM   17  C CB  . ASP A 1 3  ? -5.626  8.730   -11.771 1.00 37.63 ? 820 ASP A CB  1 
ATOM   18  C CG  . ASP A 1 3  ? -6.124  7.541   -12.590 1.00 39.46 ? 820 ASP A CG  1 
ATOM   19  O OD1 . ASP A 1 3  ? -7.351  7.377   -12.863 1.00 39.48 ? 820 ASP A OD1 1 
ATOM   20  O OD2 . ASP A 1 3  ? -5.252  6.719   -12.951 1.00 43.59 ? 820 ASP A OD2 1 
ATOM   21  N N   . PRO A 1 4  ? -9.124  9.341   -11.486 1.00 29.68 ? 821 PRO A N   1 
ATOM   22  C CA  . PRO A 1 4  ? -10.392 8.856   -10.917 1.00 26.67 ? 821 PRO A CA  1 
ATOM   23  C C   . PRO A 1 4  ? -10.443 7.329   -10.580 1.00 21.34 ? 821 PRO A C   1 
ATOM   24  O O   . PRO A 1 4  ? -11.277 6.873   -9.805  1.00 20.10 ? 821 PRO A O   1 
ATOM   25  C CB  . PRO A 1 4  ? -11.439 9.217   -11.997 1.00 26.82 ? 821 PRO A CB  1 
ATOM   26  C CG  . PRO A 1 4  ? -10.621 9.546   -13.279 1.00 29.90 ? 821 PRO A CG  1 
ATOM   27  C CD  . PRO A 1 4  ? -9.277  9.958   -12.824 1.00 31.19 ? 821 PRO A CD  1 
ATOM   28  N N   . PHE A 1 5  ? -9.592  6.547   -11.223 1.00 16.54 ? 822 PHE A N   1 
ATOM   29  C CA  . PHE A 1 5  ? -9.592  5.091   -10.973 1.00 15.94 ? 822 PHE A CA  1 
ATOM   30  C C   . PHE A 1 5  ? -8.664  4.700   -9.827  1.00 14.14 ? 822 PHE A C   1 
ATOM   31  O O   . PHE A 1 5  ? -8.622  3.549   -9.432  1.00 17.90 ? 822 PHE A O   1 
ATOM   32  C CB  . PHE A 1 5  ? -9.149  4.274   -12.204 1.00 16.07 ? 822 PHE A CB  1 
ATOM   33  C CG  . PHE A 1 5  ? -10.142 4.251   -13.312 1.00 18.25 ? 822 PHE A CG  1 
ATOM   34  C CD1 . PHE A 1 5  ? -11.499 4.519   -13.094 1.00 19.31 ? 822 PHE A CD1 1 
ATOM   35  C CD2 . PHE A 1 5  ? -9.727  3.973   -14.593 1.00 22.23 ? 822 PHE A CD2 1 
ATOM   36  C CE1 . PHE A 1 5  ? -12.425 4.531   -14.167 1.00 19.11 ? 822 PHE A CE1 1 
ATOM   37  C CE2 . PHE A 1 5  ? -10.664 3.964   -15.673 1.00 23.22 ? 822 PHE A CE2 1 
ATOM   38  C CZ  . PHE A 1 5  ? -12.010 4.250   -15.425 1.00 20.15 ? 822 PHE A CZ  1 
ATOM   39  N N   . THR A 1 6  ? -7.854  5.610   -9.320  1.00 14.31 ? 823 THR A N   1 
ATOM   40  C CA  . THR A 1 6  ? -6.952  5.221   -8.205  1.00 14.05 ? 823 THR A CA  1 
ATOM   41  C C   . THR A 1 6  ? -7.681  5.286   -6.891  1.00 14.13 ? 823 THR A C   1 
ATOM   42  O O   . THR A 1 6  ? -8.712  5.945   -6.780  1.00 14.65 ? 823 THR A O   1 
ATOM   43  C CB  . THR A 1 6  ? -5.635  6.077   -8.137  1.00 15.76 ? 823 THR A CB  1 
ATOM   44  O OG1 . THR A 1 6  ? -5.987  7.479   -8.104  1.00 19.85 ? 823 THR A OG1 1 
ATOM   45  C CG2 . THR A 1 6  ? -4.802  5.788   -9.348  1.00 16.09 ? 823 THR A CG2 1 
ATOM   46  N N   . GLY A 1 7  ? -7.152  4.560   -5.917  1.00 14.37 ? 824 GLY A N   1 
ATOM   47  C CA  . GLY A 1 7  ? -7.655  4.603   -4.567  1.00 14.15 ? 824 GLY A CA  1 
ATOM   48  C C   . GLY A 1 7  ? -6.721  5.419   -3.679  1.00 14.21 ? 824 GLY A C   1 
ATOM   49  O O   . GLY A 1 7  ? -5.772  6.059   -4.152  1.00 15.94 ? 824 GLY A O   1 
ATOM   50  N N   . GLU A 1 8  ? -7.010  5.423   -2.384  1.00 13.00 ? 825 GLU A N   1 
ATOM   51  C CA  . GLU A 1 8  ? -6.360  6.374   -1.457  1.00 13.21 ? 825 GLU A CA  1 
ATOM   52  C C   . GLU A 1 8  ? -6.311  5.729   -0.089  1.00 13.05 ? 825 GLU A C   1 
ATOM   53  O O   . GLU A 1 8  ? -7.341  5.194   0.353   1.00 12.81 ? 825 GLU A O   1 
ATOM   54  C CB  . GLU A 1 8  ? -7.213  7.664   -1.337  1.00 15.64 ? 825 GLU A CB  1 
ATOM   55  C CG  . GLU A 1 8  ? -6.564  8.761   -0.515  1.00 20.96 ? 825 GLU A CG  1 
ATOM   56  C CD  . GLU A 1 8  ? -5.405  9.446   -1.234  1.00 28.94 ? 825 GLU A CD  1 
ATOM   57  O OE1 . GLU A 1 8  ? -5.004  8.998   -2.321  1.00 31.30 ? 825 GLU A OE1 1 
ATOM   58  O OE2 . GLU A 1 8  ? -4.875  10.432  -0.709  1.00 31.86 ? 825 GLU A OE2 1 
ATOM   59  N N   . ALA A 1 9  ? -5.152  5.772   0.564   1.00 10.85 ? 826 ALA A N   1 
ATOM   60  C CA  . ALA A 1 9  ? -5.005  5.138   1.877   1.00 11.58 ? 826 ALA A CA  1 
ATOM   61  C C   . ALA A 1 9  ? -4.000  5.923   2.724   1.00 11.91 ? 826 ALA A C   1 
ATOM   62  O O   . ALA A 1 9  ? -3.210  6.759   2.183   1.00 13.56 ? 826 ALA A O   1 
ATOM   63  C CB  . ALA A 1 9  ? -4.540  3.669   1.724   1.00 12.06 ? 826 ALA A CB  1 
ATOM   64  N N   . ILE A 1 10 ? -4.021  5.665   4.028   1.00 10.77 ? 827 ILE A N   1 
ATOM   65  C CA  . ILE A 1 10 ? -3.016  6.203   4.941   1.00 11.52 ? 827 ILE A CA  1 
ATOM   66  C C   . ILE A 1 10 ? -2.322  5.052   5.625   1.00 11.28 ? 827 ILE A C   1 
ATOM   67  O O   . ILE A 1 10 ? -3.016  4.154   6.138   1.00 12.88 ? 827 ILE A O   1 
ATOM   68  C CB  . ILE A 1 10 ? -3.643  7.116   6.030   1.00 13.00 ? 827 ILE A CB  1 
ATOM   69  C CG1 . ILE A 1 10 ? -4.387  8.274   5.367   1.00 15.18 ? 827 ILE A CG1 1 
ATOM   70  C CG2 . ILE A 1 10 ? -2.554  7.661   7.012   1.00 13.24 ? 827 ILE A CG2 1 
ATOM   71  C CD1 . ILE A 1 10 ? -5.115  9.184   6.319   1.00 19.36 ? 827 ILE A CD1 1 
ATOM   72  N N   . ALA A 1 11 ? -0.977  5.075   5.682   1.00 11.32 ? 828 ALA A N   1 
ATOM   73  C CA  . ALA A 1 11 ? -0.213  4.018   6.361   1.00 10.93 ? 828 ALA A CA  1 
ATOM   74  C C   . ALA A 1 11 ? -0.570  3.978   7.840   1.00 12.16 ? 828 ALA A C   1 
ATOM   75  O O   . ALA A 1 11 ? -0.473  5.006   8.532   1.00 12.91 ? 828 ALA A O   1 
ATOM   76  C CB  . ALA A 1 11 ? 1.276   4.217   6.169   1.00 12.83 ? 828 ALA A CB  1 
ATOM   77  N N   . LYS A 1 12 ? -0.954  2.798   8.333   1.00 12.06 ? 829 LYS A N   1 
ATOM   78  C CA  . LYS A 1 12 ? -1.317  2.630   9.736   1.00 12.67 ? 829 LYS A CA  1 
ATOM   79  C C   . LYS A 1 12 ? -0.054  2.464   10.591  1.00 13.03 ? 829 LYS A C   1 
ATOM   80  O O   . LYS A 1 12 ? -0.051  2.843   11.770  1.00 13.46 ? 829 LYS A O   1 
ATOM   81  C CB  . LYS A 1 12 ? -2.152  1.364   9.906   1.00 12.52 ? 829 LYS A CB  1 
ATOM   82  C CG  . LYS A 1 12 ? -3.579  1.545   9.617   1.00 12.84 ? 829 LYS A CG  1 
ATOM   83  C CD  . LYS A 1 12 ? -4.325  0.277   10.034  1.00 17.52 ? 829 LYS A CD  1 
ATOM   84  C CE  . LYS A 1 12 ? -5.684  0.289   9.441   1.00 21.85 ? 829 LYS A CE  1 
ATOM   85  N NZ  . LYS A 1 12 ? -6.418  -0.903  9.917   1.00 26.96 ? 829 LYS A NZ  1 
ATOM   86  N N   . PHE A 1 13 ? 0.987   1.844   10.010  1.00 12.25 ? 830 PHE A N   1 
ATOM   87  C CA  . PHE A 1 13 ? 2.197   1.460   10.710  1.00 13.36 ? 830 PHE A CA  1 
ATOM   88  C C   . PHE A 1 13 ? 3.366   1.622   9.720   1.00 13.61 ? 830 PHE A C   1 
ATOM   89  O O   . PHE A 1 13 ? 3.132   1.693   8.490   1.00 14.58 ? 830 PHE A O   1 
ATOM   90  C CB  . PHE A 1 13 ? 2.180   -0.010  11.108  1.00 13.55 ? 830 PHE A CB  1 
ATOM   91  C CG  . PHE A 1 13 ? 0.935   -0.441  11.777  1.00 15.26 ? 830 PHE A CG  1 
ATOM   92  C CD1 . PHE A 1 13 ? 0.739   -0.176  13.136  1.00 18.54 ? 830 PHE A CD1 1 
ATOM   93  C CD2 . PHE A 1 13 ? -0.036  -1.147  11.072  1.00 16.41 ? 830 PHE A CD2 1 
ATOM   94  C CE1 . PHE A 1 13 ? -0.445  -0.576  13.795  1.00 19.07 ? 830 PHE A CE1 1 
ATOM   95  C CE2 . PHE A 1 13 ? -1.223  -1.554  11.694  1.00 17.99 ? 830 PHE A CE2 1 
ATOM   96  C CZ  . PHE A 1 13 ? -1.424  -1.282  13.077  1.00 18.93 ? 830 PHE A CZ  1 
ATOM   97  N N   . ASN A 1 14 ? 4.598   1.637   10.238  1.00 13.69 ? 831 ASN A N   1 
ATOM   98  C CA  . ASN A 1 14 ? 5.777   1.477   9.355   1.00 14.09 ? 831 ASN A CA  1 
ATOM   99  C C   . ASN A 1 14 ? 5.688   0.111   8.717   1.00 13.89 ? 831 ASN A C   1 
ATOM   100 O O   . ASN A 1 14 ? 5.329   -0.866  9.395   1.00 15.96 ? 831 ASN A O   1 
ATOM   101 C CB  . ASN A 1 14 ? 7.107   1.515   10.127  1.00 13.81 ? 831 ASN A CB  1 
ATOM   102 C CG  . ASN A 1 14 ? 7.360   2.798   10.816  1.00 17.17 ? 831 ASN A CG  1 
ATOM   103 O OD1 . ASN A 1 14 ? 6.754   3.834   10.527  1.00 18.73 ? 831 ASN A OD1 1 
ATOM   104 N ND2 . ASN A 1 14 ? 8.310   2.768   11.715  1.00 21.93 ? 831 ASN A ND2 1 
ATOM   105 N N   . PHE A 1 15 ? 6.067   0.020   7.442   1.00 12.73 ? 832 PHE A N   1 
ATOM   106 C CA  . PHE A 1 15 ? 6.107   -1.250  6.754   1.00 11.55 ? 832 PHE A CA  1 
ATOM   107 C C   . PHE A 1 15 ? 7.454   -1.368  6.146   1.00 12.32 ? 832 PHE A C   1 
ATOM   108 O O   . PHE A 1 15 ? 7.831   -0.552  5.327   1.00 11.37 ? 832 PHE A O   1 
ATOM   109 C CB  . PHE A 1 15 ? 5.001   -1.426  5.690   1.00 11.47 ? 832 PHE A CB  1 
ATOM   110 C CG  . PHE A 1 15 ? 5.182   -2.661  4.828   1.00 11.08 ? 832 PHE A CG  1 
ATOM   111 C CD1 . PHE A 1 15 ? 5.215   -3.944  5.409   1.00 10.24 ? 832 PHE A CD1 1 
ATOM   112 C CD2 . PHE A 1 15 ? 5.358   -2.546  3.441   1.00 9.65  ? 832 PHE A CD2 1 
ATOM   113 C CE1 . PHE A 1 15 ? 5.443   -5.089  4.610   1.00 10.80 ? 832 PHE A CE1 1 
ATOM   114 C CE2 . PHE A 1 15 ? 5.552   -3.686  2.641   1.00 11.25 ? 832 PHE A CE2 1 
ATOM   115 C CZ  . PHE A 1 15 ? 5.592   -4.961  3.212   1.00 12.38 ? 832 PHE A CZ  1 
ATOM   116 N N   A ASN A 1 16 ? 8.214   -2.360  6.618   0.70 14.31 ? 833 ASN A N   1 
ATOM   117 N N   B ASN A 1 16 ? 8.168   -2.423  6.526   0.30 13.31 ? 833 ASN A N   1 
ATOM   118 C CA  A ASN A 1 16 ? 9.537   -2.675  6.089   0.70 15.28 ? 833 ASN A CA  1 
ATOM   119 C CA  B ASN A 1 16 ? 9.531   -2.665  6.063   0.30 13.83 ? 833 ASN A CA  1 
ATOM   120 C C   A ASN A 1 16 ? 9.375   -3.898  5.181   0.70 15.61 ? 833 ASN A C   1 
ATOM   121 C C   B ASN A 1 16 ? 9.576   -3.888  5.161   0.30 14.69 ? 833 ASN A C   1 
ATOM   122 O O   A ASN A 1 16 ? 9.263   -5.044  5.655   0.70 16.52 ? 833 ASN A O   1 
ATOM   123 O O   B ASN A 1 16 ? 9.811   -5.016  5.614   0.30 15.39 ? 833 ASN A O   1 
ATOM   124 C CB  A ASN A 1 16 ? 10.530  -2.940  7.241   0.70 16.86 ? 833 ASN A CB  1 
ATOM   125 C CB  B ASN A 1 16 ? 10.459  -2.815  7.269   0.30 14.15 ? 833 ASN A CB  1 
ATOM   126 C CG  A ASN A 1 16 ? 11.957  -3.229  6.738   0.70 22.00 ? 833 ASN A CG  1 
ATOM   127 C CG  B ASN A 1 16 ? 10.485  -1.577  8.117   0.30 13.59 ? 833 ASN A CG  1 
ATOM   128 O OD1 A ASN A 1 16 ? 12.412  -2.624  5.755   0.70 24.27 ? 833 ASN A OD1 1 
ATOM   129 O OD1 B ASN A 1 16 ? 10.215  -1.622  9.314   0.30 14.27 ? 833 ASN A OD1 1 
ATOM   130 N ND2 A ASN A 1 16 ? 12.666  -4.149  7.411   0.70 24.59 ? 833 ASN A ND2 1 
ATOM   131 N ND2 B ASN A 1 16 ? 10.759  -0.449  7.488   0.30 13.69 ? 833 ASN A ND2 1 
ATOM   132 N N   . GLY A 1 17 ? 9.335   -3.650  3.874   1.00 14.71 ? 834 GLY A N   1 
ATOM   133 C CA  . GLY A 1 17 ? 9.268   -4.719  2.892   1.00 15.68 ? 834 GLY A CA  1 
ATOM   134 C C   . GLY A 1 17 ? 10.547  -5.486  2.769   1.00 16.58 ? 834 GLY A C   1 
ATOM   135 O O   . GLY A 1 17 ? 11.608  -4.906  2.898   1.00 17.59 ? 834 GLY A O   1 
ATOM   136 N N   . ASP A 1 18 ? 10.460  -6.793  2.549   1.00 18.37 ? 835 ASP A N   1 
ATOM   137 C CA  . ASP A 1 18 ? 11.677  -7.630  2.499   1.00 20.05 ? 835 ASP A CA  1 
ATOM   138 C C   . ASP A 1 18 ? 12.438  -7.454  1.178   1.00 21.72 ? 835 ASP A C   1 
ATOM   139 O O   . ASP A 1 18 ? 13.658  -7.518  1.168   1.00 23.38 ? 835 ASP A O   1 
ATOM   140 C CB  . ASP A 1 18 ? 11.381  -9.118  2.798   1.00 21.29 ? 835 ASP A CB  1 
ATOM   141 C CG  . ASP A 1 18 ? 10.947  -9.389  4.309   1.00 23.73 ? 835 ASP A CG  1 
ATOM   142 O OD1 . ASP A 1 18 ? 11.137  -8.492  5.171   1.00 29.66 ? 835 ASP A OD1 1 
ATOM   143 O OD2 . ASP A 1 18 ? 10.447  -10.509 4.642   1.00 26.64 ? 835 ASP A OD2 1 
ATOM   144 N N   . THR A 1 19 ? 11.725  -7.257  0.066   1.00 21.35 ? 836 THR A N   1 
ATOM   145 C CA  . THR A 1 19 ? 12.371  -7.170  -1.255  1.00 22.97 ? 836 THR A CA  1 
ATOM   146 C C   . THR A 1 19 ? 11.972  -5.896  -2.026  1.00 23.11 ? 836 THR A C   1 
ATOM   147 O O   . THR A 1 19 ? 11.138  -5.097  -1.541  1.00 21.83 ? 836 THR A O   1 
ATOM   148 C CB  . THR A 1 19 ? 12.005  -8.390  -2.100  1.00 22.70 ? 836 THR A CB  1 
ATOM   149 O OG1 . THR A 1 19 ? 10.680  -8.226  -2.598  1.00 24.01 ? 836 THR A OG1 1 
ATOM   150 C CG2 . THR A 1 19 ? 12.064  -9.627  -1.245  1.00 24.58 ? 836 THR A CG2 1 
ATOM   151 N N   . GLN A 1 20 ? 12.534  -5.738  -3.222  1.00 23.51 ? 837 GLN A N   1 
ATOM   152 C CA  . GLN A 1 20 ? 12.261  -4.577  -4.099  1.00 25.36 ? 837 GLN A CA  1 
ATOM   153 C C   . GLN A 1 20 ? 10.822  -4.553  -4.620  1.00 23.77 ? 837 GLN A C   1 
ATOM   154 O O   . GLN A 1 20 ? 10.365  -3.538  -5.133  1.00 22.99 ? 837 GLN A O   1 
ATOM   155 C CB  . GLN A 1 20 ? 13.231  -4.556  -5.319  1.00 27.48 ? 837 GLN A CB  1 
ATOM   156 C CG  . GLN A 1 20 ? 14.713  -4.916  -5.023  1.00 35.87 ? 837 GLN A CG  1 
ATOM   157 C CD  . GLN A 1 20 ? 15.731  -3.948  -5.682  1.00 47.02 ? 837 GLN A CD  1 
ATOM   158 O OE1 . GLN A 1 20 ? 15.441  -2.754  -5.840  1.00 52.75 ? 837 GLN A OE1 1 
ATOM   159 N NE2 . GLN A 1 20 ? 16.925  -4.453  -6.043  1.00 47.92 ? 837 GLN A NE2 1 
ATOM   160 N N   . VAL A 1 21 ? 10.119  -5.681  -4.513  1.00 22.40 ? 838 VAL A N   1 
ATOM   161 C CA  . VAL A 1 21 ? 8.773   -5.815  -5.031  1.00 19.57 ? 838 VAL A CA  1 
ATOM   162 C C   . VAL A 1 21 ? 7.805   -5.088  -4.081  1.00 17.56 ? 838 VAL A C   1 
ATOM   163 O O   . VAL A 1 21 ? 6.788   -4.509  -4.526  1.00 15.00 ? 838 VAL A O   1 
ATOM   164 C CB  . VAL A 1 21 ? 8.428   -7.293  -5.206  1.00 21.21 ? 838 VAL A CB  1 
ATOM   165 C CG1 . VAL A 1 21 ? 6.981   -7.506  -5.606  1.00 19.68 ? 838 VAL A CG1 1 
ATOM   166 C CG2 . VAL A 1 21 ? 9.341   -7.878  -6.251  1.00 24.31 ? 838 VAL A CG2 1 
ATOM   167 N N   . GLU A 1 22 ? 8.154   -5.132  -2.787  1.00 15.31 ? 839 GLU A N   1 
ATOM   168 C CA  . GLU A 1 22 ? 7.385   -4.471  -1.724  1.00 14.61 ? 839 GLU A CA  1 
ATOM   169 C C   . GLU A 1 22 ? 7.763   -2.994  -1.652  1.00 13.59 ? 839 GLU A C   1 
ATOM   170 O O   . GLU A 1 22 ? 8.911   -2.627  -1.910  1.00 14.87 ? 839 GLU A O   1 
ATOM   171 C CB  . GLU A 1 22 ? 7.608   -5.160  -0.367  1.00 14.95 ? 839 GLU A CB  1 
ATOM   172 C CG  . GLU A 1 22 ? 6.957   -6.567  -0.228  1.00 19.05 ? 839 GLU A CG  1 
ATOM   173 C CD  . GLU A 1 22 ? 7.784   -7.658  -0.842  1.00 24.11 ? 839 GLU A CD  1 
ATOM   174 O OE1 . GLU A 1 22 ? 9.024   -7.653  -0.712  1.00 25.54 ? 839 GLU A OE1 1 
ATOM   175 O OE2 . GLU A 1 22 ? 7.213   -8.564  -1.471  1.00 30.08 ? 839 GLU A OE2 1 
ATOM   176 N N   . MET A 1 23 ? 6.794   -2.132  -1.332  1.00 11.61 ? 840 MET A N   1 
ATOM   177 C CA  . MET A 1 23 ? 7.099   -0.740  -1.151  1.00 11.72 ? 840 MET A CA  1 
ATOM   178 C C   . MET A 1 23 ? 7.084   -0.459  0.355   1.00 11.28 ? 840 MET A C   1 
ATOM   179 O O   . MET A 1 23 ? 6.010   -0.535  1.000   1.00 11.32 ? 840 MET A O   1 
ATOM   180 C CB  . MET A 1 23 ? 6.078   0.131   -1.876  1.00 12.18 ? 840 MET A CB  1 
ATOM   181 C CG  . MET A 1 23 ? 6.320   1.630   -1.617  1.00 11.44 ? 840 MET A CG  1 
ATOM   182 S SD  . MET A 1 23 ? 5.154   2.714   -2.438  1.00 13.14 ? 840 MET A SD  1 
ATOM   183 C CE  . MET A 1 23 ? 3.680   2.369   -1.510  1.00 17.67 ? 840 MET A CE  1 
ATOM   184 N N   . SER A 1 24 ? 8.238   -0.112  0.909   1.00 11.16 ? 841 SER A N   1 
ATOM   185 C CA  . SER A 1 24 ? 8.294   0.217   2.314   1.00 10.48 ? 841 SER A CA  1 
ATOM   186 C C   . SER A 1 24 ? 7.734   1.591   2.542   1.00 10.47 ? 841 SER A C   1 
ATOM   187 O O   . SER A 1 24 ? 7.788   2.448   1.662   1.00 10.38 ? 841 SER A O   1 
ATOM   188 C CB  . SER A 1 24 ? 9.737   0.168   2.830   1.00 10.16 ? 841 SER A CB  1 
ATOM   189 O OG  . SER A 1 24 ? 10.225  -1.162  2.739   1.00 13.13 ? 841 SER A OG  1 
ATOM   190 N N   . PHE A 1 25 ? 7.219   1.821   3.748   1.00 11.46 ? 842 PHE A N   1 
ATOM   191 C CA  . PHE A 1 25 ? 6.706   3.164   4.105   1.00 11.76 ? 842 PHE A CA  1 
ATOM   192 C C   . PHE A 1 25 ? 6.658   3.381   5.597   1.00 10.95 ? 842 PHE A C   1 
ATOM   193 O O   . PHE A 1 25 ? 6.942   2.471   6.361   1.00 12.06 ? 842 PHE A O   1 
ATOM   194 C CB  . PHE A 1 25 ? 5.345   3.464   3.453   1.00 10.61 ? 842 PHE A CB  1 
ATOM   195 C CG  . PHE A 1 25 ? 4.309   2.402   3.697   1.00 11.04 ? 842 PHE A CG  1 
ATOM   196 C CD1 . PHE A 1 25 ? 3.675   2.278   4.939   1.00 10.78 ? 842 PHE A CD1 1 
ATOM   197 C CD2 . PHE A 1 25 ? 3.947   1.511   2.671   1.00 9.53  ? 842 PHE A CD2 1 
ATOM   198 C CE1 . PHE A 1 25 ? 2.701   1.262   5.166   1.00 10.26 ? 842 PHE A CE1 1 
ATOM   199 C CE2 . PHE A 1 25 ? 2.971   0.539   2.858   1.00 9.27  ? 842 PHE A CE2 1 
ATOM   200 C CZ  . PHE A 1 25 ? 2.338   0.412   4.125   1.00 9.51  ? 842 PHE A CZ  1 
ATOM   201 N N   . ARG A 1 26 ? 6.358   4.611   6.009   1.00 13.18 ? 843 ARG A N   1 
ATOM   202 C CA  . ARG A 1 26 ? 6.293   4.937   7.439   1.00 14.02 ? 843 ARG A CA  1 
ATOM   203 C C   . ARG A 1 26 ? 4.854   5.259   7.798   1.00 13.76 ? 843 ARG A C   1 
ATOM   204 O O   . ARG A 1 26 ? 4.077   5.721   6.966   1.00 14.62 ? 843 ARG A O   1 
ATOM   205 C CB  . ARG A 1 26 ? 7.257   6.100   7.801   1.00 13.26 ? 843 ARG A CB  1 
ATOM   206 C CG  . ARG A 1 26 ? 8.739   5.702   7.647   1.00 14.57 ? 843 ARG A CG  1 
ATOM   207 C CD  . ARG A 1 26 ? 9.691   6.884   7.874   1.00 20.05 ? 843 ARG A CD  1 
ATOM   208 N NE  . ARG A 1 26 ? 9.601   7.470   9.212   1.00 31.39 ? 843 ARG A NE  1 
ATOM   209 C CZ  . ARG A 1 26 ? 10.333  7.102   10.267  1.00 33.87 ? 843 ARG A CZ  1 
ATOM   210 N NH1 . ARG A 1 26 ? 11.285  6.161   10.175  1.00 35.96 ? 843 ARG A NH1 1 
ATOM   211 N NH2 . ARG A 1 26 ? 10.111  7.695   11.423  1.00 38.04 ? 843 ARG A NH2 1 
ATOM   212 N N   . LYS A 1 27 ? 4.521   5.021   9.050   1.00 13.67 ? 844 LYS A N   1 
ATOM   213 C CA  . LYS A 1 27 ? 3.213   5.362   9.572   1.00 14.46 ? 844 LYS A CA  1 
ATOM   214 C C   . LYS A 1 27 ? 2.814   6.770   9.172   1.00 14.87 ? 844 LYS A C   1 
ATOM   215 O O   . LYS A 1 27 ? 3.638   7.739   9.256   1.00 15.50 ? 844 LYS A O   1 
ATOM   216 C CB  . LYS A 1 27 ? 3.308   5.259   11.088  1.00 15.25 ? 844 LYS A CB  1 
ATOM   217 C CG  . LYS A 1 27 ? 2.046   5.441   11.869  1.00 18.44 ? 844 LYS A CG  1 
ATOM   218 C CD  . LYS A 1 27 ? 2.350   5.205   13.349  1.00 24.04 ? 844 LYS A CD  1 
ATOM   219 C CE  . LYS A 1 27 ? 1.078   4.946   14.181  1.00 29.58 ? 844 LYS A CE  1 
ATOM   220 N NZ  . LYS A 1 27 ? 0.729   3.457   14.485  1.00 27.81 ? 844 LYS A NZ  1 
ATOM   221 N N   . GLY A 1 28 ? 1.581   6.919   8.738   1.00 13.59 ? 845 GLY A N   1 
ATOM   222 C CA  . GLY A 1 28 ? 1.075   8.250   8.454   1.00 14.83 ? 845 GLY A CA  1 
ATOM   223 C C   . GLY A 1 28 ? 1.290   8.752   7.036   1.00 14.64 ? 845 GLY A C   1 
ATOM   224 O O   . GLY A 1 28 ? 0.693   9.740   6.641   1.00 16.18 ? 845 GLY A O   1 
ATOM   225 N N   . GLU A 1 29 ? 2.095   8.046   6.233   1.00 14.03 ? 846 GLU A N   1 
ATOM   226 C CA  . GLU A 1 29 ? 2.235   8.442   4.824   1.00 12.80 ? 846 GLU A CA  1 
ATOM   227 C C   . GLU A 1 29 ? 0.965   8.175   4.018   1.00 12.11 ? 846 GLU A C   1 
ATOM   228 O O   . GLU A 1 29 ? 0.256   7.151   4.201   1.00 11.83 ? 846 GLU A O   1 
ATOM   229 C CB  . GLU A 1 29 ? 3.379   7.680   4.194   1.00 13.51 ? 846 GLU A CB  1 
ATOM   230 C CG  . GLU A 1 29 ? 4.776   8.105   4.675   1.00 12.86 ? 846 GLU A CG  1 
ATOM   231 C CD  . GLU A 1 29 ? 5.824   7.679   3.682   1.00 13.93 ? 846 GLU A CD  1 
ATOM   232 O OE1 . GLU A 1 29 ? 5.903   8.355   2.648   1.00 17.79 ? 846 GLU A OE1 1 
ATOM   233 O OE2 . GLU A 1 29 ? 6.558   6.691   3.939   1.00 13.79 ? 846 GLU A OE2 1 
ATOM   234 N N   A ARG A 1 30 ? 0.651   9.099   3.138   0.50 11.75 ? 847 ARG A N   1 
ATOM   235 N N   B ARG A 1 30 ? 0.665   9.076   3.107   0.50 11.70 ? 847 ARG A N   1 
ATOM   236 C CA  A ARG A 1 30 ? -0.442  8.884   2.214   0.50 13.00 ? 847 ARG A CA  1 
ATOM   237 C CA  B ARG A 1 30 ? -0.479  8.908   2.213   0.50 12.58 ? 847 ARG A CA  1 
ATOM   238 C C   A ARG A 1 30 ? 0.031   7.963   1.098   0.50 12.21 ? 847 ARG A C   1 
ATOM   239 C C   B ARG A 1 30 ? -0.060  8.113   0.972   0.50 12.09 ? 847 ARG A C   1 
ATOM   240 O O   A ARG A 1 30 ? 1.203   8.016   0.683   0.50 14.09 ? 847 ARG A O   1 
ATOM   241 O O   B ARG A 1 30 ? 0.979   8.401   0.347   0.50 13.92 ? 847 ARG A O   1 
ATOM   242 C CB  A ARG A 1 30 ? -0.867  10.200  1.597   0.50 12.66 ? 847 ARG A CB  1 
ATOM   243 C CB  B ARG A 1 30 ? -1.002  10.281  1.804   0.50 12.13 ? 847 ARG A CB  1 
ATOM   244 C CG  A ARG A 1 30 ? -2.285  10.168  1.189   0.50 16.30 ? 847 ARG A CG  1 
ATOM   245 C CG  B ARG A 1 30 ? -1.506  11.090  2.976   0.50 12.97 ? 847 ARG A CG  1 
ATOM   246 C CD  A ARG A 1 30 ? -3.150  10.551  2.374   0.50 16.77 ? 847 ARG A CD  1 
ATOM   247 C CD  B ARG A 1 30 ? -2.931  10.757  3.283   0.50 15.16 ? 847 ARG A CD  1 
ATOM   248 N NE  A ARG A 1 30 ? -4.145  11.335  1.743   0.50 20.18 ? 847 ARG A NE  1 
ATOM   249 N NE  B ARG A 1 30 ? -3.645  11.081  2.107   0.50 12.45 ? 847 ARG A NE  1 
ATOM   250 C CZ  A ARG A 1 30 ? -4.415  12.609  1.941   0.50 17.81 ? 847 ARG A CZ  1 
ATOM   251 C CZ  B ARG A 1 30 ? -4.201  12.256  1.840   0.50 11.81 ? 847 ARG A CZ  1 
ATOM   252 N NH1 A ARG A 1 30 ? -3.850  13.341  2.891   0.50 18.10 ? 847 ARG A NH1 1 
ATOM   253 N NH1 B ARG A 1 30 ? -4.214  13.246  2.729   0.50 13.00 ? 847 ARG A NH1 1 
ATOM   254 N NH2 A ARG A 1 30 ? -5.349  13.121  1.184   0.50 23.08 ? 847 ARG A NH2 1 
ATOM   255 N NH2 B ARG A 1 30 ? -4.807  12.402  0.673   0.50 6.52  ? 847 ARG A NH2 1 
ATOM   256 N N   . ILE A 1 31 ? -0.882  7.122   0.619   1.00 12.36 ? 848 ILE A N   1 
ATOM   257 C CA  . ILE A 1 31 ? -0.570  6.192   -0.448  1.00 11.61 ? 848 ILE A CA  1 
ATOM   258 C C   . ILE A 1 31 ? -1.688  6.216   -1.469  1.00 11.02 ? 848 ILE A C   1 
ATOM   259 O O   . ILE A 1 31 ? -2.912  6.159   -1.121  1.00 12.95 ? 848 ILE A O   1 
ATOM   260 C CB  . ILE A 1 31 ? -0.375  4.716   0.091   1.00 10.09 ? 848 ILE A CB  1 
ATOM   261 C CG1 . ILE A 1 31 ? 0.691   4.671   1.224   1.00 11.39 ? 848 ILE A CG1 1 
ATOM   262 C CG2 . ILE A 1 31 ? -0.094  3.709   -1.094  1.00 11.28 ? 848 ILE A CG2 1 
ATOM   263 C CD1 . ILE A 1 31 ? 0.735   3.302   1.915   1.00 14.25 ? 848 ILE A CD1 1 
ATOM   264 N N   . THR A 1 32 ? -1.271  6.287   -2.731  1.00 11.08 ? 849 THR A N   1 
ATOM   265 C CA  . THR A 1 32 ? -2.172  6.150   -3.867  1.00 11.32 ? 849 THR A CA  1 
ATOM   266 C C   . THR A 1 32 ? -2.314  4.658   -4.177  1.00 11.26 ? 849 THR A C   1 
ATOM   267 O O   . THR A 1 32 ? -1.322  3.983   -4.489  1.00 10.34 ? 849 THR A O   1 
ATOM   268 C CB  . THR A 1 32 ? -1.600  6.858   -5.101  1.00 11.27 ? 849 THR A CB  1 
ATOM   269 O OG1 . THR A 1 32 ? -1.508  8.258   -4.830  1.00 16.73 ? 849 THR A OG1 1 
ATOM   270 C CG2 . THR A 1 32 ? -2.520  6.625   -6.310  1.00 15.08 ? 849 THR A CG2 1 
ATOM   271 N N   . LEU A 1 33 ? -3.533  4.150   -4.071  1.00 10.35 ? 850 LEU A N   1 
ATOM   272 C CA  . LEU A 1 33 ? -3.747  2.720   -4.349  1.00 11.57 ? 850 LEU A CA  1 
ATOM   273 C C   . LEU A 1 33 ? -3.945  2.521   -5.859  1.00 12.08 ? 850 LEU A C   1 
ATOM   274 O O   . LEU A 1 33 ? -4.747  3.182   -6.491  1.00 12.99 ? 850 LEU A O   1 
ATOM   275 C CB  . LEU A 1 33 ? -4.944  2.167   -3.561  1.00 11.40 ? 850 LEU A CB  1 
ATOM   276 C CG  . LEU A 1 33 ? -4.872  2.297   -2.041  1.00 9.96  ? 850 LEU A CG  1 
ATOM   277 C CD1 . LEU A 1 33 ? -6.188  1.768   -1.401  1.00 10.59 ? 850 LEU A CD1 1 
ATOM   278 C CD2 . LEU A 1 33 ? -3.595  1.620   -1.422  1.00 11.46 ? 850 LEU A CD2 1 
ATOM   279 N N   . LEU A 1 34 ? -3.173  1.618   -6.434  1.00 12.10 ? 851 LEU A N   1 
ATOM   280 C CA  . LEU A 1 34 ? -3.256  1.356   -7.865  1.00 12.94 ? 851 LEU A CA  1 
ATOM   281 C C   . LEU A 1 34 ? -4.089  0.155   -8.177  1.00 13.83 ? 851 LEU A C   1 
ATOM   282 O O   . LEU A 1 34 ? -4.885  0.194   -9.130  1.00 15.17 ? 851 LEU A O   1 
ATOM   283 C CB  . LEU A 1 34 ? -1.862  1.136   -8.469  1.00 12.77 ? 851 LEU A CB  1 
ATOM   284 C CG  . LEU A 1 34 ? -0.938  2.370   -8.332  1.00 13.96 ? 851 LEU A CG  1 
ATOM   285 C CD1 . LEU A 1 34 ? 0.423   2.039   -8.819  1.00 16.62 ? 851 LEU A CD1 1 
ATOM   286 C CD2 . LEU A 1 34 ? -1.483  3.600   -9.115  1.00 14.31 ? 851 LEU A CD2 1 
ATOM   287 N N   A ARG A 1 35 ? -3.886  -0.926  -7.439  0.50 13.96 ? 852 ARG A N   1 
ATOM   288 N N   B ARG A 1 35 ? -3.905  -0.926  -7.439  0.50 14.04 ? 852 ARG A N   1 
ATOM   289 C CA  A ARG A 1 35 ? -4.720  -2.105  -7.612  0.50 15.14 ? 852 ARG A CA  1 
ATOM   290 C CA  B ARG A 1 35 ? -4.759  -2.097  -7.622  0.50 15.32 ? 852 ARG A CA  1 
ATOM   291 C C   A ARG A 1 35 ? -4.749  -2.949  -6.363  0.50 15.12 ? 852 ARG A C   1 
ATOM   292 C C   B ARG A 1 35 ? -4.723  -2.989  -6.412  0.50 15.18 ? 852 ARG A C   1 
ATOM   293 O O   A ARG A 1 35 ? -3.846  -2.863  -5.531  0.50 14.64 ? 852 ARG A O   1 
ATOM   294 O O   B ARG A 1 35 ? -3.750  -2.979  -5.660  0.50 14.72 ? 852 ARG A O   1 
ATOM   295 C CB  A ARG A 1 35 ? -4.285  -2.946  -8.823  0.50 16.31 ? 852 ARG A CB  1 
ATOM   296 C CB  B ARG A 1 35 ? -4.395  -2.907  -8.875  0.50 16.74 ? 852 ARG A CB  1 
ATOM   297 C CG  A ARG A 1 35 ? -3.092  -3.819  -8.638  0.50 18.15 ? 852 ARG A CG  1 
ATOM   298 C CG  B ARG A 1 35 ? -2.943  -3.071  -9.106  0.50 19.22 ? 852 ARG A CG  1 
ATOM   299 C CD  A ARG A 1 35 ? -2.742  -4.461  -9.990  0.50 20.07 ? 852 ARG A CD  1 
ATOM   300 C CD  B ARG A 1 35 ? -2.661  -4.125  -10.154 0.50 22.38 ? 852 ARG A CD  1 
ATOM   301 N NE  A ARG A 1 35 ? -3.415  -5.739  -10.174 0.50 20.68 ? 852 ARG A NE  1 
ATOM   302 N NE  B ARG A 1 35 ? -1.235  -4.417  -10.106 0.50 24.18 ? 852 ARG A NE  1 
ATOM   303 C CZ  A ARG A 1 35 ? -2.822  -6.869  -10.555 0.50 19.69 ? 852 ARG A CZ  1 
ATOM   304 C CZ  B ARG A 1 35 ? -0.694  -5.620  -10.216 0.50 24.73 ? 852 ARG A CZ  1 
ATOM   305 N NH1 A ARG A 1 35 ? -1.522  -6.896  -10.842 0.50 20.42 ? 852 ARG A NH1 1 
ATOM   306 N NH1 B ARG A 1 35 ? -1.450  -6.700  -10.387 0.50 25.65 ? 852 ARG A NH1 1 
ATOM   307 N NH2 A ARG A 1 35 ? -3.543  -7.976  -10.662 0.50 21.02 ? 852 ARG A NH2 1 
ATOM   308 N NH2 B ARG A 1 35 ? 0.613   -5.731  -10.131 0.50 22.92 ? 852 ARG A NH2 1 
ATOM   309 N N   . GLN A 1 36 ? -5.796  -3.763  -6.229  1.00 14.13 ? 853 GLN A N   1 
ATOM   310 C CA  . GLN A 1 36 ? -5.815  -4.787  -5.187  1.00 15.00 ? 853 GLN A CA  1 
ATOM   311 C C   . GLN A 1 36 ? -5.476  -6.123  -5.834  1.00 14.66 ? 853 GLN A C   1 
ATOM   312 O O   . GLN A 1 36 ? -6.272  -6.668  -6.618  1.00 16.67 ? 853 GLN A O   1 
ATOM   313 C CB  . GLN A 1 36 ? -7.166  -4.868  -4.483  1.00 15.00 ? 853 GLN A CB  1 
ATOM   314 C CG  . GLN A 1 36 ? -7.055  -5.812  -3.325  1.00 16.44 ? 853 GLN A CG  1 
ATOM   315 C CD  . GLN A 1 36 ? -8.286  -5.948  -2.543  1.00 21.46 ? 853 GLN A CD  1 
ATOM   316 O OE1 . GLN A 1 36 ? -9.397  -5.607  -2.992  1.00 21.07 ? 853 GLN A OE1 1 
ATOM   317 N NE2 . GLN A 1 36 ? -8.126  -6.485  -1.347  1.00 23.77 ? 853 GLN A NE2 1 
ATOM   318 N N   . VAL A 1 37 ? -4.301  -6.625  -5.528  1.00 13.47 ? 854 VAL A N   1 
ATOM   319 C CA  . VAL A 1 37 ? -3.704  -7.758  -6.178  1.00 15.33 ? 854 VAL A CA  1 
ATOM   320 C C   . VAL A 1 37 ? -4.436  -9.044  -5.770  1.00 16.08 ? 854 VAL A C   1 
ATOM   321 O O   . VAL A 1 37 ? -4.757  -9.903  -6.612  1.00 17.38 ? 854 VAL A O   1 
ATOM   322 C CB  . VAL A 1 37 ? -2.198  -7.867  -5.821  1.00 15.26 ? 854 VAL A CB  1 
ATOM   323 C CG1 . VAL A 1 37 ? -1.606  -9.144  -6.455  1.00 17.83 ? 854 VAL A CG1 1 
ATOM   324 C CG2 . VAL A 1 37 ? -1.447  -6.627  -6.286  1.00 16.29 ? 854 VAL A CG2 1 
ATOM   325 N N   . ASP A 1 38 ? -4.691  -9.170  -4.469  1.00 16.01 ? 855 ASP A N   1 
ATOM   326 C CA  . ASP A 1 38 ? -5.453  -10.305 -3.956  1.00 15.15 ? 855 ASP A CA  1 
ATOM   327 C C   . ASP A 1 38 ? -6.079  -9.914  -2.623  1.00 14.64 ? 855 ASP A C   1 
ATOM   328 O O   . ASP A 1 38 ? -6.167  -8.735  -2.348  1.00 16.49 ? 855 ASP A O   1 
ATOM   329 C CB  . ASP A 1 38 ? -4.561  -11.528 -3.842  1.00 15.38 ? 855 ASP A CB  1 
ATOM   330 C CG  . ASP A 1 38 ? -3.503  -11.413 -2.753  1.00 14.58 ? 855 ASP A CG  1 
ATOM   331 O OD1 . ASP A 1 38 ? -3.497  -10.415 -2.027  1.00 15.86 ? 855 ASP A OD1 1 
ATOM   332 O OD2 . ASP A 1 38 ? -2.675  -12.348 -2.646  1.00 15.20 ? 855 ASP A OD2 1 
ATOM   333 N N   . GLU A 1 39 ? -6.530  -10.884 -1.818  1.00 14.45 ? 856 GLU A N   1 
ATOM   334 C CA  . GLU A 1 39 ? -7.223  -10.589 -0.564  1.00 13.89 ? 856 GLU A CA  1 
ATOM   335 C C   . GLU A 1 39 ? -6.354  -9.881  0.475   1.00 13.90 ? 856 GLU A C   1 
ATOM   336 O O   . GLU A 1 39 ? -6.896  -9.266  1.402   1.00 15.65 ? 856 GLU A O   1 
ATOM   337 C CB  . GLU A 1 39 ? -7.839  -11.871 0.038   1.00 13.81 ? 856 GLU A CB  1 
ATOM   338 C CG  . GLU A 1 39 ? -6.851  -12.816 0.787   1.00 14.98 ? 856 GLU A CG  1 
ATOM   339 C CD  . GLU A 1 39 ? -6.003  -13.683 -0.147  1.00 15.41 ? 856 GLU A CD  1 
ATOM   340 O OE1 . GLU A 1 39 ? -6.037  -13.491 -1.378  1.00 18.65 ? 856 GLU A OE1 1 
ATOM   341 O OE2 . GLU A 1 39 ? -5.262  -14.549 0.370   1.00 17.65 ? 856 GLU A OE2 1 
ATOM   342 N N   . ASN A 1 40 ? -5.028  -9.991  0.320   1.00 11.65 ? 857 ASN A N   1 
ATOM   343 C CA  . ASN A 1 40 ? -4.081  -9.501  1.316   1.00 11.31 ? 857 ASN A CA  1 
ATOM   344 C C   . ASN A 1 40 ? -3.189  -8.329  0.885   1.00 10.96 ? 857 ASN A C   1 
ATOM   345 O O   . ASN A 1 40 ? -2.551  -7.732  1.750   1.00 11.64 ? 857 ASN A O   1 
ATOM   346 C CB  . ASN A 1 40 ? -3.178  -10.651 1.812   1.00 12.44 ? 857 ASN A CB  1 
ATOM   347 C CG  . ASN A 1 40 ? -3.890  -11.566 2.786   1.00 12.80 ? 857 ASN A CG  1 
ATOM   348 O OD1 . ASN A 1 40 ? -4.875  -11.180 3.430   1.00 15.38 ? 857 ASN A OD1 1 
ATOM   349 N ND2 . ASN A 1 40 ? -3.404  -12.755 2.905   1.00 18.39 ? 857 ASN A ND2 1 
ATOM   350 N N   . TRP A 1 41 ? -3.115  -8.010  -0.412  1.00 9.23  ? 858 TRP A N   1 
ATOM   351 C CA  . TRP A 1 41 ? -2.068  -7.044  -0.914  1.00 9.86  ? 858 TRP A CA  1 
ATOM   352 C C   . TRP A 1 41 ? -2.604  -6.016  -1.877  1.00 10.21 ? 858 TRP A C   1 
ATOM   353 O O   . TRP A 1 41 ? -3.373  -6.386  -2.802  1.00 11.90 ? 858 TRP A O   1 
ATOM   354 C CB  . TRP A 1 41 ? -0.932  -7.793  -1.618  1.00 9.33  ? 858 TRP A CB  1 
ATOM   355 C CG  . TRP A 1 41 ? -0.172  -8.701  -0.728  1.00 10.54 ? 858 TRP A CG  1 
ATOM   356 C CD1 . TRP A 1 41 ? -0.499  -9.962  -0.392  1.00 10.66 ? 858 TRP A CD1 1 
ATOM   357 C CD2 . TRP A 1 41 ? 1.054   -8.406  -0.069  1.00 10.04 ? 858 TRP A CD2 1 
ATOM   358 N NE1 . TRP A 1 41 ? 0.473   -10.499 0.462   1.00 11.69 ? 858 TRP A NE1 1 
ATOM   359 C CE2 . TRP A 1 41 ? 1.418   -9.545  0.691   1.00 9.31  ? 858 TRP A CE2 1 
ATOM   360 C CE3 . TRP A 1 41 ? 1.873   -7.265  -0.017  1.00 11.42 ? 858 TRP A CE3 1 
ATOM   361 C CZ2 . TRP A 1 41 ? 2.606   -9.601  1.466   1.00 10.99 ? 858 TRP A CZ2 1 
ATOM   362 C CZ3 . TRP A 1 41 ? 3.054   -7.305  0.765   1.00 10.53 ? 858 TRP A CZ3 1 
ATOM   363 C CH2 . TRP A 1 41 ? 3.391   -8.463  1.513   1.00 11.50 ? 858 TRP A CH2 1 
ATOM   364 N N   . TYR A 1 42 ? -2.190  -4.755  -1.685  1.00 8.94  ? 859 TYR A N   1 
ATOM   365 C CA  . TYR A 1 42 ? -2.368  -3.717  -2.707  1.00 8.88  ? 859 TYR A CA  1 
ATOM   366 C C   . TYR A 1 42 ? -1.068  -3.452  -3.412  1.00 9.76  ? 859 TYR A C   1 
ATOM   367 O O   . TYR A 1 42 ? 0.004   -3.632  -2.830  1.00 11.77 ? 859 TYR A O   1 
ATOM   368 C CB  . TYR A 1 42 ? -2.757  -2.382  -2.075  1.00 10.37 ? 859 TYR A CB  1 
ATOM   369 C CG  . TYR A 1 42 ? -4.151  -2.304  -1.545  1.00 12.94 ? 859 TYR A CG  1 
ATOM   370 C CD1 . TYR A 1 42 ? -4.371  -2.157  -0.171  1.00 13.54 ? 859 TYR A CD1 1 
ATOM   371 C CD2 . TYR A 1 42 ? -5.278  -2.365  -2.407  1.00 13.10 ? 859 TYR A CD2 1 
ATOM   372 C CE1 . TYR A 1 42 ? -5.655  -2.046  0.330   1.00 14.14 ? 859 TYR A CE1 1 
ATOM   373 C CE2 . TYR A 1 42 ? -6.555  -2.239  -1.900  1.00 15.04 ? 859 TYR A CE2 1 
ATOM   374 C CZ  . TYR A 1 42 ? -6.724  -2.111  -0.521  1.00 14.33 ? 859 TYR A CZ  1 
ATOM   375 O OH  . TYR A 1 42 ? -8.005  -2.045  0.009   1.00 18.38 ? 859 TYR A OH  1 
ATOM   376 N N   . GLU A 1 43 ? -1.146  -2.943  -4.643  1.00 10.80 ? 860 GLU A N   1 
ATOM   377 C CA  . GLU A 1 43 ? -0.019  -2.218  -5.245  1.00 11.08 ? 860 GLU A CA  1 
ATOM   378 C C   . GLU A 1 43 ? -0.361  -0.735  -5.168  1.00 11.33 ? 860 GLU A C   1 
ATOM   379 O O   . GLU A 1 43 ? -1.500  -0.326  -5.415  1.00 12.35 ? 860 GLU A O   1 
ATOM   380 C CB  . GLU A 1 43 ? 0.169   -2.614  -6.706  1.00 11.88 ? 860 GLU A CB  1 
ATOM   381 C CG  . GLU A 1 43 ? 1.372   -1.969  -7.327  1.00 13.64 ? 860 GLU A CG  1 
ATOM   382 C CD  . GLU A 1 43 ? 1.537   -2.198  -8.807  1.00 19.27 ? 860 GLU A CD  1 
ATOM   383 O OE1 . GLU A 1 43 ? 0.567   -2.584  -9.487  1.00 23.43 ? 860 GLU A OE1 1 
ATOM   384 O OE2 . GLU A 1 43 ? 2.656   -1.931  -9.327  1.00 23.44 ? 860 GLU A OE2 1 
ATOM   385 N N   . GLY A 1 44 ? 0.608   0.090   -4.789  1.00 10.64 ? 861 GLY A N   1 
ATOM   386 C CA  . GLY A 1 44 ? 0.348   1.535   -4.665  1.00 10.67 ? 861 GLY A CA  1 
ATOM   387 C C   . GLY A 1 44 ? 1.609   2.312   -4.917  1.00 11.06 ? 861 GLY A C   1 
ATOM   388 O O   . GLY A 1 44 ? 2.699   1.728   -5.147  1.00 12.26 ? 861 GLY A O   1 
ATOM   389 N N   . ARG A 1 45 ? 1.488   3.625   -4.837  1.00 11.71 ? 862 ARG A N   1 
ATOM   390 C CA  . ARG A 1 45 ? 2.648   4.507   -5.058  1.00 13.41 ? 862 ARG A CA  1 
ATOM   391 C C   . ARG A 1 45 ? 2.509   5.741   -4.147  1.00 14.17 ? 862 ARG A C   1 
ATOM   392 O O   . ARG A 1 45 ? 1.396   6.060   -3.712  1.00 14.96 ? 862 ARG A O   1 
ATOM   393 C CB  . ARG A 1 45 ? 2.744   4.848   -6.562  1.00 14.00 ? 862 ARG A CB  1 
ATOM   394 C CG  . ARG A 1 45 ? 1.574   5.651   -7.114  1.00 15.64 ? 862 ARG A CG  1 
ATOM   395 C CD  . ARG A 1 45 ? 1.786   6.050   -8.614  1.00 18.37 ? 862 ARG A CD  1 
ATOM   396 N NE  . ARG A 1 45 ? 0.610   6.800   -9.127  1.00 22.55 ? 862 ARG A NE  1 
ATOM   397 C CZ  . ARG A 1 45 ? 0.009   6.602   -10.305 1.00 22.19 ? 862 ARG A CZ  1 
ATOM   398 N NH1 . ARG A 1 45 ? 0.450   5.688   -11.179 1.00 25.56 ? 862 ARG A NH1 1 
ATOM   399 N NH2 . ARG A 1 45 ? -1.048  7.348   -10.624 1.00 27.13 ? 862 ARG A NH2 1 
ATOM   400 N N   . ILE A 1 46 ? 3.630   6.418   -3.839  1.00 15.80 ? 863 ILE A N   1 
ATOM   401 C CA  . ILE A 1 46 ? 3.599   7.566   -2.928  1.00 17.59 ? 863 ILE A CA  1 
ATOM   402 C C   . ILE A 1 46 ? 3.595   8.838   -3.804  1.00 19.43 ? 863 ILE A C   1 
ATOM   403 O O   . ILE A 1 46 ? 4.518   9.031   -4.619  1.00 18.44 ? 863 ILE A O   1 
ATOM   404 C CB  . ILE A 1 46 ? 4.793   7.639   -1.904  1.00 17.19 ? 863 ILE A CB  1 
ATOM   405 C CG1 . ILE A 1 46 ? 4.929   6.358   -1.045  1.00 18.94 ? 863 ILE A CG1 1 
ATOM   406 C CG2 . ILE A 1 46 ? 4.654   8.923   -1.063  1.00 17.95 ? 863 ILE A CG2 1 
ATOM   407 C CD1 . ILE A 1 46 ? 3.910   6.222   0.023   1.00 23.09 ? 863 ILE A CD1 1 
ATOM   408 N N   . PRO A 1 47 ? 2.550   9.677   -3.677  1.00 22.23 ? 864 PRO A N   1 
ATOM   409 C CA  . PRO A 1 47 ? 2.529   10.896  -4.516  1.00 24.21 ? 864 PRO A CA  1 
ATOM   410 C C   . PRO A 1 47 ? 3.780   11.777  -4.417  1.00 23.88 ? 864 PRO A C   1 
ATOM   411 O O   . PRO A 1 47 ? 4.278   12.019  -3.307  1.00 23.62 ? 864 PRO A O   1 
ATOM   412 C CB  . PRO A 1 47 ? 1.319   11.691  -3.985  1.00 25.98 ? 864 PRO A CB  1 
ATOM   413 C CG  . PRO A 1 47 ? 0.474   10.709  -3.253  1.00 25.33 ? 864 PRO A CG  1 
ATOM   414 C CD  . PRO A 1 47 ? 1.378   9.562   -2.790  1.00 22.23 ? 864 PRO A CD  1 
ATOM   415 N N   . GLY A 1 48 ? 4.256   12.277  -5.565  1.00 23.17 ? 865 GLY A N   1 
ATOM   416 C CA  . GLY A 1 48 ? 5.428   13.174  -5.614  1.00 22.69 ? 865 GLY A CA  1 
ATOM   417 C C   . GLY A 1 48 ? 6.752   12.455  -5.473  1.00 21.08 ? 865 GLY A C   1 
ATOM   418 O O   . GLY A 1 48 ? 7.793   13.081  -5.276  1.00 22.90 ? 865 GLY A O   1 
ATOM   419 N N   . THR A 1 49 ? 6.733   11.131  -5.565  1.00 19.92 ? 866 THR A N   1 
ATOM   420 C CA  . THR A 1 49 ? 7.954   10.364  -5.520  1.00 18.03 ? 866 THR A CA  1 
ATOM   421 C C   . THR A 1 49 ? 7.957   9.295   -6.611  1.00 17.91 ? 866 THR A C   1 
ATOM   422 O O   . THR A 1 49 ? 6.983   9.150   -7.361  1.00 20.76 ? 866 THR A O   1 
ATOM   423 C CB  . THR A 1 49 ? 8.091   9.625   -4.185  1.00 17.11 ? 866 THR A CB  1 
ATOM   424 O OG1 . THR A 1 49 ? 7.258   8.453   -4.229  1.00 17.13 ? 866 THR A OG1 1 
ATOM   425 C CG2 . THR A 1 49 ? 7.720   10.501  -2.993  1.00 15.84 ? 866 THR A CG2 1 
ATOM   426 N N   . SER A 1 50 ? 9.028   8.515   -6.683  1.00 16.36 ? 867 SER A N   1 
ATOM   427 C CA  . SER A 1 50 ? 9.083   7.360   -7.587  1.00 16.57 ? 867 SER A CA  1 
ATOM   428 C C   . SER A 1 50 ? 8.907   6.017   -6.871  1.00 15.14 ? 867 SER A C   1 
ATOM   429 O O   . SER A 1 50 ? 9.178   4.939   -7.427  1.00 16.44 ? 867 SER A O   1 
ATOM   430 C CB  . SER A 1 50 ? 10.401  7.365   -8.340  1.00 17.65 ? 867 SER A CB  1 
ATOM   431 O OG  . SER A 1 50 ? 11.446  7.032   -7.410  1.00 25.08 ? 867 SER A OG  1 
ATOM   432 N N   . ARG A 1 51 ? 8.421   6.090   -5.634  1.00 13.99 ? 868 ARG A N   1 
ATOM   433 C CA  . ARG A 1 51 ? 8.220   4.893   -4.804  1.00 12.66 ? 868 ARG A CA  1 
ATOM   434 C C   . ARG A 1 51 ? 6.943   4.181   -5.245  1.00 13.09 ? 868 ARG A C   1 
ATOM   435 O O   . ARG A 1 51 ? 5.836   4.771   -5.290  1.00 11.51 ? 868 ARG A O   1 
ATOM   436 C CB  . ARG A 1 51 ? 8.174   5.294   -3.334  1.00 12.86 ? 868 ARG A CB  1 
ATOM   437 C CG  . ARG A 1 51 ? 9.444   6.043   -2.830  1.00 12.23 ? 868 ARG A CG  1 
ATOM   438 C CD  . ARG A 1 51 ? 9.207   6.784   -1.542  1.00 14.08 ? 868 ARG A CD  1 
ATOM   439 N NE  . ARG A 1 51 ? 8.790   5.877   -0.443  1.00 11.83 ? 868 ARG A NE  1 
ATOM   440 C CZ  . ARG A 1 51 ? 8.091   6.287   0.603   1.00 12.20 ? 868 ARG A CZ  1 
ATOM   441 N NH1 . ARG A 1 51 ? 7.835   7.588   0.734   1.00 12.72 ? 868 ARG A NH1 1 
ATOM   442 N NH2 . ARG A 1 51 ? 7.708   5.433   1.555   1.00 13.02 ? 868 ARG A NH2 1 
ATOM   443 N N   . GLN A 1 52 ? 7.081   2.897   -5.555  1.00 12.88 ? 869 GLN A N   1 
ATOM   444 C CA  . GLN A 1 52 ? 5.923   2.113   -5.919  1.00 12.63 ? 869 GLN A CA  1 
ATOM   445 C C   . GLN A 1 52 ? 6.156   0.637   -5.621  1.00 12.13 ? 869 GLN A C   1 
ATOM   446 O O   . GLN A 1 52 ? 7.276   0.135   -5.766  1.00 13.22 ? 869 GLN A O   1 
ATOM   447 C CB  . GLN A 1 52 ? 5.624   2.345   -7.411  1.00 13.09 ? 869 GLN A CB  1 
ATOM   448 C CG  . GLN A 1 52 ? 4.492   1.402   -7.982  1.00 14.86 ? 869 GLN A CG  1 
ATOM   449 C CD  . GLN A 1 52 ? 4.029   1.781   -9.417  1.00 16.23 ? 869 GLN A CD  1 
ATOM   450 O OE1 . GLN A 1 52 ? 4.250   2.919   -9.886  1.00 19.46 ? 869 GLN A OE1 1 
ATOM   451 N NE2 . GLN A 1 52 ? 3.403   0.805   -10.125 1.00 18.46 ? 869 GLN A NE2 1 
ATOM   452 N N   . GLY A 1 53 ? 5.103   -0.083  -5.215  1.00 10.63 ? 870 GLY A N   1 
ATOM   453 C CA  . GLY A 1 53 ? 5.258   -1.497  -4.977  1.00 10.41 ? 870 GLY A CA  1 
ATOM   454 C C   . GLY A 1 53 ? 4.071   -2.046  -4.235  1.00 9.52  ? 870 GLY A C   1 
ATOM   455 O O   . GLY A 1 53 ? 3.080   -1.347  -4.028  1.00 12.25 ? 870 GLY A O   1 
ATOM   456 N N   . ILE A 1 54 ? 4.189   -3.270  -3.741  1.00 9.82  ? 871 ILE A N   1 
ATOM   457 C CA  . ILE A 1 54 ? 3.061   -3.863  -3.028  1.00 10.46 ? 871 ILE A CA  1 
ATOM   458 C C   . ILE A 1 54 ? 3.231   -3.776  -1.510  1.00 9.51  ? 871 ILE A C   1 
ATOM   459 O O   . ILE A 1 54 ? 4.367   -3.597  -0.985  1.00 11.14 ? 871 ILE A O   1 
ATOM   460 C CB  . ILE A 1 54 ? 2.771   -5.317  -3.493  1.00 10.24 ? 871 ILE A CB  1 
ATOM   461 C CG1 . ILE A 1 54 ? 3.921   -6.296  -3.117  1.00 10.18 ? 871 ILE A CG1 1 
ATOM   462 C CG2 . ILE A 1 54 ? 2.499   -5.306  -4.970  1.00 11.34 ? 871 ILE A CG2 1 
ATOM   463 C CD1 . ILE A 1 54 ? 3.636   -7.756  -3.409  1.00 12.66 ? 871 ILE A CD1 1 
ATOM   464 N N   . PHE A 1 55 ? 2.125   -3.968  -0.789  1.00 9.41  ? 872 PHE A N   1 
ATOM   465 C CA  . PHE A 1 55 ? 2.124   -3.910  0.690   1.00 9.66  ? 872 PHE A CA  1 
ATOM   466 C C   . PHE A 1 55 ? 0.788   -4.480  1.203   1.00 10.13 ? 872 PHE A C   1 
ATOM   467 O O   . PHE A 1 55 ? -0.199  -4.565  0.443   1.00 10.34 ? 872 PHE A O   1 
ATOM   468 C CB  . PHE A 1 55 ? 2.300   -2.460  1.169   1.00 9.88  ? 872 PHE A CB  1 
ATOM   469 C CG  . PHE A 1 55 ? 1.325   -1.505  0.510   1.00 9.40  ? 872 PHE A CG  1 
ATOM   470 C CD1 . PHE A 1 55 ? 0.021   -1.300  1.028   1.00 9.36  ? 872 PHE A CD1 1 
ATOM   471 C CD2 . PHE A 1 55 ? 1.700   -0.848  -0.683  1.00 9.69  ? 872 PHE A CD2 1 
ATOM   472 C CE1 . PHE A 1 55 ? -0.864  -0.409  0.345   1.00 10.22 ? 872 PHE A CE1 1 
ATOM   473 C CE2 . PHE A 1 55 ? 0.855   0.012   -1.326  1.00 10.36 ? 872 PHE A CE2 1 
ATOM   474 C CZ  . PHE A 1 55 ? -0.448  0.224   -0.824  1.00 9.15  ? 872 PHE A CZ  1 
ATOM   475 N N   . PRO A 1 56 ? 0.767   -4.946  2.456   1.00 10.32 ? 873 PRO A N   1 
ATOM   476 C CA  . PRO A 1 56 ? -0.437  -5.640  2.928   1.00 9.18  ? 873 PRO A CA  1 
ATOM   477 C C   . PRO A 1 56 ? -1.566  -4.666  3.209   1.00 10.07 ? 873 PRO A C   1 
ATOM   478 O O   . PRO A 1 56 ? -1.358  -3.543  3.684   1.00 9.33  ? 873 PRO A O   1 
ATOM   479 C CB  . PRO A 1 56 ? 0.000   -6.241  4.288   1.00 10.99 ? 873 PRO A CB  1 
ATOM   480 C CG  . PRO A 1 56 ? 1.558   -6.236  4.220   1.00 10.53 ? 873 PRO A CG  1 
ATOM   481 C CD  . PRO A 1 56 ? 1.845   -4.978  3.460   1.00 10.27 ? 873 PRO A CD  1 
ATOM   482 N N   A ILE A 1 57 ? -2.764  -5.124  2.910   0.50 10.20 ? 874 ILE A N   1 
ATOM   483 N N   B ILE A 1 57 ? -2.782  -5.114  2.910   0.50 10.21 ? 874 ILE A N   1 
ATOM   484 C CA  A ILE A 1 57 ? -3.953  -4.340  3.154   0.50 11.15 ? 874 ILE A CA  1 
ATOM   485 C CA  B ILE A 1 57 ? -3.976  -4.306  3.181   0.50 11.03 ? 874 ILE A CA  1 
ATOM   486 C C   A ILE A 1 57 ? -4.093  -3.985  4.636   0.50 10.89 ? 874 ILE A C   1 
ATOM   487 C C   B ILE A 1 57 ? -4.075  -3.958  4.655   0.50 10.96 ? 874 ILE A C   1 
ATOM   488 O O   A ILE A 1 57 ? -4.627  -2.926  4.988   0.50 11.69 ? 874 ILE A O   1 
ATOM   489 O O   B ILE A 1 57 ? -4.576  -2.890  5.021   0.50 11.96 ? 874 ILE A O   1 
ATOM   490 C CB  A ILE A 1 57 ? -5.167  -5.131  2.677   0.50 11.38 ? 874 ILE A CB  1 
ATOM   491 C CB  B ILE A 1 57 ? -5.304  -5.001  2.715   0.50 10.98 ? 874 ILE A CB  1 
ATOM   492 C CG1 A ILE A 1 57 ? -5.053  -5.370  1.158   0.50 12.68 ? 874 ILE A CG1 1 
ATOM   493 C CG1 B ILE A 1 57 ? -5.689  -6.219  3.580   0.50 9.02  ? 874 ILE A CG1 1 
ATOM   494 C CG2 A ILE A 1 57 ? -6.431  -4.393  3.005   0.50 9.32  ? 874 ILE A CG2 1 
ATOM   495 C CG2 B ILE A 1 57 ? -5.228  -5.375  1.221   0.50 11.69 ? 874 ILE A CG2 1 
ATOM   496 C CD1 A ILE A 1 57 ? -6.112  -6.284  0.573   0.50 16.63 ? 874 ILE A CD1 1 
ATOM   497 C CD1 B ILE A 1 57 ? -6.713  -5.902  4.766   0.50 12.09 ? 874 ILE A CD1 1 
ATOM   498 N N   . THR A 1 58 ? -3.613  -4.865  5.508   1.00 11.69 ? 875 THR A N   1 
ATOM   499 C CA  . THR A 1 58 ? -3.722  -4.661  6.959   1.00 11.48 ? 875 THR A CA  1 
ATOM   500 C C   . THR A 1 58 ? -2.833  -3.520  7.470   1.00 12.29 ? 875 THR A C   1 
ATOM   501 O O   . THR A 1 58 ? -3.010  -3.065  8.615   1.00 13.70 ? 875 THR A O   1 
ATOM   502 C CB  . THR A 1 58 ? -3.400  -5.950  7.738   1.00 10.96 ? 875 THR A CB  1 
ATOM   503 O OG1 . THR A 1 58 ? -2.102  -6.405  7.361   1.00 12.43 ? 875 THR A OG1 1 
ATOM   504 C CG2 . THR A 1 58 ? -4.463  -7.034  7.489   1.00 12.35 ? 875 THR A CG2 1 
ATOM   505 N N   . TYR A 1 59 ? -1.883  -3.075  6.631   1.00 11.66 ? 876 TYR A N   1 
ATOM   506 C CA  . TYR A 1 59 ? -0.987  -1.960  7.004   1.00 11.26 ? 876 TYR A CA  1 
ATOM   507 C C   . TYR A 1 59 ? -1.500  -0.590  6.641   1.00 11.36 ? 876 TYR A C   1 
ATOM   508 O O   . TYR A 1 59 ? -0.828  0.410   6.894   1.00 12.12 ? 876 TYR A O   1 
ATOM   509 C CB  . TYR A 1 59 ? 0.407   -2.190  6.409   1.00 10.75 ? 876 TYR A CB  1 
ATOM   510 C CG  . TYR A 1 59 ? 1.234   -3.079  7.280   1.00 12.33 ? 876 TYR A CG  1 
ATOM   511 C CD1 . TYR A 1 59 ? 0.882   -4.447  7.489   1.00 12.68 ? 876 TYR A CD1 1 
ATOM   512 C CD2 . TYR A 1 59 ? 2.353   -2.578  7.959   1.00 10.07 ? 876 TYR A CD2 1 
ATOM   513 C CE1 . TYR A 1 59 ? 1.662   -5.287  8.316   1.00 13.88 ? 876 TYR A CE1 1 
ATOM   514 C CE2 . TYR A 1 59 ? 3.109   -3.394  8.772   1.00 11.56 ? 876 TYR A CE2 1 
ATOM   515 C CZ  . TYR A 1 59 ? 2.777   -4.742  8.963   1.00 12.92 ? 876 TYR A CZ  1 
ATOM   516 O OH  . TYR A 1 59 ? 3.592   -5.489  9.811   1.00 15.54 ? 876 TYR A OH  1 
ATOM   517 N N   . VAL A 1 60 ? -2.672  -0.529  6.006   1.00 11.82 ? 877 VAL A N   1 
ATOM   518 C CA  . VAL A 1 60 ? -3.187  0.788   5.574   1.00 11.47 ? 877 VAL A CA  1 
ATOM   519 C C   . VAL A 1 60 ? -4.655  0.950   5.921   1.00 11.52 ? 877 VAL A C   1 
ATOM   520 O O   . VAL A 1 60 ? -5.420  -0.033  6.028   1.00 12.92 ? 877 VAL A O   1 
ATOM   521 C CB  . VAL A 1 60 ? -2.978  1.005   4.068   1.00 12.99 ? 877 VAL A CB  1 
ATOM   522 C CG1 . VAL A 1 60 ? -1.505  0.830   3.687   1.00 12.73 ? 877 VAL A CG1 1 
ATOM   523 C CG2 . VAL A 1 60 ? -3.892  0.088   3.225   1.00 12.90 ? 877 VAL A CG2 1 
ATOM   524 N N   . ASP A 1 61 ? -5.049  2.203   6.119   1.00 12.12 ? 878 ASP A N   1 
ATOM   525 C CA  . ASP A 1 61 ? -6.436  2.551   6.343   1.00 12.65 ? 878 ASP A CA  1 
ATOM   526 C C   . ASP A 1 61 ? -6.978  3.125   5.032   1.00 13.06 ? 878 ASP A C   1 
ATOM   527 O O   . ASP A 1 61 ? -6.532  4.157   4.559   1.00 13.43 ? 878 ASP A O   1 
ATOM   528 C CB  . ASP A 1 61 ? -6.568  3.546   7.473   1.00 15.14 ? 878 ASP A CB  1 
ATOM   529 C CG  . ASP A 1 61 ? -7.978  3.563   8.031   1.00 19.28 ? 878 ASP A CG  1 
ATOM   530 O OD1 . ASP A 1 61 ? -8.913  3.899   7.263   1.00 21.16 ? 878 ASP A OD1 1 
ATOM   531 O OD2 . ASP A 1 61 ? -8.147  3.172   9.223   1.00 23.55 ? 878 ASP A OD2 1 
ATOM   532 N N   . VAL A 1 62 ? -7.923  2.419   4.425   1.00 13.47 ? 879 VAL A N   1 
ATOM   533 C CA  . VAL A 1 62 ? -8.371  2.703   3.065   1.00 13.43 ? 879 VAL A CA  1 
ATOM   534 C C   . VAL A 1 62 ? -9.475  3.767   3.043   1.00 13.76 ? 879 VAL A C   1 
ATOM   535 O O   . VAL A 1 62 ? -10.527 3.569   3.665   1.00 15.26 ? 879 VAL A O   1 
ATOM   536 C CB  . VAL A 1 62 ? -8.864  1.444   2.366   1.00 13.18 ? 879 VAL A CB  1 
ATOM   537 C CG1 . VAL A 1 62 ? -9.341  1.799   0.950   1.00 14.46 ? 879 VAL A CG1 1 
ATOM   538 C CG2 . VAL A 1 62 ? -7.744  0.418   2.292   1.00 16.02 ? 879 VAL A CG2 1 
ATOM   539 N N   . ILE A 1 63 ? -9.221  4.901   2.367   1.00 13.33 ? 880 ILE A N   1 
ATOM   540 C CA  . ILE A 1 63 ? -10.222 5.961   2.208   1.00 14.37 ? 880 ILE A CA  1 
ATOM   541 C C   . ILE A 1 63 ? -11.105 5.667   0.990   1.00 15.02 ? 880 ILE A C   1 
ATOM   542 O O   . ILE A 1 63 ? -12.318 5.879   1.051   1.00 17.32 ? 880 ILE A O   1 
ATOM   543 C CB  . ILE A 1 63 ? -9.561  7.318   2.075   1.00 14.01 ? 880 ILE A CB  1 
ATOM   544 C CG1 . ILE A 1 63 ? -8.970  7.674   3.450   1.00 16.92 ? 880 ILE A CG1 1 
ATOM   545 C CG2 . ILE A 1 63 ? -10.596 8.391   1.734   1.00 16.25 ? 880 ILE A CG2 1 
ATOM   546 C CD1 . ILE A 1 63 ? -7.570  7.924   3.419   1.00 25.56 ? 880 ILE A CD1 1 
ATOM   547 N N   . LYS A 1 64 ? -10.500 5.173   -0.078  1.00 14.94 ? 881 LYS A N   1 
ATOM   548 C CA  . LYS A 1 64 ? -11.172 4.948   -1.352  1.00 16.27 ? 881 LYS A CA  1 
ATOM   549 C C   . LYS A 1 64 ? -10.515 3.746   -1.979  1.00 14.07 ? 881 LYS A C   1 
ATOM   550 O O   . LYS A 1 64 ? -9.301  3.657   -1.992  1.00 12.95 ? 881 LYS A O   1 
ATOM   551 C CB  . LYS A 1 64 ? -10.838 6.162   -2.197  1.00 18.09 ? 881 LYS A CB  1 
ATOM   552 C CG  . LYS A 1 64 ? -11.399 6.333   -3.570  1.00 21.57 ? 881 LYS A CG  1 
ATOM   553 C CD  . LYS A 1 64 ? -11.280 7.815   -3.862  1.00 22.76 ? 881 LYS A CD  1 
ATOM   554 C CE  . LYS A 1 64 ? -10.248 8.099   -4.922  1.00 22.98 ? 881 LYS A CE  1 
ATOM   555 N NZ  . LYS A 1 64 ? -10.379 9.429   -5.604  1.00 23.99 ? 881 LYS A NZ  1 
ATOM   556 N N   . ARG A 1 65 ? -11.328 2.846   -2.544  1.00 13.55 ? 882 ARG A N   1 
ATOM   557 C CA  . ARG A 1 65 ? -10.782 1.663   -3.183  1.00 14.77 ? 882 ARG A CA  1 
ATOM   558 C C   . ARG A 1 65 ? -10.173 1.991   -4.555  1.00 13.63 ? 882 ARG A C   1 
ATOM   559 O O   . ARG A 1 65 ? -10.620 2.933   -5.216  1.00 13.80 ? 882 ARG A O   1 
ATOM   560 C CB  . ARG A 1 65 ? -11.849 0.544   -3.262  1.00 13.94 ? 882 ARG A CB  1 
ATOM   561 C CG  . ARG A 1 65 ? -12.981 0.794   -4.255  1.00 16.43 ? 882 ARG A CG  1 
ATOM   562 C CD  . ARG A 1 65 ? -14.195 -0.143  -4.068  1.00 18.61 ? 882 ARG A CD  1 
ATOM   563 N NE  . ARG A 1 65 ? -15.096 0.399   -3.049  1.00 23.38 ? 882 ARG A NE  1 
ATOM   564 C CZ  . ARG A 1 65 ? -15.977 -0.367  -2.383  1.00 26.40 ? 882 ARG A CZ  1 
ATOM   565 N NH1 . ARG A 1 65 ? -16.025 -1.689  -2.645  1.00 29.19 ? 882 ARG A NH1 1 
ATOM   566 N NH2 . ARG A 1 65 ? -16.781 0.147   -1.449  1.00 23.91 ? 882 ARG A NH2 1 
ATOM   567 N N   . PRO A 1 66 ? -9.160  1.219   -5.003  1.00 13.52 ? 883 PRO A N   1 
ATOM   568 C CA  . PRO A 1 66 ? -8.696  1.341   -6.391  1.00 14.42 ? 883 PRO A CA  1 
ATOM   569 C C   . PRO A 1 66 ? -9.726  0.698   -7.307  1.00 15.17 ? 883 PRO A C   1 
ATOM   570 O O   . PRO A 1 66 ? -10.482 -0.208  -6.875  1.00 17.35 ? 883 PRO A O   1 
ATOM   571 C CB  . PRO A 1 66 ? -7.408  0.511   -6.425  1.00 14.17 ? 883 PRO A CB  1 
ATOM   572 C CG  . PRO A 1 66 ? -7.547  -0.493  -5.336  1.00 13.72 ? 883 PRO A CG  1 
ATOM   573 C CD  . PRO A 1 66 ? -8.472  0.116   -4.282  1.00 13.72 ? 883 PRO A CD  1 
ATOM   574 N N   . LEU A 1 67 ? -9.776  1.161   -8.540  1.00 15.57 ? 884 LEU A N   1 
ATOM   575 C CA  . LEU A 1 67 ? -10.674 0.545   -9.551  1.00 17.11 ? 884 LEU A CA  1 
ATOM   576 C C   . LEU A 1 67 ? -9.850  0.169   -10.734 1.00 18.65 ? 884 LEU A C   1 
ATOM   577 O O   . LEU A 1 67 ? -10.328 -0.474  -11.647 1.00 21.29 ? 884 LEU A O   1 
ATOM   578 C CB  . LEU A 1 67 ? -11.745 1.538   -9.993  1.00 17.02 ? 884 LEU A CB  1 
ATOM   579 C CG  . LEU A 1 67 ? -12.659 2.064   -8.883  1.00 16.45 ? 884 LEU A CG  1 
ATOM   580 C CD1 . LEU A 1 67 ? -13.484 3.210   -9.462  1.00 14.99 ? 884 LEU A CD1 1 
ATOM   581 C CD2 . LEU A 1 67 ? -13.502 0.932   -8.269  1.00 16.35 ? 884 LEU A CD2 1 
ATOM   582 O OXT . LEU A 1 67 ? -8.681  0.546   -10.829 1.00 22.37 ? 884 LEU A OXT 1 
ATOM   583 N N   . VAL B 2 1  ? 0.206   -2.275  17.525  1.00 24.12 ? 45  VAL B N   1 
ATOM   584 C CA  . VAL B 2 1  ? 1.333   -3.175  17.097  1.00 22.96 ? 45  VAL B CA  1 
ATOM   585 C C   . VAL B 2 1  ? 1.087   -3.514  15.642  1.00 22.43 ? 45  VAL B C   1 
ATOM   586 O O   . VAL B 2 1  ? -0.048  -3.843  15.300  1.00 24.14 ? 45  VAL B O   1 
ATOM   587 C CB  . VAL B 2 1  ? 1.319   -4.471  17.938  1.00 22.44 ? 45  VAL B CB  1 
ATOM   588 C CG1 . VAL B 2 1  ? 2.419   -5.465  17.482  1.00 23.42 ? 45  VAL B CG1 1 
ATOM   589 C CG2 . VAL B 2 1  ? 1.448   -4.156  19.431  1.00 21.58 ? 45  VAL B CG2 1 
ATOM   590 N N   . PRO B 2 2  ? 2.129   -3.453  14.781  1.00 21.46 ? 46  PRO B N   1 
ATOM   591 C CA  . PRO B 2 2  ? 1.943   -3.851  13.375  1.00 19.94 ? 46  PRO B CA  1 
ATOM   592 C C   . PRO B 2 2  ? 1.569   -5.345  13.272  1.00 20.30 ? 46  PRO B C   1 
ATOM   593 O O   . PRO B 2 2  ? 2.206   -6.172  13.964  1.00 21.34 ? 46  PRO B O   1 
ATOM   594 C CB  . PRO B 2 2  ? 3.315   -3.608  12.752  1.00 20.45 ? 46  PRO B CB  1 
ATOM   595 C CG  . PRO B 2 2  ? 4.097   -2.816  13.770  1.00 22.19 ? 46  PRO B CG  1 
ATOM   596 C CD  . PRO B 2 2  ? 3.529   -3.060  15.098  1.00 20.77 ? 46  PRO B CD  1 
ATOM   597 N N   . PRO B 2 3  ? 0.549   -5.689  12.441  1.00 20.01 ? 47  PRO B N   1 
ATOM   598 C CA  . PRO B 2 3  ? 0.087   -7.070  12.269  1.00 20.35 ? 47  PRO B CA  1 
ATOM   599 C C   . PRO B 2 3  ? 1.169   -7.894  11.534  1.00 20.94 ? 47  PRO B C   1 
ATOM   600 O O   . PRO B 2 3  ? 2.047   -7.349  10.906  1.00 18.62 ? 47  PRO B O   1 
ATOM   601 C CB  . PRO B 2 3  ? -1.144  -6.930  11.361  1.00 20.70 ? 47  PRO B CB  1 
ATOM   602 C CG  . PRO B 2 3  ? -0.933  -5.675  10.636  1.00 21.05 ? 47  PRO B CG  1 
ATOM   603 C CD  . PRO B 2 3  ? -0.179  -4.755  11.560  1.00 19.05 ? 47  PRO B CD  1 
ATOM   604 N N   . PRO B 2 4  ? 1.057   -9.223  11.599  1.00 22.00 ? 48  PRO B N   1 
ATOM   605 C CA  . PRO B 2 4  ? 2.056   -10.065 10.929  1.00 20.47 ? 48  PRO B CA  1 
ATOM   606 C C   . PRO B 2 4  ? 1.904   -9.865  9.436   1.00 19.36 ? 48  PRO B C   1 
ATOM   607 O O   . PRO B 2 4  ? 0.799   -9.560  8.954   1.00 20.94 ? 48  PRO B O   1 
ATOM   608 C CB  . PRO B 2 4  ? 1.616   -11.475 11.301  1.00 21.68 ? 48  PRO B CB  1 
ATOM   609 C CG  . PRO B 2 4  ? 0.049   -11.330 11.489  1.00 22.78 ? 48  PRO B CG  1 
ATOM   610 C CD  . PRO B 2 4  ? -0.034  -10.002 12.226  1.00 23.68 ? 48  PRO B CD  1 
ATOM   611 N N   . VAL B 2 5  ? 2.993   -9.989  8.708   1.00 18.25 ? 49  VAL B N   1 
ATOM   612 C CA  . VAL B 2 5  ? 2.967   -9.818  7.261   1.00 16.39 ? 49  VAL B CA  1 
ATOM   613 C C   . VAL B 2 5  ? 2.627   -11.173 6.681   1.00 16.05 ? 49  VAL B C   1 
ATOM   614 O O   . VAL B 2 5  ? 3.286   -12.185 7.027   1.00 16.82 ? 49  VAL B O   1 
ATOM   615 C CB  . VAL B 2 5  ? 4.362   -9.364  6.728   1.00 16.66 ? 49  VAL B CB  1 
ATOM   616 C CG1 . VAL B 2 5  ? 4.329   -9.136  5.241   1.00 15.49 ? 49  VAL B CG1 1 
ATOM   617 C CG2 . VAL B 2 5  ? 4.838   -8.116  7.481   1.00 17.60 ? 49  VAL B CG2 1 
ATOM   618 N N   . PRO B 2 6  ? 1.596   -11.217 5.821   1.00 14.34 ? 50  PRO B N   1 
ATOM   619 C CA  . PRO B 2 6  ? 1.171   -12.468 5.182   1.00 15.31 ? 50  PRO B CA  1 
ATOM   620 C C   . PRO B 2 6  ? 2.137   -12.894 4.060   1.00 13.69 ? 50  PRO B C   1 
ATOM   621 O O   . PRO B 2 6  ? 2.956   -12.088 3.630   1.00 14.18 ? 50  PRO B O   1 
ATOM   622 C CB  . PRO B 2 6  ? -0.185  -12.085 4.557   1.00 15.08 ? 50  PRO B CB  1 
ATOM   623 C CG  . PRO B 2 6  ? -0.017  -10.650 4.202   1.00 15.15 ? 50  PRO B CG  1 
ATOM   624 C CD  . PRO B 2 6  ? 0.775   -10.065 5.372   1.00 14.71 ? 50  PRO B CD  1 
ATOM   625 N N   . PRO B 2 7  ? 2.019   -14.138 3.565   1.00 13.54 ? 51  PRO B N   1 
ATOM   626 C CA  . PRO B 2 7  ? 2.755   -14.588 2.360   1.00 13.72 ? 51  PRO B CA  1 
ATOM   627 C C   . PRO B 2 7  ? 2.420   -13.647 1.216   1.00 12.95 ? 51  PRO B C   1 
ATOM   628 O O   . PRO B 2 7  ? 1.280   -13.114 1.164   1.00 15.40 ? 51  PRO B O   1 
ATOM   629 C CB  . PRO B 2 7  ? 2.180   -16.013 2.085   1.00 14.74 ? 51  PRO B CB  1 
ATOM   630 C CG  . PRO B 2 7  ? 1.651   -16.465 3.423   1.00 15.46 ? 51  PRO B CG  1 
ATOM   631 C CD  . PRO B 2 7  ? 1.140   -15.196 4.107   1.00 15.52 ? 51  PRO B CD  1 
ATOM   632 N N   . PRO B 2 8  ? 3.384   -13.376 0.337   1.00 13.29 ? 52  PRO B N   1 
ATOM   633 C CA  . PRO B 2 8  ? 3.115   -12.520 -0.828  1.00 13.34 ? 52  PRO B CA  1 
ATOM   634 C C   . PRO B 2 8  ? 2.035   -13.154 -1.699  1.00 15.21 ? 52  PRO B C   1 
ATOM   635 O O   . PRO B 2 8  ? 1.709   -14.345 -1.499  1.00 15.76 ? 52  PRO B O   1 
ATOM   636 C CB  . PRO B 2 8  ? 4.432   -12.578 -1.616  1.00 14.50 ? 52  PRO B CB  1 
ATOM   637 C CG  . PRO B 2 8  ? 5.447   -13.219 -0.750  1.00 14.39 ? 52  PRO B CG  1 
ATOM   638 C CD  . PRO B 2 8  ? 4.791   -13.820 0.422   1.00 12.66 ? 52  PRO B CD  1 
ATOM   639 N N   . PRO B 2 9  ? 1.515   -12.425 -2.693  1.00 16.41 ? 53  PRO B N   1 
ATOM   640 C CA  . PRO B 2 9  ? 0.529   -12.994 -3.587  1.00 18.27 ? 53  PRO B CA  1 
ATOM   641 C C   . PRO B 2 9  ? 1.067   -14.185 -4.378  1.00 21.69 ? 53  PRO B C   1 
ATOM   642 O O   . PRO B 2 9  ? 2.267   -14.233 -4.725  1.00 21.45 ? 53  PRO B O   1 
ATOM   643 C CB  . PRO B 2 9  ? 0.227   -11.846 -4.554  1.00 18.97 ? 53  PRO B CB  1 
ATOM   644 C CG  . PRO B 2 9  ? 0.679   -10.626 -3.917  1.00 18.09 ? 53  PRO B CG  1 
ATOM   645 C CD  . PRO B 2 9  ? 1.802   -11.020 -3.039  1.00 16.70 ? 53  PRO B CD  1 
ATOM   646 N N   . SER B 2 10 ? 0.176   -15.136 -4.640  1.00 24.48 ? 54  SER B N   1 
ATOM   647 C CA  . SER B 2 10 ? 0.515   -16.353 -5.413  1.00 31.09 ? 54  SER B CA  1 
ATOM   648 C C   . SER B 2 10 ? 0.596   -16.107 -6.913  1.00 31.89 ? 54  SER B C   1 
ATOM   649 O O   . SER B 2 10 ? 0.385   -17.059 -7.677  1.00 34.83 ? 54  SER B O   1 
ATOM   650 C CB  . SER B 2 10 ? -0.512  -17.505 -5.191  1.00 32.19 ? 54  SER B CB  1 
ATOM   651 O OG  . SER B 2 10 ? -0.551  -17.945 -3.846  1.00 37.50 ? 54  SER B OG  1 
HETATM 652 O O   . HOH C 3 .  ? 9.626   3.203   -0.382  1.00 14.74 ? 885 HOH A O   1 
HETATM 653 O O   . HOH C 3 .  ? -6.297  3.264   11.266  1.00 15.27 ? 886 HOH A O   1 
HETATM 654 O O   . HOH C 3 .  ? -3.195  -7.832  4.595   1.00 18.14 ? 887 HOH A O   1 
HETATM 655 O O   . HOH C 3 .  ? -14.140 3.125   -2.285  1.00 16.88 ? 888 HOH A O   1 
HETATM 656 O O   . HOH C 3 .  ? -11.665 -2.261  -5.621  1.00 19.04 ? 889 HOH A O   1 
HETATM 657 O O   . HOH C 3 .  ? -2.704  -10.029 6.174   1.00 17.19 ? 890 HOH A O   1 
HETATM 658 O O   . HOH C 3 .  ? 9.496   1.560   7.388   1.00 21.31 ? 891 HOH A O   1 
HETATM 659 O O   . HOH C 3 .  ? 10.655  -0.038  -0.666  1.00 16.57 ? 892 HOH A O   1 
HETATM 660 O O   . HOH C 3 .  ? 10.448  12.803  -4.604  1.00 19.39 ? 893 HOH A O   1 
HETATM 661 O O   . HOH C 3 .  ? -9.264  -8.004  1.086   1.00 18.11 ? 894 HOH A O   1 
HETATM 662 O O   . HOH C 3 .  ? 2.671   4.472   -11.441 1.00 24.17 ? 895 HOH A O   1 
HETATM 663 O O   . HOH C 3 .  ? 5.136   -2.287  -8.307  1.00 23.89 ? 896 HOH A O   1 
HETATM 664 O O   . HOH C 3 .  ? -5.995  8.504   -5.300  1.00 20.20 ? 897 HOH A O   1 
HETATM 665 O O   . HOH C 3 .  ? -6.200  2.322   -10.373 1.00 20.49 ? 898 HOH A O   1 
HETATM 666 O O   . HOH C 3 .  ? 7.893   -8.025  3.021   1.00 24.46 ? 899 HOH A O   1 
HETATM 667 O O   . HOH C 3 .  ? 6.014   -4.705  -6.999  1.00 23.36 ? 900 HOH A O   1 
HETATM 668 O O   . HOH C 3 .  ? -5.094  -15.423 -2.944  1.00 19.82 ? 901 HOH A O   1 
HETATM 669 O O   . HOH C 3 .  ? 11.423  -11.850 7.098   1.00 21.53 ? 902 HOH A O   1 
HETATM 670 O O   . HOH C 3 .  ? -2.907  -14.480 -4.249  1.00 21.98 ? 903 HOH A O   1 
HETATM 671 O O   . HOH C 3 .  ? -7.098  -12.527 4.848   1.00 25.70 ? 904 HOH A O   1 
HETATM 672 O O   . HOH C 3 .  ? -8.837  -2.922  2.522   1.00 23.05 ? 905 HOH A O   1 
HETATM 673 O O   . HOH C 3 .  ? 7.069   -4.491  8.685   1.00 25.70 ? 906 HOH A O   1 
HETATM 674 O O   . HOH C 3 .  ? 4.786   1.475   13.255  1.00 21.78 ? 907 HOH A O   1 
HETATM 675 O O   . HOH C 3 .  ? -2.459  -13.873 -0.657  1.00 22.56 ? 908 HOH A O   1 
HETATM 676 O O   A HOH C 3 .  ? 11.200  -2.892  0.417   0.50 19.75 ? 909 HOH A O   1 
HETATM 677 O O   B HOH C 3 .  ? 11.307  -2.422  -1.001  0.50 14.72 ? 909 HOH A O   1 
HETATM 678 O O   . HOH C 3 .  ? -10.451 2.034   9.602   1.00 22.35 ? 910 HOH A O   1 
HETATM 679 O O   . HOH C 3 .  ? -4.980  -3.482  10.361  1.00 24.58 ? 911 HOH A O   1 
HETATM 680 O O   . HOH C 3 .  ? -10.226 -1.599  -1.325  1.00 22.82 ? 912 HOH A O   1 
HETATM 681 O O   . HOH C 3 .  ? 0.190   9.088   -6.926  1.00 27.52 ? 913 HOH A O   1 
HETATM 682 O O   . HOH C 3 .  ? 6.036   8.486   10.489  1.00 22.84 ? 914 HOH A O   1 
HETATM 683 O O   . HOH C 3 .  ? 8.146   10.229  6.108   1.00 24.21 ? 915 HOH A O   1 
HETATM 684 O O   . HOH C 3 .  ? 7.641   9.875   8.754   1.00 31.96 ? 916 HOH A O   1 
HETATM 685 O O   . HOH C 3 .  ? -7.533  -2.145  4.838   1.00 26.93 ? 917 HOH A O   1 
HETATM 686 O O   . HOH C 3 .  ? 5.160   10.819  2.343   1.00 26.75 ? 918 HOH A O   1 
HETATM 687 O O   . HOH C 3 .  ? -14.510 -3.354  -4.202  1.00 34.85 ? 919 HOH A O   1 
HETATM 688 O O   . HOH C 3 .  ? 7.815   -10.716 -2.541  1.00 29.42 ? 920 HOH A O   1 
HETATM 689 O O   . HOH C 3 .  ? 2.867   1.416   15.491  1.00 36.23 ? 921 HOH A O   1 
HETATM 690 O O   . HOH C 3 .  ? -8.425  -0.371  -13.909 1.00 39.31 ? 922 HOH A O   1 
HETATM 691 O O   . HOH C 3 .  ? -5.895  -12.537 -7.255  1.00 29.12 ? 923 HOH A O   1 
HETATM 692 O O   . HOH C 3 .  ? -5.350  -17.209 -0.324  1.00 27.24 ? 924 HOH A O   1 
HETATM 693 O O   . HOH C 3 .  ? -4.374  -17.969 -5.125  1.00 35.62 ? 925 HOH A O   1 
HETATM 694 O O   . HOH C 3 .  ? -4.616  -17.727 -2.622  1.00 36.97 ? 926 HOH A O   1 
HETATM 695 O O   . HOH C 3 .  ? 9.004   3.288   -9.383  1.00 28.32 ? 927 HOH A O   1 
HETATM 696 O O   . HOH C 3 .  ? -2.421  9.815   -2.828  1.00 30.35 ? 928 HOH A O   1 
HETATM 697 O O   . HOH C 3 .  ? 10.305  2.131   -2.471  1.00 30.83 ? 929 HOH A O   1 
HETATM 698 O O   . HOH C 3 .  ? 8.399   -2.286  -6.852  1.00 26.06 ? 930 HOH A O   1 
HETATM 699 O O   . HOH C 3 .  ? 6.747   -10.136 1.506   1.00 25.28 ? 931 HOH A O   1 
HETATM 700 O O   . HOH C 3 .  ? 7.276   6.095   11.705  1.00 30.24 ? 932 HOH A O   1 
HETATM 701 O O   . HOH C 3 .  ? -14.567 5.250   -0.559  1.00 29.86 ? 933 HOH A O   1 
HETATM 702 O O   . HOH C 3 .  ? 13.947  0.710   7.890   1.00 28.99 ? 934 HOH A O   1 
HETATM 703 O O   . HOH C 3 .  ? 12.721  5.378   12.501  1.00 33.41 ? 935 HOH A O   1 
HETATM 704 O O   . HOH C 3 .  ? -9.667  -3.190  -12.812 1.00 35.15 ? 936 HOH A O   1 
HETATM 705 O O   . HOH C 3 .  ? 9.332   0.640   -8.598  1.00 31.44 ? 937 HOH A O   1 
HETATM 706 O O   . HOH C 3 .  ? 9.725   2.020   -5.032  1.00 34.04 ? 938 HOH A O   1 
HETATM 707 O O   . HOH C 3 .  ? -4.001  -14.365 -6.603  1.00 32.71 ? 939 HOH A O   1 
HETATM 708 O O   . HOH C 3 .  ? 5.685   4.197   14.368  1.00 39.01 ? 940 HOH A O   1 
HETATM 709 O O   . HOH C 3 .  ? -6.659  -1.317  -10.805 1.00 32.68 ? 941 HOH A O   1 
HETATM 710 O O   . HOH C 3 .  ? -11.849 -4.678  -12.898 1.00 31.59 ? 942 HOH A O   1 
HETATM 711 O O   . HOH C 3 .  ? 3.461   -3.039  -11.604 1.00 35.88 ? 943 HOH A O   1 
HETATM 712 O O   . HOH C 3 .  ? 4.885   -9.651  -0.897  1.00 29.45 ? 944 HOH A O   1 
HETATM 713 O O   . HOH C 3 .  ? 9.752   4.926   13.775  1.00 40.32 ? 945 HOH A O   1 
HETATM 714 O O   . HOH C 3 .  ? 9.810   -0.408  -3.614  1.00 34.54 ? 946 HOH A O   1 
HETATM 715 O O   . HOH C 3 .  ? -5.925  -5.424  -11.708 1.00 42.39 ? 947 HOH A O   1 
HETATM 716 O O   . HOH C 3 .  ? -10.280 -3.132  -3.687  1.00 30.77 ? 948 HOH A O   1 
HETATM 717 O O   . HOH C 3 .  ? 11.718  2.786   13.844  1.00 37.77 ? 949 HOH A O   1 
HETATM 718 O O   . HOH C 3 .  ? -7.108  -4.396  8.941   1.00 38.41 ? 950 HOH A O   1 
HETATM 719 O O   A HOH C 3 .  ? -11.535 3.009   6.832   0.50 24.52 ? 951 HOH A O   1 
HETATM 720 O O   B HOH C 3 .  ? -11.062 4.441   6.466   0.50 23.13 ? 951 HOH A O   1 
HETATM 721 O O   . HOH C 3 .  ? 13.494  -3.561  3.879   1.00 34.65 ? 952 HOH A O   1 
HETATM 722 O O   . HOH C 3 .  ? -6.089  -15.685 2.450   1.00 33.53 ? 953 HOH A O   1 
HETATM 723 O O   . HOH C 3 .  ? 6.595   3.450   -10.571 1.00 30.31 ? 954 HOH A O   1 
HETATM 724 O O   . HOH C 3 .  ? 8.293   -6.747  7.449   0.70 24.00 ? 955 HOH A O   1 
HETATM 725 O O   . HOH C 3 .  ? 11.960  -10.254 9.049   1.00 37.22 ? 956 HOH A O   1 
HETATM 726 O O   . HOH C 3 .  ? -6.939  -6.379  -9.411  1.00 31.98 ? 957 HOH A O   1 
HETATM 727 O O   . HOH C 3 .  ? 6.953   -2.505  11.211  1.00 31.94 ? 958 HOH A O   1 
HETATM 728 O O   . HOH C 3 .  ? 12.915  3.505   16.504  1.00 37.95 ? 959 HOH A O   1 
HETATM 729 O O   . HOH C 3 .  ? -1.101  11.517  -11.552 1.00 37.76 ? 960 HOH A O   1 
HETATM 730 O O   A HOH C 3 .  ? 2.475   10.627  1.285   0.50 18.05 ? 961 HOH A O   1 
HETATM 731 O O   B HOH C 3 .  ? 2.657   11.388  3.024   0.50 20.52 ? 961 HOH A O   1 
HETATM 732 O O   . HOH D 3 .  ? -1.671  -8.902  8.496   1.00 16.99 ? 55  HOH B O   1 
HETATM 733 O O   . HOH D 3 .  ? -1.196  -13.845 1.678   1.00 18.39 ? 56  HOH B O   1 
HETATM 734 O O   . HOH D 3 .  ? 4.905   -13.095 9.098   1.00 27.12 ? 57  HOH B O   1 
HETATM 735 O O   . HOH D 3 .  ? -3.610  -9.532  10.460  1.00 23.26 ? 58  HOH B O   1 
HETATM 736 O O   . HOH D 3 .  ? -2.205  -16.260 3.089   1.00 28.70 ? 59  HOH B O   1 
HETATM 737 O O   . HOH D 3 .  ? -1.196  -18.634 2.837   1.00 28.72 ? 60  HOH B O   1 
HETATM 738 O O   . HOH D 3 .  ? 1.304   0.130   16.797  1.00 32.30 ? 61  HOH B O   1 
HETATM 739 O O   . HOH D 3 .  ? -4.911  -7.046  11.270  1.00 30.34 ? 62  HOH B O   1 
HETATM 740 O O   . HOH D 3 .  ? -2.448  -3.274  18.032  1.00 40.16 ? 63  HOH B O   1 
HETATM 741 O O   . HOH D 3 .  ? 4.575   -13.660 -4.955  1.00 29.20 ? 64  HOH B O   1 
HETATM 742 O O   . HOH D 3 .  ? 0.931   -12.227 -8.040  1.00 38.13 ? 65  HOH B O   1 
HETATM 743 O O   . HOH D 3 .  ? -0.902  -15.905 -1.392  1.00 31.30 ? 66  HOH B O   1 
HETATM 744 O O   . HOH D 3 .  ? 5.345   -9.550  13.275  1.00 42.04 ? 67  HOH B O   1 
HETATM 745 O O   . HOH D 3 .  ? 2.613   -13.678 -7.231  1.00 34.98 ? 68  HOH B O   1 
HETATM 746 O O   A HOH D 3 .  ? 5.014   -10.923 10.592  0.50 22.54 ? 69  HOH B O   1 
HETATM 747 O O   B HOH D 3 .  ? 6.026   -10.126 10.312  0.50 25.20 ? 69  HOH B O   1 
HETATM 748 O O   . HOH D 3 .  ? 5.215   -11.019 -5.149  1.00 33.70 ? 70  HOH B O   1 
# 
loop_
_atom_site_anisotrop.id 
_atom_site_anisotrop.type_symbol 
_atom_site_anisotrop.pdbx_label_atom_id 
_atom_site_anisotrop.pdbx_label_alt_id 
_atom_site_anisotrop.pdbx_label_comp_id 
_atom_site_anisotrop.pdbx_label_asym_id 
_atom_site_anisotrop.pdbx_label_seq_id 
_atom_site_anisotrop.pdbx_PDB_ins_code 
_atom_site_anisotrop.U[1][1] 
_atom_site_anisotrop.U[2][2] 
_atom_site_anisotrop.U[3][3] 
_atom_site_anisotrop.U[1][2] 
_atom_site_anisotrop.U[1][3] 
_atom_site_anisotrop.U[2][3] 
_atom_site_anisotrop.pdbx_auth_seq_id 
_atom_site_anisotrop.pdbx_auth_comp_id 
_atom_site_anisotrop.pdbx_auth_asym_id 
_atom_site_anisotrop.pdbx_auth_atom_id 
1   N N   . GLY A 1  ? 0.5406  0.9200 0.7343 -0.1586 -0.1340 0.1219  818 GLY A N   
2   C CA  . GLY A 1  ? 0.5399  0.9080 0.7370 -0.1520 -0.1299 0.1229  818 GLY A CA  
3   C C   . GLY A 1  ? 0.5293  0.8719 0.7387 -0.1467 -0.1187 0.1274  818 GLY A C   
4   O O   . GLY A 1  ? 0.5324  0.8910 0.7446 -0.1571 -0.1239 0.1216  818 GLY A O   
5   N N   . ILE A 2  ? 0.5032  0.7820 0.7335 -0.1319 -0.0951 0.1338  819 ILE A N   
6   C CA  . ILE A 2  ? 0.4649  0.6701 0.7179 -0.1204 -0.0652 0.1423  819 ILE A CA  
7   C C   . ILE A 2  ? 0.4189  0.6088 0.7018 -0.1065 -0.0381 0.1500  819 ILE A C   
8   O O   . ILE A 2  ? 0.4271  0.5957 0.7110 -0.1090 -0.0372 0.1578  819 ILE A O   
9   C CB  . ILE A 2  ? 0.4716  0.6526 0.7184 -0.1297 -0.0685 0.1480  819 ILE A CB  
10  C CG1 . ILE A 2  ? 0.4863  0.6242 0.6901 -0.1341 -0.0554 0.1706  819 ILE A CG1 
11  C CG2 . ILE A 2  ? 0.4646  0.6364 0.7272 -0.1501 -0.0535 0.1478  819 ILE A CG2 
12  C CD1 . ILE A 2  ? 0.4990  0.6107 0.6324 -0.1480 -0.0438 0.1794  819 ILE A CD1 
13  N N   . ASP A 3  ? 0.3653  0.5428 0.6670 -0.0824 0.0009  0.1493  820 ASP A N   
14  C CA  . ASP A 3  ? 0.3262  0.4721 0.6217 -0.0487 0.0369  0.1382  820 ASP A CA  
15  C C   . ASP A 3  ? 0.2918  0.3900 0.5934 -0.0373 0.0430  0.1145  820 ASP A C   
16  O O   . ASP A 3  ? 0.2754  0.3447 0.5912 -0.0458 0.0308  0.1108  820 ASP A O   
17  C CB  . ASP A 3  ? 0.3159  0.4971 0.6168 -0.0427 0.0527  0.1427  820 ASP A CB  
18  C CG  . ASP A 3  ? 0.3399  0.5621 0.5971 -0.0008 0.0839  0.1574  820 ASP A CG  
19  O OD1 . ASP A 3  ? 0.3729  0.5783 0.5488 0.0556  0.1431  0.1673  820 ASP A OD1 
20  O OD2 . ASP A 3  ? 0.3820  0.6964 0.5775 0.0155  0.0833  0.1817  820 ASP A OD2 
21  N N   . PRO A 4  ? 0.2648  0.3114 0.5515 -0.0153 0.0474  0.1091  821 PRO A N   
22  C CA  . PRO A 4  ? 0.2380  0.2864 0.4889 0.0082  0.0412  0.0848  821 PRO A CA  
23  C C   . PRO A 4  ? 0.1983  0.2274 0.3851 0.0084  0.0184  0.0700  821 PRO A C   
24  O O   . PRO A 4  ? 0.1667  0.2278 0.3690 0.0188  0.0189  0.0482  821 PRO A O   
25  C CB  . PRO A 4  ? 0.2474  0.2885 0.4829 0.0117  0.0453  0.1004  821 PRO A CB  
26  C CG  . PRO A 4  ? 0.2642  0.3169 0.5548 -0.0109 0.0571  0.1021  821 PRO A CG  
27  C CD  . PRO A 4  ? 0.2817  0.3383 0.5647 -0.0161 0.0562  0.1023  821 PRO A CD  
28  N N   . PHE A 5  ? 0.1587  0.1933 0.2762 0.0201  -0.0177 0.0328  822 PHE A N   
29  C CA  . PHE A 5  ? 0.1896  0.2055 0.2105 -0.0015 -0.0396 0.0162  822 PHE A CA  
30  C C   . PHE A 5  ? 0.1694  0.1801 0.1877 -0.0117 -0.0559 0.0194  822 PHE A C   
31  O O   . PHE A 5  ? 0.2374  0.2111 0.2313 -0.0263 -0.0909 0.0174  822 PHE A O   
32  C CB  . PHE A 5  ? 0.1933  0.2232 0.1939 0.0141  -0.0591 -0.0098 822 PHE A CB  
33  C CG  . PHE A 5  ? 0.2328  0.2835 0.1770 0.0304  -0.0692 0.0081  822 PHE A CG  
34  C CD1 . PHE A 5  ? 0.2270  0.3293 0.1774 0.0026  -0.0596 -0.0042 822 PHE A CD1 
35  C CD2 . PHE A 5  ? 0.2584  0.3741 0.2120 0.0468  -0.0700 -0.0242 822 PHE A CD2 
36  C CE1 . PHE A 5  ? 0.2269  0.3309 0.1679 -0.0095 -0.0891 0.0068  822 PHE A CE1 
37  C CE2 . PHE A 5  ? 0.2593  0.4097 0.2130 0.0144  -0.1151 -0.0316 822 PHE A CE2 
38  C CZ  . PHE A 5  ? 0.2153  0.3266 0.2237 0.0205  -0.0875 -0.0087 822 PHE A CZ  
39  N N   . THR A 6  ? 0.1602  0.1869 0.1964 -0.0200 -0.0471 0.0078  823 THR A N   
40  C CA  . THR A 6  ? 0.1433  0.1900 0.2005 -0.0354 -0.0523 0.0015  823 THR A CA  
41  C C   . THR A 6  ? 0.1393  0.1940 0.2034 -0.0214 -0.0476 0.0119  823 THR A C   
42  O O   . THR A 6  ? 0.1380  0.2145 0.2038 -0.0018 -0.0500 0.0004  823 THR A O   
43  C CB  . THR A 6  ? 0.1496  0.2102 0.2391 -0.0390 -0.0510 0.0052  823 THR A CB  
44  O OG1 . THR A 6  ? 0.2198  0.2226 0.3116 -0.0451 -0.0605 -0.0065 823 THR A OG1 
45  C CG2 . THR A 6  ? 0.1397  0.2619 0.2096 -0.0521 -0.0563 0.0020  823 THR A CG2 
46  N N   . GLY A 7  ? 0.1465  0.2115 0.1879 -0.0151 -0.0488 0.0135  824 GLY A N   
47  C CA  . GLY A 7  ? 0.1605  0.1944 0.1827 -0.0024 -0.0513 0.0097  824 GLY A CA  
48  C C   . GLY A 7  ? 0.1657  0.1811 0.1929 -0.0134 -0.0530 -0.0010 824 GLY A C   
49  O O   . GLY A 7  ? 0.1717  0.2321 0.2016 -0.0179 -0.0372 -0.0009 824 GLY A O   
50  N N   . GLU A 8  ? 0.1625  0.1560 0.1751 0.0089  -0.0602 -0.0132 825 GLU A N   
51  C CA  . GLU A 8  ? 0.1507  0.1575 0.1934 -0.0038 -0.0581 -0.0085 825 GLU A CA  
52  C C   . GLU A 8  ? 0.1528  0.1669 0.1758 0.0030  -0.0449 -0.0129 825 GLU A C   
53  O O   . GLU A 8  ? 0.1395  0.1766 0.1704 0.0007  -0.0419 -0.0134 825 GLU A O   
54  C CB  . GLU A 8  ? 0.1916  0.1692 0.2333 -0.0164 -0.0517 -0.0414 825 GLU A CB  
55  C CG  . GLU A 8  ? 0.2418  0.2458 0.3084 -0.0966 -0.0219 -0.0175 825 GLU A CG  
56  C CD  . GLU A 8  ? 0.3657  0.3529 0.3806 -0.1464 0.0028  -0.0425 825 GLU A CD  
57  O OE1 . GLU A 8  ? 0.3646  0.4151 0.4094 -0.1666 -0.0026 -0.0399 825 GLU A OE1 
58  O OE2 . GLU A 8  ? 0.4403  0.3629 0.4072 -0.2028 0.0199  -0.0185 825 GLU A OE2 
59  N N   . ALA A 9  ? 0.1452  0.1413 0.1256 0.0079  -0.0409 -0.0134 826 ALA A N   
60  C CA  . ALA A 9  ? 0.1546  0.1528 0.1325 -0.0090 -0.0274 -0.0266 826 ALA A CA  
61  C C   . ALA A 9  ? 0.1552  0.1608 0.1365 -0.0193 -0.0201 -0.0227 826 ALA A C   
62  O O   . ALA A 9  ? 0.1630  0.1889 0.1634 -0.0262 -0.0136 -0.0024 826 ALA A O   
63  C CB  . ALA A 9  ? 0.1716  0.1227 0.1638 -0.0131 -0.0318 -0.0079 826 ALA A CB  
64  N N   . ILE A 10 ? 0.1380  0.1575 0.1134 -0.0095 -0.0122 -0.0323 827 ILE A N   
65  C CA  . ILE A 10 ? 0.1473  0.1600 0.1303 -0.0104 -0.0191 -0.0439 827 ILE A CA  
66  C C   . ILE A 10 ? 0.1245  0.1658 0.1382 -0.0023 -0.0082 -0.0356 827 ILE A C   
67  O O   . ILE A 10 ? 0.1195  0.1894 0.1805 0.0065  -0.0110 -0.0287 827 ILE A O   
68  C CB  . ILE A 10 ? 0.1787  0.1631 0.1517 -0.0010 -0.0272 -0.0461 827 ILE A CB  
69  C CG1 . ILE A 10 ? 0.2121  0.1939 0.1706 0.0195  -0.0486 -0.0537 827 ILE A CG1 
70  C CG2 . ILE A 10 ? 0.1928  0.1820 0.1282 -0.0002 -0.0384 -0.0820 827 ILE A CG2 
71  C CD1 . ILE A 10 ? 0.2535  0.3160 0.1659 0.0471  -0.0046 -0.0265 827 ILE A CD1 
72  N N   . ALA A 11 ? 0.1131  0.1609 0.1561 -0.0158 0.0028  -0.0333 828 ALA A N   
73  C CA  . ALA A 11 ? 0.0974  0.1809 0.1369 -0.0187 -0.0008 -0.0199 828 ALA A CA  
74  C C   . ALA A 11 ? 0.1261  0.1801 0.1558 -0.0188 0.0033  -0.0302 828 ALA A C   
75  O O   . ALA A 11 ? 0.1734  0.1665 0.1505 -0.0283 -0.0062 -0.0284 828 ALA A O   
76  C CB  . ALA A 11 ? 0.1220  0.1793 0.1861 -0.0193 0.0074  -0.0142 828 ALA A CB  
77  N N   . LYS A 12 ? 0.1337  0.1915 0.1327 -0.0180 0.0019  -0.0232 829 LYS A N   
78  C CA  . LYS A 12 ? 0.1384  0.1914 0.1515 -0.0240 -0.0094 -0.0213 829 LYS A CA  
79  C C   . LYS A 12 ? 0.1599  0.2001 0.1349 -0.0257 -0.0257 -0.0234 829 LYS A C   
80  O O   . LYS A 12 ? 0.1925  0.1884 0.1303 -0.0261 -0.0161 -0.0483 829 LYS A O   
81  C CB  . LYS A 12 ? 0.1194  0.1953 0.1607 -0.0302 0.0027  -0.0154 829 LYS A CB  
82  C CG  . LYS A 12 ? 0.1261  0.2094 0.1521 -0.0540 -0.0040 -0.0301 829 LYS A CG  
83  C CD  . LYS A 12 ? 0.1156  0.2448 0.3052 -0.0936 0.0326  -0.0522 829 LYS A CD  
84  C CE  . LYS A 12 ? 0.2445  0.2377 0.3481 -0.1229 0.0012  -0.0783 829 LYS A CE  
85  N NZ  . LYS A 12 ? 0.3099  0.2193 0.4948 -0.1596 0.0399  -0.0424 829 LYS A NZ  
86  N N   . PHE A 13 ? 0.1226  0.1950 0.1476 -0.0320 -0.0287 -0.0052 830 PHE A N   
87  C CA  . PHE A 13 ? 0.1294  0.2142 0.1638 -0.0323 -0.0264 0.0025  830 PHE A CA  
88  C C   . PHE A 13 ? 0.1308  0.2295 0.1565 -0.0201 -0.0203 -0.0110 830 PHE A C   
89  O O   . PHE A 13 ? 0.1466  0.2441 0.1631 -0.0343 -0.0224 -0.0036 830 PHE A O   
90  C CB  . PHE A 13 ? 0.1159  0.2335 0.1653 -0.0199 -0.0346 0.0068  830 PHE A CB  
91  C CG  . PHE A 13 ? 0.1586  0.2283 0.1926 -0.0088 -0.0126 0.0123  830 PHE A CG  
92  C CD1 . PHE A 13 ? 0.1952  0.2810 0.2281 0.0194  -0.0080 0.0034  830 PHE A CD1 
93  C CD2 . PHE A 13 ? 0.1164  0.2951 0.2117 -0.0047 -0.0082 0.0161  830 PHE A CD2 
94  C CE1 . PHE A 13 ? 0.1641  0.2773 0.2833 -0.0059 0.0093  0.0305  830 PHE A CE1 
95  C CE2 . PHE A 13 ? 0.1754  0.2542 0.2537 0.0005  0.0326  0.0121  830 PHE A CE2 
96  C CZ  . PHE A 13 ? 0.1839  0.2826 0.2526 0.0161  -0.0107 0.0021  830 PHE A CZ  
97  N N   . ASN A 14 ? 0.1297  0.2179 0.1725 -0.0411 -0.0170 -0.0212 831 ASN A N   
98  C CA  . ASN A 14 ? 0.1353  0.2048 0.1950 -0.0242 -0.0166 -0.0225 831 ASN A CA  
99  C C   . ASN A 14 ? 0.1470  0.1899 0.1906 -0.0259 -0.0098 -0.0079 831 ASN A C   
100 O O   . ASN A 14 ? 0.1631  0.2348 0.2082 -0.0151 0.0099  0.0014  831 ASN A O   
101 C CB  . ASN A 14 ? 0.1463  0.1898 0.1885 -0.0414 -0.0305 -0.0243 831 ASN A CB  
102 C CG  . ASN A 14 ? 0.1876  0.2368 0.2277 -0.0203 -0.0604 -0.0060 831 ASN A CG  
103 O OD1 . ASN A 14 ? 0.1984  0.2448 0.2681 -0.0314 -0.0913 0.0250  831 ASN A OD1 
104 N ND2 . ASN A 14 ? 0.2832  0.2616 0.2884 -0.0023 -0.0867 -0.0053 831 ASN A ND2 
105 N N   . PHE A 15 ? 0.1297  0.1763 0.1775 -0.0145 -0.0101 -0.0053 832 PHE A N   
106 C CA  . PHE A 15 ? 0.1317  0.1433 0.1637 0.0087  -0.0144 -0.0097 832 PHE A CA  
107 C C   . PHE A 15 ? 0.1444  0.1493 0.1743 0.0044  -0.0195 -0.0040 832 PHE A C   
108 O O   . PHE A 15 ? 0.1372  0.1502 0.1444 -0.0084 -0.0211 0.0027  832 PHE A O   
109 C CB  . PHE A 15 ? 0.1362  0.1260 0.1735 -0.0051 -0.0112 -0.0075 832 PHE A CB  
110 C CG  . PHE A 15 ? 0.1260  0.1244 0.1704 -0.0117 -0.0106 -0.0011 832 PHE A CG  
111 C CD1 . PHE A 15 ? 0.0975  0.0806 0.2109 -0.0592 -0.0387 -0.0016 832 PHE A CD1 
112 C CD2 . PHE A 15 ? 0.0817  0.1341 0.1509 -0.0516 -0.0179 0.0013  832 PHE A CD2 
113 C CE1 . PHE A 15 ? 0.1507  0.1040 0.1554 -0.0253 -0.0233 0.0289  832 PHE A CE1 
114 C CE2 . PHE A 15 ? 0.1115  0.1404 0.1752 -0.0640 0.0061  0.0368  832 PHE A CE2 
115 C CZ  . PHE A 15 ? 0.1280  0.1472 0.1951 -0.0512 -0.0346 0.0291  832 PHE A CZ  
116 N N   A ASN A 16 ? 0.1744  0.1558 0.2134 0.0129  -0.0111 -0.0149 833 ASN A N   
117 N N   B ASN A 16 ? 0.1655  0.1510 0.1890 0.0118  -0.0155 -0.0176 833 ASN A N   
118 C CA  A ASN A 16 ? 0.1880  0.1652 0.2273 0.0239  -0.0119 -0.0212 833 ASN A CA  
119 C CA  B ASN A 16 ? 0.1786  0.1508 0.1959 0.0188  -0.0187 -0.0275 833 ASN A CA  
120 C C   A ASN A 16 ? 0.2055  0.1545 0.2328 0.0237  -0.0080 -0.0209 833 ASN A C   
121 C C   B ASN A 16 ? 0.1940  0.1531 0.2109 0.0209  -0.0148 -0.0257 833 ASN A C   
122 O O   A ASN A 16 ? 0.2162  0.1559 0.2555 0.0227  -0.0103 -0.0205 833 ASN A O   
123 O O   B ASN A 16 ? 0.2050  0.1575 0.2221 0.0252  -0.0197 -0.0218 833 ASN A O   
124 C CB  A ASN A 16 ? 0.1936  0.1949 0.2520 0.0287  -0.0014 -0.0243 833 ASN A CB  
125 C CB  B ASN A 16 ? 0.1790  0.1604 0.1980 0.0201  -0.0150 -0.0335 833 ASN A CB  
126 C CG  A ASN A 16 ? 0.2519  0.2703 0.3135 0.0166  -0.0089 0.0021  833 ASN A CG  
127 C CG  B ASN A 16 ? 0.1784  0.1540 0.1840 0.0093  -0.0326 -0.0361 833 ASN A CG  
128 O OD1 A ASN A 16 ? 0.3001  0.3018 0.3200 -0.0278 0.0143  0.0260  833 ASN A OD1 
129 O OD1 B ASN A 16 ? 0.1940  0.2203 0.1278 0.0165  -0.0508 -0.0128 833 ASN A OD1 
130 N ND2 A ASN A 16 ? 0.2321  0.3291 0.3730 0.0206  -0.0279 0.0167  833 ASN A ND2 
131 N ND2 B ASN A 16 ? 0.1571  0.1759 0.1871 -0.0340 -0.0313 -0.0488 833 ASN A ND2 
132 N N   . GLY A 17 ? 0.1840  0.1592 0.2156 0.0177  -0.0248 -0.0293 834 GLY A N   
133 C CA  . GLY A 17 ? 0.1848  0.1611 0.2497 0.0082  -0.0166 -0.0275 834 GLY A CA  
134 C C   . GLY A 17 ? 0.1741  0.1736 0.2823 -0.0138 -0.0122 -0.0277 834 GLY A C   
135 O O   . GLY A 17 ? 0.1902  0.1972 0.2811 -0.0175 -0.0089 -0.0269 834 GLY A O   
136 N N   . ASP A 18 ? 0.1861  0.1862 0.3257 -0.0189 -0.0199 -0.0168 835 ASP A N   
137 C CA  . ASP A 18 ? 0.1967  0.2109 0.3539 -0.0153 -0.0057 0.0022  835 ASP A CA  
138 C C   . ASP A 18 ? 0.1952  0.2472 0.3828 -0.0121 -0.0059 0.0111  835 ASP A C   
139 O O   . ASP A 18 ? 0.2053  0.2823 0.4005 -0.0090 -0.0051 0.0266  835 ASP A O   
140 C CB  . ASP A 18 ? 0.2275  0.2098 0.3717 -0.0209 -0.0111 0.0029  835 ASP A CB  
141 C CG  . ASP A 18 ? 0.2632  0.2180 0.4204 -0.0137 -0.0245 0.0114  835 ASP A CG  
142 O OD1 . ASP A 18 ? 0.3561  0.3241 0.4465 0.0339  -0.0268 0.0248  835 ASP A OD1 
143 O OD2 . ASP A 18 ? 0.2892  0.2116 0.5112 -0.0583 0.0011  0.0320  835 ASP A OD2 
144 N N   . THR A 19 ? 0.1775  0.2732 0.3604 -0.0013 0.0019  0.0287  836 THR A N   
145 C CA  . THR A 19 ? 0.1861  0.3076 0.3790 0.0132  0.0095  0.0100  836 THR A CA  
146 C C   . THR A 19 ? 0.1765  0.3445 0.3570 -0.0055 0.0182  0.0341  836 THR A C   
147 O O   . THR A 19 ? 0.1709  0.3104 0.3480 -0.0040 0.0251  0.0384  836 THR A O   
148 C CB  . THR A 19 ? 0.1808  0.3000 0.3813 0.0111  0.0056  0.0074  836 THR A CB  
149 O OG1 . THR A 19 ? 0.2010  0.3165 0.3949 0.0343  0.0055  -0.0425 836 THR A OG1 
150 C CG2 . THR A 19 ? 0.2497  0.2886 0.3957 0.0169  0.0142  -0.0057 836 THR A CG2 
151 N N   . GLN A 20 ? 0.1606  0.3983 0.3343 -0.0183 0.0260  0.0381  837 GLN A N   
152 C CA  . GLN A 20 ? 0.1813  0.4362 0.3460 -0.0128 0.0293  0.0386  837 GLN A CA  
153 C C   . GLN A 20 ? 0.1991  0.3898 0.3140 -0.0136 0.0329  0.0196  837 GLN A C   
154 O O   . GLN A 20 ? 0.1977  0.3518 0.3237 -0.0090 0.0268  0.0099  837 GLN A O   
155 C CB  . GLN A 20 ? 0.2004  0.4857 0.3579 -0.0196 0.0298  0.0540  837 GLN A CB  
156 C CG  . GLN A 20 ? 0.2615  0.6426 0.4587 -0.0069 0.0359  0.0760  837 GLN A CG  
157 C CD  . GLN A 20 ? 0.3901  0.8149 0.5814 0.0175  0.0078  0.0985  837 GLN A CD  
158 O OE1 . GLN A 20 ? 0.4966  0.8500 0.6576 0.0002  0.0030  0.1098  837 GLN A OE1 
159 N NE2 . GLN A 20 ? 0.3593  0.8766 0.5846 0.0335  -0.0011 0.0620  837 GLN A NE2 
160 N N   . VAL A 21 ? 0.2095  0.3335 0.3081 0.0059  0.0468  -0.0032 838 VAL A N   
161 C CA  . VAL A 21 ? 0.1968  0.2701 0.2767 0.0051  0.0474  -0.0448 838 VAL A CA  
162 C C   . VAL A 21 ? 0.1935  0.2225 0.2511 0.0109  0.0486  -0.0293 838 VAL A C   
163 O O   . VAL A 21 ? 0.1639  0.1830 0.2230 0.0028  0.0441  -0.0228 838 VAL A O   
164 C CB  . VAL A 21 ? 0.2145  0.2901 0.3010 0.0195  0.0714  -0.0477 838 VAL A CB  
165 C CG1 . VAL A 21 ? 0.1897  0.2600 0.2980 -0.0018 0.0368  -0.0987 838 VAL A CG1 
166 C CG2 . VAL A 21 ? 0.2757  0.3297 0.3180 -0.0046 0.0609  -0.0843 838 VAL A CG2 
167 N N   . GLU A 22 ? 0.1787  0.1710 0.2320 0.0109  0.0297  -0.0269 839 GLU A N   
168 C CA  . GLU A 22 ? 0.1816  0.1413 0.2321 0.0066  0.0143  -0.0247 839 GLU A CA  
169 C C   . GLU A 22 ? 0.1596  0.1308 0.2260 0.0075  0.0112  -0.0226 839 GLU A C   
170 O O   . GLU A 22 ? 0.1472  0.1476 0.2702 0.0044  0.0117  -0.0548 839 GLU A O   
171 C CB  . GLU A 22 ? 0.1957  0.1500 0.2222 -0.0183 0.0073  -0.0242 839 GLU A CB  
172 C CG  . GLU A 22 ? 0.2398  0.1710 0.3130 -0.0119 0.0138  -0.0420 839 GLU A CG  
173 C CD  . GLU A 22 ? 0.2551  0.2102 0.4506 -0.0927 -0.0097 -0.0484 839 GLU A CD  
174 O OE1 . GLU A 22 ? 0.2682  0.2226 0.4794 -0.1062 -0.0384 -0.0709 839 GLU A OE1 
175 O OE2 . GLU A 22 ? 0.2697  0.3098 0.5633 -0.0751 0.0087  -0.0346 839 GLU A OE2 
176 N N   . MET A 23 ? 0.1443  0.1068 0.1898 0.0044  0.0060  -0.0014 840 MET A N   
177 C CA  . MET A 23 ? 0.1534  0.1062 0.1854 0.0070  -0.0007 0.0112  840 MET A CA  
178 C C   . MET A 23 ? 0.1301  0.1138 0.1846 0.0001  -0.0118 0.0126  840 MET A C   
179 O O   . MET A 23 ? 0.1469  0.1268 0.1564 -0.0299 -0.0236 0.0385  840 MET A O   
180 C CB  . MET A 23 ? 0.1706  0.1058 0.1862 0.0107  -0.0042 0.0046  840 MET A CB  
181 C CG  . MET A 23 ? 0.1416  0.0547 0.2383 -0.0125 0.0172  0.0347  840 MET A CG  
182 S SD  . MET A 23 ? 0.1759  0.1194 0.2037 -0.0098 -0.0040 0.0356  840 MET A SD  
183 C CE  . MET A 23 ? 0.1432  0.1955 0.3325 0.0386  0.0096  0.0559  840 MET A CE  
184 N N   . SER A 24 ? 0.1106  0.1191 0.1940 -0.0220 -0.0161 0.0046  841 SER A N   
185 C CA  . SER A 24 ? 0.0974  0.1157 0.1850 -0.0356 -0.0205 -0.0041 841 SER A CA  
186 C C   . SER A 24 ? 0.1101  0.1135 0.1741 -0.0417 -0.0152 -0.0071 841 SER A C   
187 O O   . SER A 24 ? 0.1216  0.1110 0.1614 -0.0405 -0.0267 -0.0138 841 SER A O   
188 C CB  . SER A 24 ? 0.0861  0.0910 0.2088 -0.0406 -0.0260 0.0140  841 SER A CB  
189 O OG  . SER A 24 ? 0.1368  0.1510 0.2110 -0.0183 -0.0195 0.0052  841 SER A OG  
190 N N   . PHE A 25 ? 0.1119  0.1252 0.1982 -0.0525 -0.0145 -0.0195 842 PHE A N   
191 C CA  . PHE A 25 ? 0.1138  0.1442 0.1884 -0.0473 -0.0198 -0.0230 842 PHE A CA  
192 C C   . PHE A 25 ? 0.1016  0.1350 0.1794 -0.0428 -0.0246 -0.0312 842 PHE A C   
193 O O   . PHE A 25 ? 0.1188  0.1589 0.1803 -0.0427 -0.0230 -0.0122 842 PHE A O   
194 C CB  . PHE A 25 ? 0.0932  0.1289 0.1808 -0.0501 -0.0274 -0.0188 842 PHE A CB  
195 C CG  . PHE A 25 ? 0.1194  0.1254 0.1747 -0.0624 -0.0052 -0.0230 842 PHE A CG  
196 C CD1 . PHE A 25 ? 0.1241  0.1117 0.1735 -0.0505 0.0108  -0.0249 842 PHE A CD1 
197 C CD2 . PHE A 25 ? 0.1141  0.0805 0.1673 -0.0472 -0.0219 -0.0097 842 PHE A CD2 
198 C CE1 . PHE A 25 ? 0.1105  0.0956 0.1836 -0.0588 -0.0573 -0.0202 842 PHE A CE1 
199 C CE2 . PHE A 25 ? 0.1129  0.0950 0.1440 -0.0581 -0.0045 0.0458  842 PHE A CE2 
200 C CZ  . PHE A 25 ? 0.1250  0.1057 0.1305 -0.0376 -0.0306 -0.0064 842 PHE A CZ  
201 N N   . ARG A 26 ? 0.1442  0.1564 0.2000 -0.0409 -0.0290 -0.0398 843 ARG A N   
202 C CA  . ARG A 26 ? 0.1567  0.1747 0.2011 -0.0419 -0.0235 -0.0452 843 ARG A CA  
203 C C   . ARG A 26 ? 0.1563  0.1623 0.2040 -0.0383 -0.0265 -0.0482 843 ARG A C   
204 O O   . ARG A 26 ? 0.1565  0.1764 0.2223 -0.0405 -0.0353 -0.0518 843 ARG A O   
205 C CB  . ARG A 26 ? 0.1420  0.1683 0.1936 -0.0487 -0.0215 -0.0487 843 ARG A CB  
206 C CG  . ARG A 26 ? 0.1315  0.2023 0.2195 -0.0647 -0.0374 -0.0210 843 ARG A CG  
207 C CD  . ARG A 26 ? 0.2531  0.2709 0.2377 -0.0494 -0.0156 -0.0413 843 ARG A CD  
208 N NE  . ARG A 26 ? 0.4149  0.4198 0.3579 -0.0791 -0.0916 -0.0405 843 ARG A NE  
209 C CZ  . ARG A 26 ? 0.4694  0.4429 0.3744 -0.1290 -0.1075 -0.0995 843 ARG A CZ  
210 N NH1 . ARG A 26 ? 0.5594  0.3901 0.4164 -0.1330 -0.1376 -0.1025 843 ARG A NH1 
211 N NH2 . ARG A 26 ? 0.5292  0.4961 0.4200 -0.1216 -0.0500 -0.0818 843 ARG A NH2 
212 N N   . LYS A 27 ? 0.1509  0.1790 0.1892 -0.0310 -0.0205 -0.0474 844 LYS A N   
213 C CA  . LYS A 27 ? 0.1654  0.1851 0.1987 -0.0186 -0.0117 -0.0524 844 LYS A CA  
214 C C   . LYS A 27 ? 0.1691  0.1956 0.2000 -0.0152 -0.0100 -0.0550 844 LYS A C   
215 O O   . LYS A 27 ? 0.1620  0.1909 0.2358 -0.0345 -0.0012 -0.0688 844 LYS A O   
216 C CB  . LYS A 27 ? 0.1709  0.2102 0.1983 -0.0102 -0.0297 -0.0427 844 LYS A CB  
217 C CG  . LYS A 27 ? 0.1944  0.3040 0.2021 -0.0335 -0.0102 -0.0150 844 LYS A CG  
218 C CD  . LYS A 27 ? 0.2313  0.4448 0.2370 -0.0065 0.0246  0.0357  844 LYS A CD  
219 C CE  . LYS A 27 ? 0.2621  0.4953 0.3664 0.0151  0.0268  0.0665  844 LYS A CE  
220 N NZ  . LYS A 27 ? 0.2551  0.5119 0.2896 0.0855  -0.0013 0.1106  844 LYS A NZ  
221 N N   . GLY A 28 ? 0.1540  0.1682 0.1941 -0.0161 -0.0096 -0.0685 845 GLY A N   
222 C CA  . GLY A 28 ? 0.1690  0.1797 0.2147 0.0023  -0.0143 -0.0640 845 GLY A CA  
223 C C   . GLY A 28 ? 0.1698  0.1573 0.2290 0.0012  -0.0032 -0.0567 845 GLY A C   
224 O O   . GLY A 28 ? 0.2002  0.1798 0.2347 0.0219  -0.0011 -0.0512 845 GLY A O   
225 N N   . GLU A 29 ? 0.1389  0.1543 0.2398 -0.0098 0.0012  -0.0452 846 GLU A N   
226 C CA  . GLU A 29 ? 0.1078  0.1454 0.2329 -0.0268 -0.0170 -0.0410 846 GLU A CA  
227 C C   . GLU A 29 ? 0.1027  0.1196 0.2378 -0.0312 -0.0236 -0.0331 846 GLU A C   
228 O O   . GLU A 29 ? 0.0854  0.1234 0.2405 -0.0518 -0.0257 -0.0327 846 GLU A O   
229 C CB  . GLU A 29 ? 0.1040  0.1744 0.2348 -0.0179 -0.0164 -0.0263 846 GLU A CB  
230 C CG  . GLU A 29 ? 0.0870  0.1872 0.2143 -0.0038 -0.0180 -0.0167 846 GLU A CG  
231 C CD  . GLU A 29 ? 0.0953  0.2304 0.2035 0.0224  -0.0255 0.0082  846 GLU A CD  
232 O OE1 . GLU A 29 ? 0.2486  0.2078 0.2195 -0.0032 0.0228  0.0194  846 GLU A OE1 
233 O OE2 . GLU A 29 ? 0.1122  0.1792 0.2324 -0.0276 0.0189  -0.0160 846 GLU A OE2 
234 N N   A ARG A 30 ? 0.1024  0.1124 0.2313 -0.0478 -0.0258 -0.0234 847 ARG A N   
235 N N   B ARG A 30 ? 0.0986  0.1181 0.2275 -0.0476 -0.0262 -0.0201 847 ARG A N   
236 C CA  A ARG A 30 ? 0.1266  0.1183 0.2489 -0.0422 -0.0241 -0.0129 847 ARG A CA  
237 C CA  B ARG A 30 ? 0.1132  0.1243 0.2402 -0.0432 -0.0240 -0.0054 847 ARG A CA  
238 C C   A ARG A 30 ? 0.1187  0.1096 0.2356 -0.0427 -0.0218 -0.0025 847 ARG A C   
239 C C   B ARG A 30 ? 0.1155  0.1150 0.2288 -0.0416 -0.0243 -0.0008 847 ARG A C   
240 O O   A ARG A 30 ? 0.1354  0.1435 0.2565 -0.0391 -0.0150 0.0015  847 ARG A O   
241 O O   B ARG A 30 ? 0.1375  0.1397 0.2514 -0.0399 -0.0184 -0.0025 847 ARG A O   
242 C CB  A ARG A 30 ? 0.1139  0.1163 0.2506 -0.0331 -0.0266 -0.0127 847 ARG A CB  
243 C CB  B ARG A 30 ? 0.0942  0.1275 0.2392 -0.0361 -0.0287 -0.0039 847 ARG A CB  
244 C CG  A ARG A 30 ? 0.1745  0.1542 0.2904 -0.0379 -0.0309 -0.0315 847 ARG A CG  
245 C CG  B ARG A 30 ? 0.0825  0.1458 0.2644 -0.0498 -0.0176 0.0215  847 ARG A CG  
246 C CD  A ARG A 30 ? 0.1370  0.2330 0.2669 -0.0394 0.0010  0.0289  847 ARG A CD  
247 C CD  B ARG A 30 ? 0.1163  0.2078 0.2520 -0.0744 0.0175  0.0478  847 ARG A CD  
248 N NE  A ARG A 30 ? 0.1519  0.2664 0.3484 -0.0646 0.0235  0.0232  847 ARG A NE  
249 N NE  B ARG A 30 ? 0.0273  0.2105 0.2351 -0.0044 -0.0199 0.0887  847 ARG A NE  
250 C CZ  A ARG A 30 ? 0.1355  0.2046 0.3363 -0.0498 -0.0062 0.0283  847 ARG A CZ  
251 C CZ  B ARG A 30 ? 0.0620  0.1466 0.2401 -0.0419 0.0273  0.0192  847 ARG A CZ  
252 N NH1 A ARG A 30 ? 0.1267  0.2269 0.3336 -0.0755 -0.0285 0.0395  847 ARG A NH1 
253 N NH1 B ARG A 30 ? 0.0528  0.2007 0.2402 -0.0589 -0.0381 0.0282  847 ARG A NH1 
254 N NH2 A ARG A 30 ? 0.2199  0.2928 0.3640 -0.0384 -0.0110 0.0393  847 ARG A NH2 
255 N NH2 B ARG A 30 ? 0.0305  0.1077 0.1095 0.0176  0.0142  0.0172  847 ARG A NH2 
256 N N   . ILE A 31 ? 0.1343  0.1199 0.2155 -0.0381 -0.0241 0.0114  848 ILE A N   
257 C CA  . ILE A 31 ? 0.1361  0.1081 0.1969 -0.0276 -0.0364 0.0140  848 ILE A CA  
258 C C   . ILE A 31 ? 0.1260  0.1145 0.1779 -0.0303 -0.0158 0.0267  848 ILE A C   
259 O O   . ILE A 31 ? 0.1413  0.1435 0.2071 -0.0038 -0.0062 0.0336  848 ILE A O   
260 C CB  . ILE A 31 ? 0.1251  0.0929 0.1654 -0.0218 -0.0450 0.0226  848 ILE A CB  
261 C CG1 . ILE A 31 ? 0.1823  0.0892 0.1611 -0.0127 -0.0690 0.0053  848 ILE A CG1 
262 C CG2 . ILE A 31 ? 0.1287  0.1017 0.1981 -0.0084 -0.0184 -0.0036 848 ILE A CG2 
263 C CD1 . ILE A 31 ? 0.1843  0.1384 0.2186 -0.0269 -0.0811 0.0299  848 ILE A CD1 
264 N N   . THR A 32 ? 0.1224  0.1224 0.1759 -0.0438 -0.0022 0.0147  849 THR A N   
265 C CA  . THR A 32 ? 0.1258  0.1432 0.1610 -0.0365 0.0034  0.0169  849 THR A CA  
266 C C   . THR A 32 ? 0.1286  0.1445 0.1545 -0.0288 0.0042  0.0112  849 THR A C   
267 O O   . THR A 32 ? 0.1134  0.1261 0.1532 -0.0016 0.0020  0.0032  849 THR A O   
268 C CB  . THR A 32 ? 0.1240  0.1461 0.1578 -0.0375 0.0221  -0.0015 849 THR A CB  
269 O OG1 . THR A 32 ? 0.1868  0.1671 0.2818 -0.0479 0.0180  0.0295  849 THR A OG1 
270 C CG2 . THR A 32 ? 0.1397  0.2547 0.1784 -0.0381 -0.0071 0.0396  849 THR A CG2 
271 N N   . LEU A 33 ? 0.1266  0.1352 0.1311 -0.0414 -0.0085 0.0120  850 LEU A N   
272 C CA  . LEU A 33 ? 0.1580  0.1467 0.1347 -0.0150 0.0137  0.0320  850 LEU A CA  
273 C C   . LEU A 33 ? 0.1662  0.1498 0.1427 0.0099  0.0052  0.0344  850 LEU A C   
274 O O   . LEU A 33 ? 0.1577  0.1861 0.1498 0.0381  -0.0076 0.0480  850 LEU A O   
275 C CB  . LEU A 33 ? 0.1339  0.1583 0.1408 -0.0078 0.0100  0.0344  850 LEU A CB  
276 C CG  . LEU A 33 ? 0.1044  0.1566 0.1171 -0.0104 0.0197  0.0370  850 LEU A CG  
277 C CD1 . LEU A 33 ? 0.0988  0.1134 0.1901 -0.0738 0.0284  -0.0135 850 LEU A CD1 
278 C CD2 . LEU A 33 ? 0.0967  0.1394 0.1991 0.0046  -0.0350 0.0328  850 LEU A CD2 
279 N N   . LEU A 34 ? 0.1601  0.1505 0.1489 0.0101  0.0293  0.0194  851 LEU A N   
280 C CA  . LEU A 34 ? 0.1667  0.1531 0.1718 -0.0207 0.0057  0.0091  851 LEU A CA  
281 C C   . LEU A 34 ? 0.1756  0.1645 0.1852 -0.0210 0.0069  0.0141  851 LEU A C   
282 O O   . LEU A 34 ? 0.1883  0.1869 0.2012 -0.0397 -0.0163 0.0307  851 LEU A O   
283 C CB  . LEU A 34 ? 0.1580  0.1440 0.1829 -0.0147 0.0223  0.0024  851 LEU A CB  
284 C CG  . LEU A 34 ? 0.1590  0.1565 0.2148 -0.0259 0.0026  0.0241  851 LEU A CG  
285 C CD1 . LEU A 34 ? 0.1702  0.2504 0.2109 0.0042  0.0133  0.0005  851 LEU A CD1 
286 C CD2 . LEU A 34 ? 0.1955  0.1720 0.1760 -0.0142 -0.0040 0.0486  851 LEU A CD2 
287 N N   A ARG A 35 ? 0.1821  0.1651 0.1832 -0.0228 0.0030  0.0097  852 ARG A N   
288 N N   B ARG A 35 ? 0.1851  0.1641 0.1844 -0.0225 0.0021  0.0102  852 ARG A N   
289 C CA  A ARG A 35 ? 0.2045  0.1690 0.2015 -0.0180 -0.0022 0.0018  852 ARG A CA  
290 C CA  B ARG A 35 ? 0.2111  0.1650 0.2056 -0.0170 -0.0026 0.0022  852 ARG A CA  
291 C C   A ARG A 35 ? 0.2045  0.1621 0.2079 -0.0229 -0.0149 0.0054  852 ARG A C   
292 C C   B ARG A 35 ? 0.2070  0.1611 0.2087 -0.0228 -0.0155 0.0064  852 ARG A C   
293 O O   A ARG A 35 ? 0.1968  0.1462 0.2132 -0.0411 -0.0282 -0.0084 852 ARG A O   
294 O O   B ARG A 35 ? 0.1995  0.1491 0.2104 -0.0417 -0.0287 -0.0055 852 ARG A O   
295 C CB  A ARG A 35 ? 0.2125  0.1841 0.2230 -0.0118 0.0033  0.0012  852 ARG A CB  
296 C CB  B ARG A 35 ? 0.2262  0.1792 0.2304 -0.0112 0.0036  0.0019  852 ARG A CB  
297 C CG  A ARG A 35 ? 0.2268  0.2265 0.2362 -0.0008 0.0061  -0.0269 852 ARG A CG  
298 C CG  B ARG A 35 ? 0.2609  0.1974 0.2718 0.0082  0.0119  -0.0357 852 ARG A CG  
299 C CD  A ARG A 35 ? 0.2245  0.2941 0.2438 -0.0009 0.0159  -0.0805 852 ARG A CD  
300 C CD  B ARG A 35 ? 0.2843  0.2657 0.3001 0.0203  0.0429  -0.0743 852 ARG A CD  
301 N NE  A ARG A 35 ? 0.1913  0.3314 0.2627 -0.0062 -0.0302 -0.0777 852 ARG A NE  
302 N NE  B ARG A 35 ? 0.3137  0.2797 0.3254 0.0014  0.0211  -0.0908 852 ARG A NE  
303 C CZ  A ARG A 35 ? 0.1923  0.3399 0.2158 -0.0199 -0.0220 -0.0940 852 ARG A CZ  
304 C CZ  B ARG A 35 ? 0.2873  0.2927 0.3593 0.0161  0.0494  -0.0845 852 ARG A CZ  
305 N NH1 A ARG A 35 ? 0.2205  0.3540 0.2013 -0.0260 -0.0666 -0.0731 852 ARG A NH1 
306 N NH1 B ARG A 35 ? 0.3014  0.2878 0.3851 0.0024  0.0360  -0.0911 852 ARG A NH1 
307 N NH2 A ARG A 35 ? 0.2193  0.3742 0.2049 -0.0136 -0.0374 -0.0868 852 ARG A NH2 
308 N NH2 B ARG A 35 ? 0.1983  0.2993 0.3731 -0.0149 0.0628  -0.0889 852 ARG A NH2 
309 N N   . GLN A 36 ? 0.1877  0.1467 0.2023 -0.0394 -0.0271 0.0085  853 GLN A N   
310 C CA  . GLN A 36 ? 0.1959  0.1585 0.2155 -0.0351 -0.0391 0.0000  853 GLN A CA  
311 C C   . GLN A 36 ? 0.1982  0.1518 0.2070 -0.0307 -0.0626 -0.0117 853 GLN A C   
312 O O   . GLN A 36 ? 0.2328  0.1914 0.2092 -0.0276 -0.0908 -0.0164 853 GLN A O   
313 C CB  . GLN A 36 ? 0.1914  0.1477 0.2307 -0.0237 -0.0216 0.0175  853 GLN A CB  
314 C CG  . GLN A 36 ? 0.1915  0.2043 0.2287 -0.0568 -0.0001 0.0163  853 GLN A CG  
315 C CD  . GLN A 36 ? 0.2805  0.2304 0.3045 -0.0904 0.0090  0.0363  853 GLN A CD  
316 O OE1 . GLN A 36 ? 0.2376  0.2029 0.3600 -0.0537 0.0141  0.0689  853 GLN A OE1 
317 N NE2 . GLN A 36 ? 0.3106  0.2973 0.2949 -0.0701 0.0179  0.0005  853 GLN A NE2 
318 N N   . VAL A 37 ? 0.1816  0.1396 0.1903 -0.0371 -0.0582 -0.0263 854 VAL A N   
319 C CA  . VAL A 37 ? 0.2015  0.1574 0.2236 -0.0203 -0.0625 -0.0391 854 VAL A CA  
320 C C   . VAL A 37 ? 0.2212  0.1687 0.2209 -0.0180 -0.0640 -0.0409 854 VAL A C   
321 O O   . VAL A 37 ? 0.2785  0.1819 0.1997 -0.0047 -0.0833 -0.0611 854 VAL A O   
322 C CB  . VAL A 37 ? 0.1924  0.1420 0.2450 -0.0135 -0.0586 -0.0453 854 VAL A CB  
323 C CG1 . VAL A 37 ? 0.1968  0.2095 0.2708 0.0382  -0.0463 -0.0566 854 VAL A CG1 
324 C CG2 . VAL A 37 ? 0.1814  0.1613 0.2760 -0.0355 -0.0738 -0.0502 854 VAL A CG2 
325 N N   . ASP A 38 ? 0.2124  0.1787 0.2172 -0.0182 -0.0566 -0.0239 855 ASP A N   
326 C CA  . ASP A 38 ? 0.1916  0.1681 0.2159 -0.0375 -0.0515 -0.0137 855 ASP A CA  
327 C C   . ASP A 38 ? 0.1870  0.1704 0.1986 -0.0528 -0.0680 -0.0105 855 ASP A C   
328 O O   . ASP A 38 ? 0.2278  0.1941 0.2046 -0.0543 -0.0565 -0.0013 855 ASP A O   
329 C CB  . ASP A 38 ? 0.1949  0.1712 0.2182 -0.0275 -0.0587 -0.0198 855 ASP A CB  
330 C CG  . ASP A 38 ? 0.1770  0.1529 0.2238 -0.0303 -0.0400 -0.0247 855 ASP A CG  
331 O OD1 . ASP A 38 ? 0.1959  0.2278 0.1790 -0.0682 0.0072  -0.0216 855 ASP A OD1 
332 O OD2 . ASP A 38 ? 0.1351  0.2042 0.2381 -0.0046 -0.0234 -0.0477 855 ASP A OD2 
333 N N   . GLU A 39 ? 0.1709  0.1736 0.2044 -0.0622 -0.0583 -0.0038 856 GLU A N   
334 C CA  . GLU A 39 ? 0.1455  0.1591 0.2228 -0.0810 -0.0612 0.0052  856 GLU A CA  
335 C C   . GLU A 39 ? 0.1404  0.1596 0.2280 -0.0770 -0.0481 0.0090  856 GLU A C   
336 O O   . GLU A 39 ? 0.1457  0.1924 0.2564 -0.0751 -0.0393 -0.0082 856 GLU A O   
337 C CB  . GLU A 39 ? 0.1352  0.1519 0.2375 -0.0809 -0.0720 0.0110  856 GLU A CB  
338 C CG  . GLU A 39 ? 0.1161  0.1740 0.2789 -0.0608 -0.0685 -0.0058 856 GLU A CG  
339 C CD  . GLU A 39 ? 0.1361  0.1647 0.2845 -0.0521 -0.1070 -0.0325 856 GLU A CD  
340 O OE1 . GLU A 39 ? 0.1950  0.2045 0.3088 -0.0926 -0.1136 -0.0155 856 GLU A OE1 
341 O OE2 . GLU A 39 ? 0.2042  0.1828 0.2834 0.0073  -0.0505 -0.0301 856 GLU A OE2 
342 N N   . ASN A 40 ? 0.1026  0.1228 0.2170 -0.0750 -0.0346 0.0327  857 ASN A N   
343 C CA  . ASN A 40 ? 0.1038  0.1116 0.2142 -0.0621 -0.0285 0.0301  857 ASN A CA  
344 C C   . ASN A 40 ? 0.0908  0.1177 0.2077 -0.0645 -0.0287 0.0318  857 ASN A C   
345 O O   . ASN A 40 ? 0.1261  0.1221 0.1941 -0.0767 -0.0297 0.0433  857 ASN A O   
346 C CB  . ASN A 40 ? 0.1252  0.1165 0.2307 -0.0635 -0.0197 0.0331  857 ASN A CB  
347 C CG  . ASN A 40 ? 0.1398  0.0914 0.2551 -0.0576 -0.0064 0.0171  857 ASN A CG  
348 O OD1 . ASN A 40 ? 0.1648  0.1735 0.2460 -0.0941 -0.0217 0.0519  857 ASN A OD1 
349 N ND2 . ASN A 40 ? 0.2197  0.1260 0.3527 -0.0516 -0.0429 0.0175  857 ASN A ND2 
350 N N   . TRP A 41 ? 0.0606  0.1041 0.1859 -0.0519 -0.0162 0.0391  858 TRP A N   
351 C CA  . TRP A 41 ? 0.0757  0.1169 0.1819 -0.0177 -0.0270 0.0422  858 TRP A CA  
352 C C   . TRP A 41 ? 0.0927  0.1218 0.1732 -0.0205 -0.0345 0.0302  858 TRP A C   
353 O O   . TRP A 41 ? 0.1412  0.1338 0.1772 -0.0314 -0.0552 0.0326  858 TRP A O   
354 C CB  . TRP A 41 ? 0.0863  0.1219 0.1461 0.0004  -0.0202 0.0317  858 TRP A CB  
355 C CG  . TRP A 41 ? 0.0965  0.1259 0.1782 0.0166  -0.0056 0.0126  858 TRP A CG  
356 C CD1 . TRP A 41 ? 0.1036  0.1136 0.1876 0.0257  0.0139  0.0031  858 TRP A CD1 
357 C CD2 . TRP A 41 ? 0.0920  0.1231 0.1661 0.0164  -0.0418 -0.0114 858 TRP A CD2 
358 N NE1 . TRP A 41 ? 0.0981  0.1692 0.1765 0.0083  -0.0192 -0.0114 858 TRP A NE1 
359 C CE2 . TRP A 41 ? 0.1041  0.1011 0.1486 -0.0075 -0.0367 0.0000  858 TRP A CE2 
360 C CE3 . TRP A 41 ? 0.1206  0.1400 0.1731 -0.0105 -0.0210 0.0173  858 TRP A CE3 
361 C CZ2 . TRP A 41 ? 0.0984  0.1108 0.2083 0.0180  -0.0447 -0.0056 858 TRP A CZ2 
362 C CZ3 . TRP A 41 ? 0.1018  0.1207 0.1773 0.0159  -0.0416 -0.0031 858 TRP A CZ3 
363 C CH2 . TRP A 41 ? 0.1224  0.1349 0.1795 0.0134  -0.0356 0.0025  858 TRP A CH2 
364 N N   . TYR A 42 ? 0.0829  0.0974 0.1590 -0.0123 -0.0363 0.0278  859 TYR A N   
365 C CA  . TYR A 42 ? 0.1079  0.0776 0.1518 -0.0090 -0.0208 0.0154  859 TYR A CA  
366 C C   . TYR A 42 ? 0.1264  0.0933 0.1510 -0.0037 -0.0238 0.0007  859 TYR A C   
367 O O   . TYR A 42 ? 0.1401  0.1272 0.1799 0.0025  -0.0175 0.0034  859 TYR A O   
368 C CB  . TYR A 42 ? 0.1116  0.1091 0.1733 -0.0237 -0.0160 0.0003  859 TYR A CB  
369 C CG  . TYR A 42 ? 0.1130  0.1523 0.2263 -0.0225 -0.0063 0.0096  859 TYR A CG  
370 C CD1 . TYR A 42 ? 0.0883  0.1691 0.2568 -0.0418 0.0264  -0.0068 859 TYR A CD1 
371 C CD2 . TYR A 42 ? 0.0969  0.1715 0.2290 -0.0774 -0.0012 -0.0364 859 TYR A CD2 
372 C CE1 . TYR A 42 ? 0.0947  0.1713 0.2712 -0.0412 0.0487  -0.0024 859 TYR A CE1 
373 C CE2 . TYR A 42 ? 0.1378  0.1591 0.2744 -0.0148 0.0097  -0.0372 859 TYR A CE2 
374 C CZ  . TYR A 42 ? 0.0989  0.1734 0.2720 0.0084  0.0179  -0.0093 859 TYR A CZ  
375 O OH  . TYR A 42 ? 0.1347  0.2402 0.3234 -0.0466 0.0078  -0.0132 859 TYR A OH  
376 N N   . GLU A 43 ? 0.1372  0.1271 0.1459 -0.0068 -0.0011 0.0009  860 GLU A N   
377 C CA  . GLU A 43 ? 0.1248  0.1480 0.1482 -0.0155 0.0009  0.0007  860 GLU A CA  
378 C C   . GLU A 43 ? 0.1212  0.1408 0.1684 -0.0113 -0.0140 0.0115  860 GLU A C   
379 O O   . GLU A 43 ? 0.1214  0.1467 0.2010 -0.0148 -0.0229 0.0249  860 GLU A O   
380 C CB  . GLU A 43 ? 0.1305  0.1778 0.1428 -0.0101 0.0049  0.0055  860 GLU A CB  
381 C CG  . GLU A 43 ? 0.1441  0.2238 0.1501 -0.0298 0.0458  -0.0132 860 GLU A CG  
382 C CD  . GLU A 43 ? 0.1954  0.3394 0.1974 -0.0461 0.0260  0.0422  860 GLU A CD  
383 O OE1 . GLU A 43 ? 0.2646  0.3552 0.2704 -0.1044 0.0419  0.0053  860 GLU A OE1 
384 O OE2 . GLU A 43 ? 0.2759  0.4102 0.2042 -0.0410 0.0644  0.0470  860 GLU A OE2 
385 N N   . GLY A 44 ? 0.1118  0.1297 0.1625 -0.0145 -0.0137 0.0129  861 GLY A N   
386 C CA  . GLY A 44 ? 0.1249  0.1023 0.1781 -0.0260 -0.0046 0.0107  861 GLY A CA  
387 C C   . GLY A 44 ? 0.1105  0.1184 0.1913 -0.0141 0.0031  0.0093  861 GLY A C   
388 O O   . GLY A 44 ? 0.1014  0.1440 0.2206 -0.0216 -0.0179 0.0256  861 GLY A O   
389 N N   . ARG A 45 ? 0.1198  0.1095 0.2156 -0.0252 0.0029  0.0129  862 ARG A N   
390 C CA  . ARG A 45 ? 0.1417  0.1230 0.2446 -0.0260 -0.0039 0.0202  862 ARG A CA  
391 C C   . ARG A 45 ? 0.1347  0.1204 0.2830 -0.0223 0.0004  0.0091  862 ARG A C   
392 O O   . ARG A 45 ? 0.1429  0.1371 0.2882 -0.0239 0.0155  0.0055  862 ARG A O   
393 C CB  . ARG A 45 ? 0.1371  0.1356 0.2590 -0.0258 -0.0048 0.0242  862 ARG A CB  
394 C CG  . ARG A 45 ? 0.1771  0.2112 0.2060 -0.0158 -0.0293 0.0549  862 ARG A CG  
395 C CD  . ARG A 45 ? 0.2005  0.2083 0.2890 -0.0065 -0.0244 0.0717  862 ARG A CD  
396 N NE  . ARG A 45 ? 0.2672  0.2662 0.3232 0.0244  -0.0255 0.1403  862 ARG A NE  
397 C CZ  . ARG A 45 ? 0.2163  0.2580 0.3687 0.0128  -0.0059 0.1680  862 ARG A CZ  
398 N NH1 . ARG A 45 ? 0.2517  0.2901 0.4289 -0.0440 0.0119  0.1423  862 ARG A NH1 
399 N NH2 . ARG A 45 ? 0.3097  0.3057 0.4151 -0.0051 0.0083  0.2065  862 ARG A NH2 
400 N N   . ILE A 46 ? 0.1496  0.1132 0.3376 -0.0274 0.0006  -0.0163 863 ILE A N   
401 C CA  . ILE A 46 ? 0.1618  0.1123 0.3943 -0.0157 -0.0181 -0.0302 863 ILE A CA  
402 C C   . ILE A 46 ? 0.1736  0.1204 0.4442 0.0061  -0.0510 -0.0232 863 ILE A C   
403 O O   . ILE A 46 ? 0.1693  0.1166 0.4148 0.0070  -0.0581 0.0089  863 ILE A O   
404 C CB  . ILE A 46 ? 0.1658  0.0976 0.3895 -0.0008 -0.0062 -0.0311 863 ILE A CB  
405 C CG1 . ILE A 46 ? 0.1599  0.1707 0.3888 -0.0349 0.0339  -0.0476 863 ILE A CG1 
406 C CG2 . ILE A 46 ? 0.1772  0.1207 0.3840 0.0019  -0.0103 -0.0827 863 ILE A CG2 
407 C CD1 . ILE A 46 ? 0.2609  0.1810 0.4352 -0.0950 0.0886  -0.0101 863 ILE A CD1 
408 N N   . PRO A 47 ? 0.2065  0.1393 0.4986 0.0207  -0.0597 -0.0273 864 PRO A N   
409 C CA  . PRO A 47 ? 0.2215  0.1798 0.5186 0.0267  -0.0711 -0.0189 864 PRO A CA  
410 C C   . PRO A 47 ? 0.2216  0.1904 0.4954 0.0127  -0.0818 -0.0179 864 PRO A C   
411 O O   . PRO A 47 ? 0.2041  0.1945 0.4986 -0.0002 -0.0705 -0.0154 864 PRO A O   
412 C CB  . PRO A 47 ? 0.2515  0.1876 0.5478 0.0396  -0.0617 -0.0193 864 PRO A CB  
413 C CG  . PRO A 47 ? 0.2302  0.1583 0.5738 0.0300  -0.0426 -0.0160 864 PRO A CG  
414 C CD  . PRO A 47 ? 0.1847  0.1495 0.5105 0.0328  -0.0727 -0.0244 864 PRO A CD  
415 N N   . GLY A 48 ? 0.2230  0.1996 0.4578 -0.0004 -0.1075 -0.0246 865 GLY A N   
416 C CA  . GLY A 48 ? 0.2531  0.1935 0.4155 -0.0222 -0.1118 -0.0084 865 GLY A CA  
417 C C   . GLY A 48 ? 0.2426  0.1965 0.3617 -0.0460 -0.1197 -0.0251 865 GLY A C   
418 O O   . GLY A 48 ? 0.2736  0.2134 0.3830 -0.0448 -0.1213 0.0055  865 GLY A O   
419 N N   . THR A 49 ? 0.2565  0.1752 0.3249 -0.0578 -0.1073 -0.0047 866 THR A N   
420 C CA  . THR A 49 ? 0.2390  0.1660 0.2801 -0.0691 -0.0867 -0.0122 866 THR A CA  
421 C C   . THR A 49 ? 0.2534  0.1737 0.2532 -0.0722 -0.0913 -0.0067 866 THR A C   
422 O O   . THR A 49 ? 0.3177  0.1886 0.2824 -0.0647 -0.1015 -0.0287 866 THR A O   
423 C CB  . THR A 49 ? 0.2364  0.1501 0.2635 -0.0786 -0.0875 -0.0099 866 THR A CB  
424 O OG1 . THR A 49 ? 0.2013  0.1784 0.2711 -0.0684 -0.0519 -0.0091 866 THR A OG1 
425 C CG2 . THR A 49 ? 0.1842  0.1228 0.2947 -0.0382 -0.0396 -0.0138 866 THR A CG2 
426 N N   . SER A 50 ? 0.2336  0.1838 0.2044 -0.0863 -0.0442 0.0108  867 SER A N   
427 C CA  . SER A 50 ? 0.2257  0.1934 0.2103 -0.0953 -0.0231 0.0164  867 SER A CA  
428 C C   . SER A 50 ? 0.2077  0.1785 0.1891 -0.0863 -0.0175 0.0203  867 SER A C   
429 O O   . SER A 50 ? 0.2336  0.1877 0.2033 -0.0830 -0.0092 0.0203  867 SER A O   
430 C CB  . SER A 50 ? 0.2316  0.2164 0.2223 -0.0758 -0.0145 0.0090  867 SER A CB  
431 O OG  . SER A 50 ? 0.3141  0.3646 0.2742 -0.0764 -0.0218 -0.0025 867 SER A OG  
432 N N   . ARG A 51 ? 0.1862  0.1755 0.1699 -0.0754 0.0027  0.0325  868 ARG A N   
433 C CA  . ARG A 51 ? 0.1310  0.1701 0.1799 -0.0548 0.0051  0.0317  868 ARG A CA  
434 C C   . ARG A 51 ? 0.1364  0.1648 0.1960 -0.0454 -0.0018 0.0322  868 ARG A C   
435 O O   . ARG A 51 ? 0.0933  0.1528 0.1910 -0.0447 0.0043  0.0251  868 ARG A O   
436 C CB  . ARG A 51 ? 0.1240  0.1770 0.1875 -0.0459 -0.0024 0.0390  868 ARG A CB  
437 C CG  . ARG A 51 ? 0.1066  0.1976 0.1604 -0.0179 -0.0117 0.0458  868 ARG A CG  
438 C CD  . ARG A 51 ? 0.1363  0.1955 0.2031 -0.0394 -0.0071 0.0260  868 ARG A CD  
439 N NE  . ARG A 51 ? 0.1277  0.1626 0.1589 -0.0306 0.0143  0.0106  868 ARG A NE  
440 C CZ  . ARG A 51 ? 0.1846  0.1458 0.1329 -0.0653 -0.0100 0.0010  868 ARG A CZ  
441 N NH1 . ARG A 51 ? 0.1410  0.1018 0.2403 -0.0396 -0.0156 -0.0210 868 ARG A NH1 
442 N NH2 . ARG A 51 ? 0.1258  0.1772 0.1916 -0.0235 -0.0533 0.0291  868 ARG A NH2 
443 N N   . GLN A 52 ? 0.1418  0.1531 0.1942 -0.0442 0.0072  0.0168  869 GLN A N   
444 C CA  . GLN A 52 ? 0.1397  0.1653 0.1747 -0.0403 0.0058  0.0251  869 GLN A CA  
445 C C   . GLN A 52 ? 0.1207  0.1647 0.1752 -0.0290 0.0133  0.0288  869 GLN A C   
446 O O   . GLN A 52 ? 0.1235  0.1714 0.2073 -0.0071 0.0239  0.0307  869 GLN A O   
447 C CB  . GLN A 52 ? 0.1645  0.1681 0.1647 -0.0476 -0.0090 0.0242  869 GLN A CB  
448 C CG  . GLN A 52 ? 0.1936  0.2052 0.1658 -0.0756 -0.0137 0.0390  869 GLN A CG  
449 C CD  . GLN A 52 ? 0.2134  0.2154 0.1876 -0.0788 -0.0016 0.0270  869 GLN A CD  
450 O OE1 . GLN A 52 ? 0.2989  0.2369 0.2034 -0.0681 -0.0773 0.0498  869 GLN A OE1 
451 N NE2 . GLN A 52 ? 0.2574  0.2628 0.1811 -0.1114 -0.0010 -0.0102 869 GLN A NE2 
452 N N   . GLY A 53 ? 0.0964  0.1322 0.1752 -0.0143 0.0320  0.0355  870 GLY A N   
453 C CA  . GLY A 53 ? 0.1236  0.1176 0.1541 -0.0195 0.0293  0.0161  870 GLY A CA  
454 C C   . GLY A 53 ? 0.1087  0.0995 0.1533 -0.0122 0.0324  0.0058  870 GLY A C   
455 O O   . GLY A 53 ? 0.1298  0.1378 0.1975 -0.0050 0.0123  0.0262  870 GLY A O   
456 N N   . ILE A 54 ? 0.1306  0.0949 0.1474 -0.0187 0.0123  0.0007  871 ILE A N   
457 C CA  . ILE A 54 ? 0.1416  0.0945 0.1614 -0.0316 0.0083  0.0048  871 ILE A CA  
458 C C   . ILE A 54 ? 0.1167  0.0900 0.1545 -0.0436 -0.0031 -0.0084 871 ILE A C   
459 O O   . ILE A 54 ? 0.1107  0.1213 0.1912 -0.0303 0.0194  0.0008  871 ILE A O   
460 C CB  . ILE A 54 ? 0.1370  0.1095 0.1421 -0.0250 -0.0158 0.0043  871 ILE A CB  
461 C CG1 . ILE A 54 ? 0.1494  0.0823 0.1550 -0.0362 -0.0161 0.0031  871 ILE A CG1 
462 C CG2 . ILE A 54 ? 0.1416  0.1476 0.1415 -0.0276 -0.0064 -0.0008 871 ILE A CG2 
463 C CD1 . ILE A 54 ? 0.2053  0.1119 0.1636 -0.0322 0.0135  -0.0173 871 ILE A CD1 
464 N N   . PHE A 55 ? 0.1086  0.0991 0.1500 -0.0448 -0.0044 -0.0078 872 PHE A N   
465 C CA  . PHE A 55 ? 0.1196  0.0918 0.1555 -0.0482 -0.0036 -0.0007 872 PHE A CA  
466 C C   . PHE A 55 ? 0.1204  0.1018 0.1626 -0.0508 -0.0202 0.0119  872 PHE A C   
467 O O   . PHE A 55 ? 0.0945  0.1202 0.1783 -0.0542 -0.0242 0.0000  872 PHE A O   
468 C CB  . PHE A 55 ? 0.1214  0.0816 0.1723 -0.0482 -0.0116 -0.0051 872 PHE A CB  
469 C CG  . PHE A 55 ? 0.1362  0.0604 0.1603 -0.0244 -0.0062 -0.0127 872 PHE A CG  
470 C CD1 . PHE A 55 ? 0.1081  0.0780 0.1691 -0.0604 -0.0387 -0.0027 872 PHE A CD1 
471 C CD2 . PHE A 55 ? 0.1688  0.0536 0.1458 -0.0022 -0.0229 -0.0096 872 PHE A CD2 
472 C CE1 . PHE A 55 ? 0.1156  0.1112 0.1611 -0.0495 -0.0480 0.0028  872 PHE A CE1 
473 C CE2 . PHE A 55 ? 0.1417  0.0603 0.1915 0.0065  -0.0195 -0.0021 872 PHE A CE2 
474 C CZ  . PHE A 55 ? 0.0957  0.1057 0.1460 -0.0290 -0.0140 -0.0309 872 PHE A CZ  
475 N N   . PRO A 56 ? 0.1191  0.1076 0.1650 -0.0559 -0.0217 0.0305  873 PRO A N   
476 C CA  . PRO A 56 ? 0.0836  0.1159 0.1491 -0.0418 -0.0227 0.0366  873 PRO A CA  
477 C C   . PRO A 56 ? 0.1129  0.1249 0.1446 -0.0217 -0.0214 0.0110  873 PRO A C   
478 O O   . PRO A 56 ? 0.1070  0.1305 0.1167 -0.0152 -0.0052 0.0016  873 PRO A O   
479 C CB  . PRO A 56 ? 0.1136  0.1387 0.1652 -0.0538 -0.0306 0.0313  873 PRO A CB  
480 C CG  . PRO A 56 ? 0.0836  0.1405 0.1760 -0.0785 -0.0293 0.0404  873 PRO A CG  
481 C CD  . PRO A 56 ? 0.1373  0.1037 0.1492 -0.0512 -0.0365 0.0457  873 PRO A CD  
482 N N   A ILE A 57 ? 0.1078  0.1286 0.1509 -0.0178 -0.0298 -0.0042 874 ILE A N   
483 N N   B ILE A 57 ? 0.1087  0.1316 0.1474 -0.0180 -0.0350 -0.0042 874 ILE A N   
484 C CA  A ILE A 57 ? 0.1250  0.1338 0.1645 -0.0194 -0.0241 -0.0236 874 ILE A CA  
485 C CA  B ILE A 57 ? 0.1279  0.1379 0.1530 -0.0184 -0.0322 -0.0209 874 ILE A CA  
486 C C   A ILE A 57 ? 0.1286  0.1250 0.1602 -0.0325 -0.0210 -0.0189 874 ILE A C   
487 C C   B ILE A 57 ? 0.1274  0.1301 0.1588 -0.0340 -0.0306 -0.0206 874 ILE A C   
488 O O   A ILE A 57 ? 0.1461  0.1224 0.1755 -0.0411 -0.0032 -0.0318 874 ILE A O   
489 O O   B ILE A 57 ? 0.1426  0.1330 0.1787 -0.0443 -0.0193 -0.0384 874 ILE A O   
490 C CB  A ILE A 57 ? 0.1362  0.1371 0.1591 -0.0253 -0.0269 -0.0305 874 ILE A CB  
491 C CB  B ILE A 57 ? 0.1353  0.1373 0.1445 -0.0236 -0.0336 -0.0271 874 ILE A CB  
492 C CG1 A ILE A 57 ? 0.1518  0.1503 0.1795 -0.0202 -0.0301 -0.0458 874 ILE A CG1 
493 C CG1 B ILE A 57 ? 0.1225  0.1270 0.0931 -0.0153 -0.0085 -0.0222 874 ILE A CG1 
494 C CG2 A ILE A 57 ? 0.0758  0.1064 0.1718 -0.0283 -0.0251 -0.0627 874 ILE A CG2 
495 C CG2 B ILE A 57 ? 0.1437  0.1405 0.1597 -0.0171 -0.0520 -0.0425 874 ILE A CG2 
496 C CD1 A ILE A 57 ? 0.2318  0.2011 0.1987 -0.0077 -0.0359 -0.0368 874 ILE A CD1 
497 C CD1 B ILE A 57 ? -0.0248 0.1608 0.3230 0.0575  0.0169  -0.0902 874 ILE A CD1 
498 N N   . THR A 58 ? 0.1362  0.1455 0.1623 -0.0385 -0.0274 -0.0167 875 THR A N   
499 C CA  . THR A 58 ? 0.1493  0.1359 0.1507 -0.0559 -0.0164 -0.0162 875 THR A CA  
500 C C   . THR A 58 ? 0.1512  0.1440 0.1715 -0.0621 -0.0026 -0.0095 875 THR A C   
501 O O   . THR A 58 ? 0.1744  0.1741 0.1718 -0.0754 0.0019  -0.0175 875 THR A O   
502 C CB  . THR A 58 ? 0.1527  0.1313 0.1322 -0.0398 -0.0183 -0.0196 875 THR A CB  
503 O OG1 . THR A 58 ? 0.1426  0.1622 0.1673 -0.0551 0.0134  0.0123  875 THR A OG1 
504 C CG2 . THR A 58 ? 0.1784  0.1423 0.1482 -0.0402 -0.0321 -0.0100 875 THR A CG2 
505 N N   . TYR A 59 ? 0.1414  0.1244 0.1771 -0.0507 -0.0022 0.0090  876 TYR A N   
506 C CA  . TYR A 59 ? 0.1336  0.1204 0.1735 -0.0457 -0.0048 0.0120  876 TYR A CA  
507 C C   . TYR A 59 ? 0.1302  0.1354 0.1660 -0.0394 0.0061  0.0028  876 TYR A C   
508 O O   . TYR A 59 ? 0.1654  0.1134 0.1815 -0.0200 -0.0111 -0.0026 876 TYR A O   
509 C CB  . TYR A 59 ? 0.1266  0.1187 0.1628 -0.0434 0.0083  0.0292  876 TYR A CB  
510 C CG  . TYR A 59 ? 0.1700  0.1467 0.1518 -0.0313 0.0064  0.0184  876 TYR A CG  
511 C CD1 . TYR A 59 ? 0.2021  0.1292 0.1502 -0.0061 0.0118  0.0454  876 TYR A CD1 
512 C CD2 . TYR A 59 ? 0.1325  0.1437 0.1064 -0.0076 0.0079  0.0019  876 TYR A CD2 
513 C CE1 . TYR A 59 ? 0.2292  0.1374 0.1607 -0.0051 -0.0246 0.0516  876 TYR A CE1 
514 C CE2 . TYR A 59 ? 0.1767  0.1266 0.1358 -0.0144 -0.0197 0.0333  876 TYR A CE2 
515 C CZ  . TYR A 59 ? 0.1936  0.1472 0.1500 -0.0110 -0.0361 0.0388  876 TYR A CZ  
516 O OH  . TYR A 59 ? 0.2603  0.1829 0.1472 -0.0407 -0.0247 0.0604  876 TYR A OH  
517 N N   . VAL A 60 ? 0.1372  0.1431 0.1688 -0.0206 -0.0035 -0.0058 877 VAL A N   
518 C CA  . VAL A 60 ? 0.1376  0.1532 0.1447 -0.0341 0.0041  -0.0165 877 VAL A CA  
519 C C   . VAL A 60 ? 0.1336  0.1469 0.1572 -0.0252 0.0011  -0.0307 877 VAL A C   
520 O O   . VAL A 60 ? 0.1522  0.1685 0.1701 -0.0343 -0.0057 -0.0581 877 VAL A O   
521 C CB  . VAL A 60 ? 0.1465  0.1788 0.1683 -0.0301 0.0004  -0.0198 877 VAL A CB  
522 C CG1 . VAL A 60 ? 0.1090  0.2444 0.1301 -0.0695 0.0203  -0.0279 877 VAL A CG1 
523 C CG2 . VAL A 60 ? 0.1705  0.1734 0.1459 -0.0620 -0.0160 -0.0162 877 VAL A CG2 
524 N N   . ASP A 61 ? 0.1411  0.1499 0.1694 -0.0303 -0.0167 -0.0305 878 ASP A N   
525 C CA  . ASP A 61 ? 0.1401  0.1688 0.1717 -0.0207 -0.0130 -0.0411 878 ASP A CA  
526 C C   . ASP A 61 ? 0.1587  0.1448 0.1923 -0.0300 -0.0134 -0.0173 878 ASP A C   
527 O O   . ASP A 61 ? 0.1634  0.1708 0.1762 -0.0535 -0.0088 -0.0028 878 ASP A O   
528 C CB  . ASP A 61 ? 0.1619  0.1925 0.2209 -0.0161 0.0015  -0.0320 878 ASP A CB  
529 C CG  . ASP A 61 ? 0.2029  0.2895 0.2400 -0.0212 -0.0124 -0.0817 878 ASP A CG  
530 O OD1 . ASP A 61 ? 0.2021  0.3350 0.2666 0.0191  -0.0620 -0.0791 878 ASP A OD1 
531 O OD2 . ASP A 61 ? 0.2521  0.4073 0.2355 -0.0682 -0.0171 -0.1029 878 ASP A OD2 
532 N N   . VAL A 62 ? 0.1530  0.1695 0.1892 -0.0320 -0.0027 -0.0071 879 VAL A N   
533 C CA  . VAL A 62 ? 0.1565  0.1511 0.2025 -0.0255 -0.0048 -0.0101 879 VAL A CA  
534 C C   . VAL A 62 ? 0.1380  0.1619 0.2227 -0.0306 0.0003  -0.0118 879 VAL A C   
535 O O   . VAL A 62 ? 0.1555  0.1699 0.2542 -0.0466 -0.0068 -0.0186 879 VAL A O   
536 C CB  . VAL A 62 ? 0.1359  0.1584 0.2061 -0.0321 -0.0047 -0.0018 879 VAL A CB  
537 C CG1 . VAL A 62 ? 0.1572  0.1915 0.2006 -0.0438 -0.0088 -0.0019 879 VAL A CG1 
538 C CG2 . VAL A 62 ? 0.1936  0.1841 0.2310 -0.0124 0.0303  -0.0331 879 VAL A CG2 
539 N N   . ILE A 63 ? 0.1378  0.1403 0.2282 -0.0216 -0.0086 -0.0292 880 ILE A N   
540 C CA  . ILE A 63 ? 0.1488  0.1622 0.2346 -0.0163 -0.0204 -0.0436 880 ILE A CA  
541 C C   . ILE A 63 ? 0.1406  0.1874 0.2426 -0.0126 -0.0254 -0.0497 880 ILE A C   
542 O O   . ILE A 63 ? 0.1500  0.2282 0.2797 0.0073  -0.0221 -0.0488 880 ILE A O   
543 C CB  . ILE A 63 ? 0.1569  0.1475 0.2279 -0.0091 -0.0194 -0.0445 880 ILE A CB  
544 C CG1 . ILE A 63 ? 0.1803  0.1880 0.2746 -0.0144 -0.0301 -0.0546 880 ILE A CG1 
545 C CG2 . ILE A 63 ? 0.1976  0.1701 0.2495 0.0140  -0.0154 -0.0282 880 ILE A CG2 
546 C CD1 . ILE A 63 ? 0.2536  0.3272 0.3901 0.0152  -0.0485 -0.0872 880 ILE A CD1 
547 N N   . LYS A 64 ? 0.1511  0.1945 0.2220 -0.0137 -0.0475 -0.0600 881 LYS A N   
548 C CA  . LYS A 64 ? 0.1853  0.1874 0.2455 -0.0200 -0.0347 -0.0611 881 LYS A CA  
549 C C   . LYS A 64 ? 0.1476  0.1672 0.2197 -0.0175 -0.0396 -0.0420 881 LYS A C   
550 O O   . LYS A 64 ? 0.1082  0.1578 0.2258 -0.0411 -0.0293 -0.0306 881 LYS A O   
551 C CB  . LYS A 64 ? 0.2286  0.2208 0.2378 -0.0042 -0.0437 -0.0350 881 LYS A CB  
552 C CG  . LYS A 64 ? 0.2872  0.2587 0.2735 -0.0023 -0.0620 -0.0584 881 LYS A CG  
553 C CD  . LYS A 64 ? 0.3151  0.2361 0.3136 0.0546  -0.0956 -0.0182 881 LYS A CD  
554 C CE  . LYS A 64 ? 0.3197  0.2487 0.3045 0.0285  -0.0890 -0.0412 881 LYS A CE  
555 N NZ  . LYS A 64 ? 0.3864  0.2803 0.2445 -0.0309 -0.1785 -0.0018 881 LYS A NZ  
556 N N   . ARG A 65 ? 0.1384  0.1525 0.2238 -0.0346 -0.0331 -0.0424 882 ARG A N   
557 C CA  . ARG A 65 ? 0.1512  0.1745 0.2354 -0.0323 -0.0181 -0.0265 882 ARG A CA  
558 C C   . ARG A 65 ? 0.1608  0.1514 0.2055 -0.0303 -0.0232 -0.0138 882 ARG A C   
559 O O   . ARG A 65 ? 0.1605  0.1443 0.2192 -0.0321 -0.0231 -0.0078 882 ARG A O   
560 C CB  . ARG A 65 ? 0.1393  0.1558 0.2343 -0.0334 -0.0364 -0.0302 882 ARG A CB  
561 C CG  . ARG A 65 ? 0.1471  0.2175 0.2597 -0.0545 -0.0095 -0.0111 882 ARG A CG  
562 C CD  . ARG A 65 ? 0.1480  0.2710 0.2882 -0.0439 0.0221  -0.0232 882 ARG A CD  
563 N NE  . ARG A 65 ? 0.1930  0.3159 0.3794 -0.0798 0.0821  -0.0642 882 ARG A NE  
564 C CZ  . ARG A 65 ? 0.2767  0.3175 0.4088 -0.0144 0.0333  -0.0490 882 ARG A CZ  
565 N NH1 . ARG A 65 ? 0.3346  0.3289 0.4453 0.0118  -0.0138 -0.0335 882 ARG A NH1 
566 N NH2 . ARG A 65 ? 0.2550  0.3619 0.2915 -0.0043 0.0475  -0.0549 882 ARG A NH2 
567 N N   . PRO A 66 ? 0.1638  0.1641 0.1854 -0.0303 -0.0241 -0.0134 883 PRO A N   
568 C CA  . PRO A 66 ? 0.1688  0.1857 0.1934 -0.0312 -0.0271 -0.0095 883 PRO A CA  
569 C C   . PRO A 66 ? 0.1840  0.1976 0.1944 -0.0425 -0.0274 -0.0082 883 PRO A C   
570 O O   . PRO A 66 ? 0.2249  0.2310 0.2034 -0.0575 -0.0364 -0.0042 883 PRO A O   
571 C CB  . PRO A 66 ? 0.1373  0.1990 0.2021 -0.0232 -0.0330 -0.0100 883 PRO A CB  
572 C CG  . PRO A 66 ? 0.1640  0.2070 0.1500 -0.0086 -0.0075 -0.0114 883 PRO A CG  
573 C CD  . PRO A 66 ? 0.1570  0.1859 0.1780 -0.0152 -0.0345 -0.0166 883 PRO A CD  
574 N N   . LEU A 67 ? 0.1819  0.2139 0.1956 -0.0378 -0.0211 0.0071  884 LEU A N   
575 C CA  . LEU A 67 ? 0.1908  0.2332 0.2260 -0.0208 -0.0051 -0.0030 884 LEU A CA  
576 C C   . LEU A 67 ? 0.2161  0.2464 0.2458 -0.0189 -0.0027 -0.0109 884 LEU A C   
577 O O   . LEU A 67 ? 0.2595  0.2715 0.2775 -0.0067 0.0038  -0.0233 884 LEU A O   
578 C CB  . LEU A 67 ? 0.1906  0.2285 0.2274 -0.0244 -0.0121 0.0058  884 LEU A CB  
579 C CG  . LEU A 67 ? 0.1094  0.2180 0.2977 -0.0150 -0.0120 0.0120  884 LEU A CG  
580 C CD1 . LEU A 67 ? 0.1127  0.1266 0.3299 -0.0217 -0.0492 0.0114  884 LEU A CD1 
581 C CD2 . LEU A 67 ? 0.1499  0.1933 0.2778 -0.0645 -0.0446 -0.0054 884 LEU A CD2 
582 O OXT . LEU A 67 ? 0.2676  0.3102 0.2720 -0.0086 0.0199  -0.0105 884 LEU A OXT 
583 N N   . VAL B 1  ? 0.3249  0.3331 0.2584 -0.0504 0.0072  -0.0153 45  VAL B N   
584 C CA  . VAL B 1  ? 0.3132  0.3225 0.2367 -0.0598 -0.0077 -0.0243 45  VAL B CA  
585 C C   . VAL B 1  ? 0.3015  0.3100 0.2405 -0.0744 -0.0171 -0.0179 45  VAL B C   
586 O O   . VAL B 1  ? 0.3151  0.3308 0.2713 -0.0706 -0.0312 -0.0250 45  VAL B O   
587 C CB  . VAL B 1  ? 0.3112  0.3048 0.2362 -0.0576 0.0055  -0.0210 45  VAL B CB  
588 C CG1 . VAL B 1  ? 0.3060  0.3389 0.2449 -0.0732 0.0076  -0.0263 45  VAL B CG1 
589 C CG2 . VAL B 1  ? 0.3204  0.2938 0.2055 -0.0549 -0.0118 -0.0400 45  VAL B CG2 
590 N N   . PRO B 2  ? 0.2888  0.2876 0.2388 -0.0746 -0.0286 -0.0087 46  PRO B N   
591 C CA  . PRO B 2  ? 0.2812  0.2587 0.2177 -0.0678 -0.0294 -0.0097 46  PRO B CA  
592 C C   . PRO B 2  ? 0.2840  0.2624 0.2248 -0.0568 -0.0342 -0.0154 46  PRO B C   
593 O O   . PRO B 2  ? 0.3191  0.2662 0.2255 -0.0241 -0.0326 -0.0113 46  PRO B O   
594 C CB  . PRO B 2  ? 0.2852  0.2591 0.2323 -0.0737 -0.0362 -0.0137 46  PRO B CB  
595 C CG  . PRO B 2  ? 0.2870  0.3221 0.2337 -0.0842 -0.0190 -0.0109 46  PRO B CG  
596 C CD  . PRO B 2  ? 0.2838  0.2778 0.2275 -0.0818 -0.0219 -0.0007 46  PRO B CD  
597 N N   . PRO B 3  ? 0.2758  0.2414 0.2433 -0.0627 -0.0232 -0.0190 47  PRO B N   
598 C CA  . PRO B 3  ? 0.2838  0.2412 0.2481 -0.0522 -0.0168 -0.0144 47  PRO B CA  
599 C C   . PRO B 3  ? 0.3088  0.2240 0.2627 -0.0526 -0.0047 0.0107  47  PRO B C   
600 O O   . PRO B 3  ? 0.2840  0.2084 0.2147 -0.0477 -0.0208 0.0200  47  PRO B O   
601 C CB  . PRO B 3  ? 0.2875  0.2407 0.2584 -0.0513 -0.0035 -0.0296 47  PRO B CB  
602 C CG  . PRO B 3  ? 0.2966  0.2663 0.2366 -0.0816 -0.0225 -0.0277 47  PRO B CG  
603 C CD  . PRO B 3  ? 0.2544  0.2511 0.2181 -0.0759 -0.0407 -0.0334 47  PRO B CD  
604 N N   . PRO B 4  ? 0.3382  0.2180 0.2797 -0.0609 0.0153  0.0373  48  PRO B N   
605 C CA  . PRO B 4  ? 0.3065  0.2070 0.2643 -0.0548 0.0170  0.0556  48  PRO B CA  
606 C C   . PRO B 4  ? 0.2731  0.2124 0.2499 -0.0564 0.0033  0.0510  48  PRO B C   
607 O O   . PRO B 4  ? 0.2952  0.2464 0.2539 -0.0627 -0.0045 0.0432  48  PRO B O   
608 C CB  . PRO B 4  ? 0.3232  0.2031 0.2975 -0.0714 0.0227  0.0545  48  PRO B CB  
609 C CG  . PRO B 4  ? 0.3579  0.2030 0.3045 -0.0555 0.0266  0.0429  48  PRO B CG  
610 C CD  . PRO B 4  ? 0.3499  0.2357 0.3142 -0.0675 0.0304  0.0308  48  PRO B CD  
611 N N   . VAL B 5  ? 0.2486  0.2054 0.2395 -0.0476 -0.0055 0.0595  49  VAL B N   
612 C CA  . VAL B 5  ? 0.2107  0.1961 0.2158 -0.0374 -0.0090 0.0327  49  VAL B CA  
613 C C   . VAL B 5  ? 0.1954  0.1929 0.2213 -0.0269 -0.0127 0.0260  49  VAL B C   
614 O O   . VAL B 5  ? 0.2196  0.1980 0.2216 -0.0279 -0.0080 0.0417  49  VAL B O   
615 C CB  . VAL B 5  ? 0.2219  0.1824 0.2285 -0.0549 -0.0102 0.0476  49  VAL B CB  
616 C CG1 . VAL B 5  ? 0.2200  0.1888 0.1795 -0.0461 0.0059  0.0326  49  VAL B CG1 
617 C CG2 . VAL B 5  ? 0.2230  0.1964 0.2490 -0.0186 0.0039  0.0059  49  VAL B CG2 
618 N N   . PRO B 6  ? 0.1615  0.1741 0.2090 -0.0198 -0.0100 0.0087  50  PRO B N   
619 C CA  . PRO B 6  ? 0.1798  0.1862 0.2156 -0.0217 -0.0111 0.0019  50  PRO B CA  
620 C C   . PRO B 6  ? 0.1725  0.1503 0.1971 -0.0234 -0.0048 0.0070  50  PRO B C   
621 O O   . PRO B 6  ? 0.2110  0.1487 0.1790 -0.0220 -0.0142 0.0134  50  PRO B O   
622 C CB  . PRO B 6  ? 0.1707  0.1766 0.2254 -0.0080 -0.0099 0.0006  50  PRO B CB  
623 C CG  . PRO B 6  ? 0.1761  0.1901 0.2095 -0.0279 -0.0052 0.0061  50  PRO B CG  
624 C CD  . PRO B 6  ? 0.1446  0.1995 0.2146 -0.0219 -0.0270 0.0153  50  PRO B CD  
625 N N   . PRO B 7  ? 0.1859  0.1239 0.2046 -0.0364 -0.0107 0.0134  51  PRO B N   
626 C CA  . PRO B 7  ? 0.1803  0.1215 0.2193 -0.0353 -0.0122 0.0116  51  PRO B CA  
627 C C   . PRO B 7  ? 0.1457  0.1407 0.2057 -0.0307 -0.0322 0.0129  51  PRO B C   
628 O O   . PRO B 7  ? 0.1863  0.1724 0.2263 -0.0102 -0.0288 0.0081  51  PRO B O   
629 C CB  . PRO B 7  ? 0.2084  0.1371 0.2146 -0.0557 -0.0176 0.0179  51  PRO B CB  
630 C CG  . PRO B 7  ? 0.2115  0.1264 0.2493 -0.0367 0.0035  -0.0141 51  PRO B CG  
631 C CD  . PRO B 7  ? 0.2037  0.1424 0.2434 -0.0218 0.0020  0.0106  51  PRO B CD  
632 N N   . PRO B 8  ? 0.1459  0.1458 0.2129 -0.0116 -0.0225 0.0192  52  PRO B N   
633 C CA  . PRO B 8  ? 0.1438  0.1523 0.2108 -0.0160 -0.0234 0.0213  52  PRO B CA  
634 C C   . PRO B 8  ? 0.1590  0.1693 0.2495 -0.0211 -0.0175 0.0159  52  PRO B C   
635 O O   . PRO B 8  ? 0.1930  0.1545 0.2513 -0.0308 -0.0409 0.0282  52  PRO B O   
636 C CB  . PRO B 8  ? 0.1468  0.1742 0.2299 -0.0089 -0.0247 0.0208  52  PRO B CB  
637 C CG  . PRO B 8  ? 0.1395  0.1774 0.2296 0.0046  -0.0109 0.0250  52  PRO B CG  
638 C CD  . PRO B 8  ? 0.1267  0.1507 0.2035 -0.0365 -0.0283 0.0348  52  PRO B CD  
639 N N   . PRO B 9  ? 0.1825  0.1820 0.2587 -0.0225 -0.0312 0.0037  53  PRO B N   
640 C CA  . PRO B 9  ? 0.2117  0.2002 0.2822 -0.0339 -0.0406 -0.0165 53  PRO B CA  
641 C C   . PRO B 9  ? 0.2541  0.2559 0.3139 -0.0479 -0.0317 -0.0301 53  PRO B C   
642 O O   . PRO B 9  ? 0.2132  0.2693 0.3322 -0.0686 -0.0477 -0.0194 53  PRO B O   
643 C CB  . PRO B 9  ? 0.2273  0.2189 0.2744 -0.0290 -0.0315 -0.0091 53  PRO B CB  
644 C CG  . PRO B 9  ? 0.2326  0.1939 0.2608 -0.0081 -0.0654 -0.0157 53  PRO B CG  
645 C CD  . PRO B 9  ? 0.1795  0.1853 0.2695 -0.0232 -0.0348 -0.0065 53  PRO B CD  
646 N N   . SER B 10 ? 0.3025  0.2839 0.3436 -0.0868 -0.0253 -0.0660 54  SER B N   
647 C CA  . SER B 10 ? 0.3971  0.3730 0.4110 -0.1071 -0.0076 -0.0743 54  SER B CA  
648 C C   . SER B 10 ? 0.4329  0.3870 0.3914 -0.1112 -0.0086 -0.0851 54  SER B C   
649 O O   . SER B 10 ? 0.4912  0.4232 0.4090 -0.1188 -0.0128 -0.0557 54  SER B O   
650 C CB  . SER B 10 ? 0.4103  0.3877 0.4248 -0.1152 0.0017  -0.0854 54  SER B CB  
651 O OG  . SER B 10 ? 0.4677  0.4704 0.4867 -0.1170 0.0003  -0.0521 54  SER B OG  
# 
loop_
_pdbx_poly_seq_scheme.asym_id 
_pdbx_poly_seq_scheme.entity_id 
_pdbx_poly_seq_scheme.seq_id 
_pdbx_poly_seq_scheme.mon_id 
_pdbx_poly_seq_scheme.ndb_seq_num 
_pdbx_poly_seq_scheme.pdb_seq_num 
_pdbx_poly_seq_scheme.auth_seq_num 
_pdbx_poly_seq_scheme.pdb_mon_id 
_pdbx_poly_seq_scheme.auth_mon_id 
_pdbx_poly_seq_scheme.pdb_strand_id 
_pdbx_poly_seq_scheme.pdb_ins_code 
_pdbx_poly_seq_scheme.hetero 
A 1 1  GLY 1  818 818 GLY GLY A . n 
A 1 2  ILE 2  819 819 ILE ILE A . n 
A 1 3  ASP 3  820 820 ASP ASP A . n 
A 1 4  PRO 4  821 821 PRO PRO A . n 
A 1 5  PHE 5  822 822 PHE PHE A . n 
A 1 6  THR 6  823 823 THR THR A . n 
A 1 7  GLY 7  824 824 GLY GLY A . n 
A 1 8  GLU 8  825 825 GLU GLU A . n 
A 1 9  ALA 9  826 826 ALA ALA A . n 
A 1 10 ILE 10 827 827 ILE ILE A . n 
A 1 11 ALA 11 828 828 ALA ALA A . n 
A 1 12 LYS 12 829 829 LYS LYS A . n 
A 1 13 PHE 13 830 830 PHE PHE A . n 
A 1 14 ASN 14 831 831 ASN ASN A . n 
A 1 15 PHE 15 832 832 PHE PHE A . n 
A 1 16 ASN 16 833 833 ASN ASN A . n 
A 1 17 GLY 17 834 834 GLY GLY A . n 
A 1 18 ASP 18 835 835 ASP ASP A . n 
A 1 19 THR 19 836 836 THR THR A . n 
A 1 20 GLN 20 837 837 GLN GLN A . n 
A 1 21 VAL 21 838 838 VAL VAL A . n 
A 1 22 GLU 22 839 839 GLU GLU A . n 
A 1 23 MET 23 840 840 MET MET A . n 
A 1 24 SER 24 841 841 SER SER A . n 
A 1 25 PHE 25 842 842 PHE PHE A . n 
A 1 26 ARG 26 843 843 ARG ARG A . n 
A 1 27 LYS 27 844 844 LYS LYS A . n 
A 1 28 GLY 28 845 845 GLY GLY A . n 
A 1 29 GLU 29 846 846 GLU GLU A . n 
A 1 30 ARG 30 847 847 ARG ARG A . n 
A 1 31 ILE 31 848 848 ILE ILE A . n 
A 1 32 THR 32 849 849 THR THR A . n 
A 1 33 LEU 33 850 850 LEU LEU A . n 
A 1 34 LEU 34 851 851 LEU LEU A . n 
A 1 35 ARG 35 852 852 ARG ARG A . n 
A 1 36 GLN 36 853 853 GLN GLN A . n 
A 1 37 VAL 37 854 854 VAL VAL A . n 
A 1 38 ASP 38 855 855 ASP ASP A . n 
A 1 39 GLU 39 856 856 GLU GLU A . n 
A 1 40 ASN 40 857 857 ASN ASN A . n 
A 1 41 TRP 41 858 858 TRP TRP A . n 
A 1 42 TYR 42 859 859 TYR TYR A . n 
A 1 43 GLU 43 860 860 GLU GLU A . n 
A 1 44 GLY 44 861 861 GLY GLY A . n 
A 1 45 ARG 45 862 862 ARG ARG A . n 
A 1 46 ILE 46 863 863 ILE ILE A . n 
A 1 47 PRO 47 864 864 PRO PRO A . n 
A 1 48 GLY 48 865 865 GLY GLY A . n 
A 1 49 THR 49 866 866 THR THR A . n 
A 1 50 SER 50 867 867 SER SER A . n 
A 1 51 ARG 51 868 868 ARG ARG A . n 
A 1 52 GLN 52 869 869 GLN GLN A . n 
A 1 53 GLY 53 870 870 GLY GLY A . n 
A 1 54 ILE 54 871 871 ILE ILE A . n 
A 1 55 PHE 55 872 872 PHE PHE A . n 
A 1 56 PRO 56 873 873 PRO PRO A . n 
A 1 57 ILE 57 874 874 ILE ILE A . n 
A 1 58 THR 58 875 875 THR THR A . n 
A 1 59 TYR 59 876 876 TYR TYR A . n 
A 1 60 VAL 60 877 877 VAL VAL A . n 
A 1 61 ASP 61 878 878 ASP ASP A . n 
A 1 62 VAL 62 879 879 VAL VAL A . n 
A 1 63 ILE 63 880 880 ILE ILE A . n 
A 1 64 LYS 64 881 881 LYS LYS A . n 
A 1 65 ARG 65 882 882 ARG ARG A . n 
A 1 66 PRO 66 883 883 PRO PRO A . n 
A 1 67 LEU 67 884 884 LEU LEU A . n 
B 2 1  VAL 1  45  45  VAL VAL B . n 
B 2 2  PRO 2  46  46  PRO PRO B . n 
B 2 3  PRO 3  47  47  PRO PRO B . n 
B 2 4  PRO 4  48  48  PRO PRO B . n 
B 2 5  VAL 5  49  49  VAL VAL B . n 
B 2 6  PRO 6  50  50  PRO PRO B . n 
B 2 7  PRO 7  51  51  PRO PRO B . n 
B 2 8  PRO 8  52  52  PRO PRO B . n 
B 2 9  PRO 9  53  53  PRO PRO B . n 
B 2 10 SER 10 54  54  SER SER B . n 
# 
loop_
_pdbx_nonpoly_scheme.asym_id 
_pdbx_nonpoly_scheme.entity_id 
_pdbx_nonpoly_scheme.mon_id 
_pdbx_nonpoly_scheme.ndb_seq_num 
_pdbx_nonpoly_scheme.pdb_seq_num 
_pdbx_nonpoly_scheme.auth_seq_num 
_pdbx_nonpoly_scheme.pdb_mon_id 
_pdbx_nonpoly_scheme.auth_mon_id 
_pdbx_nonpoly_scheme.pdb_strand_id 
_pdbx_nonpoly_scheme.pdb_ins_code 
C 3 HOH 1  885 1  HOH HOH A . 
C 3 HOH 2  886 2  HOH HOH A . 
C 3 HOH 3  887 3  HOH HOH A . 
C 3 HOH 4  888 4  HOH HOH A . 
C 3 HOH 5  889 5  HOH HOH A . 
C 3 HOH 6  890 6  HOH HOH A . 
C 3 HOH 7  891 7  HOH HOH A . 
C 3 HOH 8  892 8  HOH HOH A . 
C 3 HOH 9  893 9  HOH HOH A . 
C 3 HOH 10 894 11 HOH HOH A . 
C 3 HOH 11 895 12 HOH HOH A . 
C 3 HOH 12 896 13 HOH HOH A . 
C 3 HOH 13 897 14 HOH HOH A . 
C 3 HOH 14 898 15 HOH HOH A . 
C 3 HOH 15 899 16 HOH HOH A . 
C 3 HOH 16 900 17 HOH HOH A . 
C 3 HOH 17 901 18 HOH HOH A . 
C 3 HOH 18 902 19 HOH HOH A . 
C 3 HOH 19 903 21 HOH HOH A . 
C 3 HOH 20 904 23 HOH HOH A . 
C 3 HOH 21 905 24 HOH HOH A . 
C 3 HOH 22 906 25 HOH HOH A . 
C 3 HOH 23 907 26 HOH HOH A . 
C 3 HOH 24 908 27 HOH HOH A . 
C 3 HOH 25 909 28 HOH HOH A . 
C 3 HOH 26 910 29 HOH HOH A . 
C 3 HOH 27 911 30 HOH HOH A . 
C 3 HOH 28 912 31 HOH HOH A . 
C 3 HOH 29 913 33 HOH HOH A . 
C 3 HOH 30 914 34 HOH HOH A . 
C 3 HOH 31 915 35 HOH HOH A . 
C 3 HOH 32 916 37 HOH HOH A . 
C 3 HOH 33 917 38 HOH HOH A . 
C 3 HOH 34 918 40 HOH HOH A . 
C 3 HOH 35 919 41 HOH HOH A . 
C 3 HOH 36 920 42 HOH HOH A . 
C 3 HOH 37 921 44 HOH HOH A . 
C 3 HOH 38 922 45 HOH HOH A . 
C 3 HOH 39 923 46 HOH HOH A . 
C 3 HOH 40 924 47 HOH HOH A . 
C 3 HOH 41 925 48 HOH HOH A . 
C 3 HOH 42 926 49 HOH HOH A . 
C 3 HOH 43 927 50 HOH HOH A . 
C 3 HOH 44 928 51 HOH HOH A . 
C 3 HOH 45 929 53 HOH HOH A . 
C 3 HOH 46 930 54 HOH HOH A . 
C 3 HOH 47 931 55 HOH HOH A . 
C 3 HOH 48 932 57 HOH HOH A . 
C 3 HOH 49 933 58 HOH HOH A . 
C 3 HOH 50 934 60 HOH HOH A . 
C 3 HOH 51 935 61 HOH HOH A . 
C 3 HOH 52 936 62 HOH HOH A . 
C 3 HOH 53 937 63 HOH HOH A . 
C 3 HOH 54 938 65 HOH HOH A . 
C 3 HOH 55 939 67 HOH HOH A . 
C 3 HOH 56 940 68 HOH HOH A . 
C 3 HOH 57 941 69 HOH HOH A . 
C 3 HOH 58 942 71 HOH HOH A . 
C 3 HOH 59 943 72 HOH HOH A . 
C 3 HOH 60 944 73 HOH HOH A . 
C 3 HOH 61 945 74 HOH HOH A . 
C 3 HOH 62 946 76 HOH HOH A . 
C 3 HOH 63 947 77 HOH HOH A . 
C 3 HOH 64 948 78 HOH HOH A . 
C 3 HOH 65 949 79 HOH HOH A . 
C 3 HOH 66 950 80 HOH HOH A . 
C 3 HOH 67 951 82 HOH HOH A . 
C 3 HOH 68 952 83 HOH HOH A . 
C 3 HOH 69 953 84 HOH HOH A . 
C 3 HOH 70 954 85 HOH HOH A . 
C 3 HOH 71 955 86 HOH HOH A . 
C 3 HOH 72 956 87 HOH HOH A . 
C 3 HOH 73 957 88 HOH HOH A . 
C 3 HOH 74 958 89 HOH HOH A . 
C 3 HOH 75 959 90 HOH HOH A . 
C 3 HOH 76 960 92 HOH HOH A . 
C 3 HOH 77 961 93 HOH HOH A . 
D 3 HOH 1  55  10 HOH HOH B . 
D 3 HOH 2  56  20 HOH HOH B . 
D 3 HOH 3  57  22 HOH HOH B . 
D 3 HOH 4  58  32 HOH HOH B . 
D 3 HOH 5  59  36 HOH HOH B . 
D 3 HOH 6  60  39 HOH HOH B . 
D 3 HOH 7  61  43 HOH HOH B . 
D 3 HOH 8  62  52 HOH HOH B . 
D 3 HOH 9  63  56 HOH HOH B . 
D 3 HOH 10 64  59 HOH HOH B . 
D 3 HOH 11 65  64 HOH HOH B . 
D 3 HOH 12 66  66 HOH HOH B . 
D 3 HOH 13 67  70 HOH HOH B . 
D 3 HOH 14 68  75 HOH HOH B . 
D 3 HOH 15 69  81 HOH HOH B . 
D 3 HOH 16 70  91 HOH HOH B . 
# 
_pdbx_struct_assembly.id                   1 
_pdbx_struct_assembly.details              author_defined_assembly 
_pdbx_struct_assembly.method_details       ? 
_pdbx_struct_assembly.oligomeric_details   dimeric 
_pdbx_struct_assembly.oligomeric_count     2 
# 
_pdbx_struct_assembly_gen.assembly_id       1 
_pdbx_struct_assembly_gen.oper_expression   1 
_pdbx_struct_assembly_gen.asym_id_list      A,B,C,D 
# 
_pdbx_struct_oper_list.id                   1 
_pdbx_struct_oper_list.type                 'identity operation' 
_pdbx_struct_oper_list.name                 1_555 
_pdbx_struct_oper_list.symmetry_operation   x,y,z 
_pdbx_struct_oper_list.matrix[1][1]         1.0000000000 
_pdbx_struct_oper_list.matrix[1][2]         0.0000000000 
_pdbx_struct_oper_list.matrix[1][3]         0.0000000000 
_pdbx_struct_oper_list.vector[1]            0.0000000000 
_pdbx_struct_oper_list.matrix[2][1]         0.0000000000 
_pdbx_struct_oper_list.matrix[2][2]         1.0000000000 
_pdbx_struct_oper_list.matrix[2][3]         0.0000000000 
_pdbx_struct_oper_list.vector[2]            0.0000000000 
_pdbx_struct_oper_list.matrix[3][1]         0.0000000000 
_pdbx_struct_oper_list.matrix[3][2]         0.0000000000 
_pdbx_struct_oper_list.matrix[3][3]         1.0000000000 
_pdbx_struct_oper_list.vector[3]            0.0000000000 
# 
loop_
_pdbx_audit_revision_history.ordinal 
_pdbx_audit_revision_history.data_content_type 
_pdbx_audit_revision_history.major_revision 
_pdbx_audit_revision_history.minor_revision 
_pdbx_audit_revision_history.revision_date 
1 'Structure model' 1 0 2007-10-30 
2 'Structure model' 1 1 2011-07-13 
3 'Structure model' 1 2 2017-10-18 
4 'Structure model' 1 3 2023-10-25 
# 
_pdbx_audit_revision_details.ordinal             1 
_pdbx_audit_revision_details.revision_ordinal    1 
_pdbx_audit_revision_details.data_content_type   'Structure model' 
_pdbx_audit_revision_details.provider            repository 
_pdbx_audit_revision_details.type                'Initial release' 
_pdbx_audit_revision_details.description         ? 
_pdbx_audit_revision_details.details             ? 
# 
loop_
_pdbx_audit_revision_group.ordinal 
_pdbx_audit_revision_group.revision_ordinal 
_pdbx_audit_revision_group.data_content_type 
_pdbx_audit_revision_group.group 
1 2 'Structure model' 'Version format compliance' 
2 3 'Structure model' 'Refinement description'    
3 4 'Structure model' 'Data collection'           
4 4 'Structure model' 'Database references'       
5 4 'Structure model' 'Refinement description'    
# 
loop_
_pdbx_audit_revision_category.ordinal 
_pdbx_audit_revision_category.revision_ordinal 
_pdbx_audit_revision_category.data_content_type 
_pdbx_audit_revision_category.category 
1 3 'Structure model' software                      
2 4 'Structure model' chem_comp_atom                
3 4 'Structure model' chem_comp_bond                
4 4 'Structure model' database_2                    
5 4 'Structure model' diffrn_source                 
6 4 'Structure model' pdbx_initial_refinement_model 
7 4 'Structure model' struct_ref_seq_dif            
# 
loop_
_pdbx_audit_revision_item.ordinal 
_pdbx_audit_revision_item.revision_ordinal 
_pdbx_audit_revision_item.data_content_type 
_pdbx_audit_revision_item.item 
1 3 'Structure model' '_software.name'                       
2 4 'Structure model' '_database_2.pdbx_DOI'                 
3 4 'Structure model' '_database_2.pdbx_database_accession'  
4 4 'Structure model' '_diffrn_source.pdbx_synchrotron_site' 
5 4 'Structure model' '_struct_ref_seq_dif.details'          
# 
loop_
_software.name 
_software.classification 
_software.version 
_software.citation_id 
_software.pdbx_ordinal 
REFMAC    refinement        5.2.0019 ? 1 
MAR345    'data collection' .        ? 2 
DENZO     'data reduction'  .        ? 3 
SCALEPACK 'data scaling'    .        ? 4 
MOLREP    phasing           .        ? 5 
# 
loop_
_pdbx_validate_symm_contact.id 
_pdbx_validate_symm_contact.PDB_model_num 
_pdbx_validate_symm_contact.auth_atom_id_1 
_pdbx_validate_symm_contact.auth_asym_id_1 
_pdbx_validate_symm_contact.auth_comp_id_1 
_pdbx_validate_symm_contact.auth_seq_id_1 
_pdbx_validate_symm_contact.PDB_ins_code_1 
_pdbx_validate_symm_contact.label_alt_id_1 
_pdbx_validate_symm_contact.site_symmetry_1 
_pdbx_validate_symm_contact.auth_atom_id_2 
_pdbx_validate_symm_contact.auth_asym_id_2 
_pdbx_validate_symm_contact.auth_comp_id_2 
_pdbx_validate_symm_contact.auth_seq_id_2 
_pdbx_validate_symm_contact.PDB_ins_code_2 
_pdbx_validate_symm_contact.label_alt_id_2 
_pdbx_validate_symm_contact.site_symmetry_2 
_pdbx_validate_symm_contact.dist 
1 1 ND2 A ASN 833 ? B 1_555 O A HOH 953 ? ? 1_455 2.06 
2 1 NH2 A ARG 847 ? A 1_555 O A ARG 882 ? ? 4_455 2.07 
# 
loop_
_pdbx_validate_rmsd_angle.id 
_pdbx_validate_rmsd_angle.PDB_model_num 
_pdbx_validate_rmsd_angle.auth_atom_id_1 
_pdbx_validate_rmsd_angle.auth_asym_id_1 
_pdbx_validate_rmsd_angle.auth_comp_id_1 
_pdbx_validate_rmsd_angle.auth_seq_id_1 
_pdbx_validate_rmsd_angle.PDB_ins_code_1 
_pdbx_validate_rmsd_angle.label_alt_id_1 
_pdbx_validate_rmsd_angle.auth_atom_id_2 
_pdbx_validate_rmsd_angle.auth_asym_id_2 
_pdbx_validate_rmsd_angle.auth_comp_id_2 
_pdbx_validate_rmsd_angle.auth_seq_id_2 
_pdbx_validate_rmsd_angle.PDB_ins_code_2 
_pdbx_validate_rmsd_angle.label_alt_id_2 
_pdbx_validate_rmsd_angle.auth_atom_id_3 
_pdbx_validate_rmsd_angle.auth_asym_id_3 
_pdbx_validate_rmsd_angle.auth_comp_id_3 
_pdbx_validate_rmsd_angle.auth_seq_id_3 
_pdbx_validate_rmsd_angle.PDB_ins_code_3 
_pdbx_validate_rmsd_angle.label_alt_id_3 
_pdbx_validate_rmsd_angle.angle_value 
_pdbx_validate_rmsd_angle.angle_target_value 
_pdbx_validate_rmsd_angle.angle_deviation 
_pdbx_validate_rmsd_angle.angle_standard_deviation 
_pdbx_validate_rmsd_angle.linker_flag 
1 1 NE A ARG 847 ? A CZ A ARG 847 ? A NH1 A ARG 847 ? A 123.68 120.30 3.38  0.50 N 
2 1 NE A ARG 847 ? A CZ A ARG 847 ? A NH2 A ARG 847 ? A 116.02 120.30 -4.28 0.50 N 
# 
loop_
_chem_comp_atom.comp_id 
_chem_comp_atom.atom_id 
_chem_comp_atom.type_symbol 
_chem_comp_atom.pdbx_aromatic_flag 
_chem_comp_atom.pdbx_stereo_config 
_chem_comp_atom.pdbx_ordinal 
ALA N    N N N 1   
ALA CA   C N S 2   
ALA C    C N N 3   
ALA O    O N N 4   
ALA CB   C N N 5   
ALA OXT  O N N 6   
ALA H    H N N 7   
ALA H2   H N N 8   
ALA HA   H N N 9   
ALA HB1  H N N 10  
ALA HB2  H N N 11  
ALA HB3  H N N 12  
ALA HXT  H N N 13  
ARG N    N N N 14  
ARG CA   C N S 15  
ARG C    C N N 16  
ARG O    O N N 17  
ARG CB   C N N 18  
ARG CG   C N N 19  
ARG CD   C N N 20  
ARG NE   N N N 21  
ARG CZ   C N N 22  
ARG NH1  N N N 23  
ARG NH2  N N N 24  
ARG OXT  O N N 25  
ARG H    H N N 26  
ARG H2   H N N 27  
ARG HA   H N N 28  
ARG HB2  H N N 29  
ARG HB3  H N N 30  
ARG HG2  H N N 31  
ARG HG3  H N N 32  
ARG HD2  H N N 33  
ARG HD3  H N N 34  
ARG HE   H N N 35  
ARG HH11 H N N 36  
ARG HH12 H N N 37  
ARG HH21 H N N 38  
ARG HH22 H N N 39  
ARG HXT  H N N 40  
ASN N    N N N 41  
ASN CA   C N S 42  
ASN C    C N N 43  
ASN O    O N N 44  
ASN CB   C N N 45  
ASN CG   C N N 46  
ASN OD1  O N N 47  
ASN ND2  N N N 48  
ASN OXT  O N N 49  
ASN H    H N N 50  
ASN H2   H N N 51  
ASN HA   H N N 52  
ASN HB2  H N N 53  
ASN HB3  H N N 54  
ASN HD21 H N N 55  
ASN HD22 H N N 56  
ASN HXT  H N N 57  
ASP N    N N N 58  
ASP CA   C N S 59  
ASP C    C N N 60  
ASP O    O N N 61  
ASP CB   C N N 62  
ASP CG   C N N 63  
ASP OD1  O N N 64  
ASP OD2  O N N 65  
ASP OXT  O N N 66  
ASP H    H N N 67  
ASP H2   H N N 68  
ASP HA   H N N 69  
ASP HB2  H N N 70  
ASP HB3  H N N 71  
ASP HD2  H N N 72  
ASP HXT  H N N 73  
GLN N    N N N 74  
GLN CA   C N S 75  
GLN C    C N N 76  
GLN O    O N N 77  
GLN CB   C N N 78  
GLN CG   C N N 79  
GLN CD   C N N 80  
GLN OE1  O N N 81  
GLN NE2  N N N 82  
GLN OXT  O N N 83  
GLN H    H N N 84  
GLN H2   H N N 85  
GLN HA   H N N 86  
GLN HB2  H N N 87  
GLN HB3  H N N 88  
GLN HG2  H N N 89  
GLN HG3  H N N 90  
GLN HE21 H N N 91  
GLN HE22 H N N 92  
GLN HXT  H N N 93  
GLU N    N N N 94  
GLU CA   C N S 95  
GLU C    C N N 96  
GLU O    O N N 97  
GLU CB   C N N 98  
GLU CG   C N N 99  
GLU CD   C N N 100 
GLU OE1  O N N 101 
GLU OE2  O N N 102 
GLU OXT  O N N 103 
GLU H    H N N 104 
GLU H2   H N N 105 
GLU HA   H N N 106 
GLU HB2  H N N 107 
GLU HB3  H N N 108 
GLU HG2  H N N 109 
GLU HG3  H N N 110 
GLU HE2  H N N 111 
GLU HXT  H N N 112 
GLY N    N N N 113 
GLY CA   C N N 114 
GLY C    C N N 115 
GLY O    O N N 116 
GLY OXT  O N N 117 
GLY H    H N N 118 
GLY H2   H N N 119 
GLY HA2  H N N 120 
GLY HA3  H N N 121 
GLY HXT  H N N 122 
HOH O    O N N 123 
HOH H1   H N N 124 
HOH H2   H N N 125 
ILE N    N N N 126 
ILE CA   C N S 127 
ILE C    C N N 128 
ILE O    O N N 129 
ILE CB   C N S 130 
ILE CG1  C N N 131 
ILE CG2  C N N 132 
ILE CD1  C N N 133 
ILE OXT  O N N 134 
ILE H    H N N 135 
ILE H2   H N N 136 
ILE HA   H N N 137 
ILE HB   H N N 138 
ILE HG12 H N N 139 
ILE HG13 H N N 140 
ILE HG21 H N N 141 
ILE HG22 H N N 142 
ILE HG23 H N N 143 
ILE HD11 H N N 144 
ILE HD12 H N N 145 
ILE HD13 H N N 146 
ILE HXT  H N N 147 
LEU N    N N N 148 
LEU CA   C N S 149 
LEU C    C N N 150 
LEU O    O N N 151 
LEU CB   C N N 152 
LEU CG   C N N 153 
LEU CD1  C N N 154 
LEU CD2  C N N 155 
LEU OXT  O N N 156 
LEU H    H N N 157 
LEU H2   H N N 158 
LEU HA   H N N 159 
LEU HB2  H N N 160 
LEU HB3  H N N 161 
LEU HG   H N N 162 
LEU HD11 H N N 163 
LEU HD12 H N N 164 
LEU HD13 H N N 165 
LEU HD21 H N N 166 
LEU HD22 H N N 167 
LEU HD23 H N N 168 
LEU HXT  H N N 169 
LYS N    N N N 170 
LYS CA   C N S 171 
LYS C    C N N 172 
LYS O    O N N 173 
LYS CB   C N N 174 
LYS CG   C N N 175 
LYS CD   C N N 176 
LYS CE   C N N 177 
LYS NZ   N N N 178 
LYS OXT  O N N 179 
LYS H    H N N 180 
LYS H2   H N N 181 
LYS HA   H N N 182 
LYS HB2  H N N 183 
LYS HB3  H N N 184 
LYS HG2  H N N 185 
LYS HG3  H N N 186 
LYS HD2  H N N 187 
LYS HD3  H N N 188 
LYS HE2  H N N 189 
LYS HE3  H N N 190 
LYS HZ1  H N N 191 
LYS HZ2  H N N 192 
LYS HZ3  H N N 193 
LYS HXT  H N N 194 
MET N    N N N 195 
MET CA   C N S 196 
MET C    C N N 197 
MET O    O N N 198 
MET CB   C N N 199 
MET CG   C N N 200 
MET SD   S N N 201 
MET CE   C N N 202 
MET OXT  O N N 203 
MET H    H N N 204 
MET H2   H N N 205 
MET HA   H N N 206 
MET HB2  H N N 207 
MET HB3  H N N 208 
MET HG2  H N N 209 
MET HG3  H N N 210 
MET HE1  H N N 211 
MET HE2  H N N 212 
MET HE3  H N N 213 
MET HXT  H N N 214 
PHE N    N N N 215 
PHE CA   C N S 216 
PHE C    C N N 217 
PHE O    O N N 218 
PHE CB   C N N 219 
PHE CG   C Y N 220 
PHE CD1  C Y N 221 
PHE CD2  C Y N 222 
PHE CE1  C Y N 223 
PHE CE2  C Y N 224 
PHE CZ   C Y N 225 
PHE OXT  O N N 226 
PHE H    H N N 227 
PHE H2   H N N 228 
PHE HA   H N N 229 
PHE HB2  H N N 230 
PHE HB3  H N N 231 
PHE HD1  H N N 232 
PHE HD2  H N N 233 
PHE HE1  H N N 234 
PHE HE2  H N N 235 
PHE HZ   H N N 236 
PHE HXT  H N N 237 
PRO N    N N N 238 
PRO CA   C N S 239 
PRO C    C N N 240 
PRO O    O N N 241 
PRO CB   C N N 242 
PRO CG   C N N 243 
PRO CD   C N N 244 
PRO OXT  O N N 245 
PRO H    H N N 246 
PRO HA   H N N 247 
PRO HB2  H N N 248 
PRO HB3  H N N 249 
PRO HG2  H N N 250 
PRO HG3  H N N 251 
PRO HD2  H N N 252 
PRO HD3  H N N 253 
PRO HXT  H N N 254 
SER N    N N N 255 
SER CA   C N S 256 
SER C    C N N 257 
SER O    O N N 258 
SER CB   C N N 259 
SER OG   O N N 260 
SER OXT  O N N 261 
SER H    H N N 262 
SER H2   H N N 263 
SER HA   H N N 264 
SER HB2  H N N 265 
SER HB3  H N N 266 
SER HG   H N N 267 
SER HXT  H N N 268 
THR N    N N N 269 
THR CA   C N S 270 
THR C    C N N 271 
THR O    O N N 272 
THR CB   C N R 273 
THR OG1  O N N 274 
THR CG2  C N N 275 
THR OXT  O N N 276 
THR H    H N N 277 
THR H2   H N N 278 
THR HA   H N N 279 
THR HB   H N N 280 
THR HG1  H N N 281 
THR HG21 H N N 282 
THR HG22 H N N 283 
THR HG23 H N N 284 
THR HXT  H N N 285 
TRP N    N N N 286 
TRP CA   C N S 287 
TRP C    C N N 288 
TRP O    O N N 289 
TRP CB   C N N 290 
TRP CG   C Y N 291 
TRP CD1  C Y N 292 
TRP CD2  C Y N 293 
TRP NE1  N Y N 294 
TRP CE2  C Y N 295 
TRP CE3  C Y N 296 
TRP CZ2  C Y N 297 
TRP CZ3  C Y N 298 
TRP CH2  C Y N 299 
TRP OXT  O N N 300 
TRP H    H N N 301 
TRP H2   H N N 302 
TRP HA   H N N 303 
TRP HB2  H N N 304 
TRP HB3  H N N 305 
TRP HD1  H N N 306 
TRP HE1  H N N 307 
TRP HE3  H N N 308 
TRP HZ2  H N N 309 
TRP HZ3  H N N 310 
TRP HH2  H N N 311 
TRP HXT  H N N 312 
TYR N    N N N 313 
TYR CA   C N S 314 
TYR C    C N N 315 
TYR O    O N N 316 
TYR CB   C N N 317 
TYR CG   C Y N 318 
TYR CD1  C Y N 319 
TYR CD2  C Y N 320 
TYR CE1  C Y N 321 
TYR CE2  C Y N 322 
TYR CZ   C Y N 323 
TYR OH   O N N 324 
TYR OXT  O N N 325 
TYR H    H N N 326 
TYR H2   H N N 327 
TYR HA   H N N 328 
TYR HB2  H N N 329 
TYR HB3  H N N 330 
TYR HD1  H N N 331 
TYR HD2  H N N 332 
TYR HE1  H N N 333 
TYR HE2  H N N 334 
TYR HH   H N N 335 
TYR HXT  H N N 336 
VAL N    N N N 337 
VAL CA   C N S 338 
VAL C    C N N 339 
VAL O    O N N 340 
VAL CB   C N N 341 
VAL CG1  C N N 342 
VAL CG2  C N N 343 
VAL OXT  O N N 344 
VAL H    H N N 345 
VAL H2   H N N 346 
VAL HA   H N N 347 
VAL HB   H N N 348 
VAL HG11 H N N 349 
VAL HG12 H N N 350 
VAL HG13 H N N 351 
VAL HG21 H N N 352 
VAL HG22 H N N 353 
VAL HG23 H N N 354 
VAL HXT  H N N 355 
# 
loop_
_chem_comp_bond.comp_id 
_chem_comp_bond.atom_id_1 
_chem_comp_bond.atom_id_2 
_chem_comp_bond.value_order 
_chem_comp_bond.pdbx_aromatic_flag 
_chem_comp_bond.pdbx_stereo_config 
_chem_comp_bond.pdbx_ordinal 
ALA N   CA   sing N N 1   
ALA N   H    sing N N 2   
ALA N   H2   sing N N 3   
ALA CA  C    sing N N 4   
ALA CA  CB   sing N N 5   
ALA CA  HA   sing N N 6   
ALA C   O    doub N N 7   
ALA C   OXT  sing N N 8   
ALA CB  HB1  sing N N 9   
ALA CB  HB2  sing N N 10  
ALA CB  HB3  sing N N 11  
ALA OXT HXT  sing N N 12  
ARG N   CA   sing N N 13  
ARG N   H    sing N N 14  
ARG N   H2   sing N N 15  
ARG CA  C    sing N N 16  
ARG CA  CB   sing N N 17  
ARG CA  HA   sing N N 18  
ARG C   O    doub N N 19  
ARG C   OXT  sing N N 20  
ARG CB  CG   sing N N 21  
ARG CB  HB2  sing N N 22  
ARG CB  HB3  sing N N 23  
ARG CG  CD   sing N N 24  
ARG CG  HG2  sing N N 25  
ARG CG  HG3  sing N N 26  
ARG CD  NE   sing N N 27  
ARG CD  HD2  sing N N 28  
ARG CD  HD3  sing N N 29  
ARG NE  CZ   sing N N 30  
ARG NE  HE   sing N N 31  
ARG CZ  NH1  sing N N 32  
ARG CZ  NH2  doub N N 33  
ARG NH1 HH11 sing N N 34  
ARG NH1 HH12 sing N N 35  
ARG NH2 HH21 sing N N 36  
ARG NH2 HH22 sing N N 37  
ARG OXT HXT  sing N N 38  
ASN N   CA   sing N N 39  
ASN N   H    sing N N 40  
ASN N   H2   sing N N 41  
ASN CA  C    sing N N 42  
ASN CA  CB   sing N N 43  
ASN CA  HA   sing N N 44  
ASN C   O    doub N N 45  
ASN C   OXT  sing N N 46  
ASN CB  CG   sing N N 47  
ASN CB  HB2  sing N N 48  
ASN CB  HB3  sing N N 49  
ASN CG  OD1  doub N N 50  
ASN CG  ND2  sing N N 51  
ASN ND2 HD21 sing N N 52  
ASN ND2 HD22 sing N N 53  
ASN OXT HXT  sing N N 54  
ASP N   CA   sing N N 55  
ASP N   H    sing N N 56  
ASP N   H2   sing N N 57  
ASP CA  C    sing N N 58  
ASP CA  CB   sing N N 59  
ASP CA  HA   sing N N 60  
ASP C   O    doub N N 61  
ASP C   OXT  sing N N 62  
ASP CB  CG   sing N N 63  
ASP CB  HB2  sing N N 64  
ASP CB  HB3  sing N N 65  
ASP CG  OD1  doub N N 66  
ASP CG  OD2  sing N N 67  
ASP OD2 HD2  sing N N 68  
ASP OXT HXT  sing N N 69  
GLN N   CA   sing N N 70  
GLN N   H    sing N N 71  
GLN N   H2   sing N N 72  
GLN CA  C    sing N N 73  
GLN CA  CB   sing N N 74  
GLN CA  HA   sing N N 75  
GLN C   O    doub N N 76  
GLN C   OXT  sing N N 77  
GLN CB  CG   sing N N 78  
GLN CB  HB2  sing N N 79  
GLN CB  HB3  sing N N 80  
GLN CG  CD   sing N N 81  
GLN CG  HG2  sing N N 82  
GLN CG  HG3  sing N N 83  
GLN CD  OE1  doub N N 84  
GLN CD  NE2  sing N N 85  
GLN NE2 HE21 sing N N 86  
GLN NE2 HE22 sing N N 87  
GLN OXT HXT  sing N N 88  
GLU N   CA   sing N N 89  
GLU N   H    sing N N 90  
GLU N   H2   sing N N 91  
GLU CA  C    sing N N 92  
GLU CA  CB   sing N N 93  
GLU CA  HA   sing N N 94  
GLU C   O    doub N N 95  
GLU C   OXT  sing N N 96  
GLU CB  CG   sing N N 97  
GLU CB  HB2  sing N N 98  
GLU CB  HB3  sing N N 99  
GLU CG  CD   sing N N 100 
GLU CG  HG2  sing N N 101 
GLU CG  HG3  sing N N 102 
GLU CD  OE1  doub N N 103 
GLU CD  OE2  sing N N 104 
GLU OE2 HE2  sing N N 105 
GLU OXT HXT  sing N N 106 
GLY N   CA   sing N N 107 
GLY N   H    sing N N 108 
GLY N   H2   sing N N 109 
GLY CA  C    sing N N 110 
GLY CA  HA2  sing N N 111 
GLY CA  HA3  sing N N 112 
GLY C   O    doub N N 113 
GLY C   OXT  sing N N 114 
GLY OXT HXT  sing N N 115 
HOH O   H1   sing N N 116 
HOH O   H2   sing N N 117 
ILE N   CA   sing N N 118 
ILE N   H    sing N N 119 
ILE N   H2   sing N N 120 
ILE CA  C    sing N N 121 
ILE CA  CB   sing N N 122 
ILE CA  HA   sing N N 123 
ILE C   O    doub N N 124 
ILE C   OXT  sing N N 125 
ILE CB  CG1  sing N N 126 
ILE CB  CG2  sing N N 127 
ILE CB  HB   sing N N 128 
ILE CG1 CD1  sing N N 129 
ILE CG1 HG12 sing N N 130 
ILE CG1 HG13 sing N N 131 
ILE CG2 HG21 sing N N 132 
ILE CG2 HG22 sing N N 133 
ILE CG2 HG23 sing N N 134 
ILE CD1 HD11 sing N N 135 
ILE CD1 HD12 sing N N 136 
ILE CD1 HD13 sing N N 137 
ILE OXT HXT  sing N N 138 
LEU N   CA   sing N N 139 
LEU N   H    sing N N 140 
LEU N   H2   sing N N 141 
LEU CA  C    sing N N 142 
LEU CA  CB   sing N N 143 
LEU CA  HA   sing N N 144 
LEU C   O    doub N N 145 
LEU C   OXT  sing N N 146 
LEU CB  CG   sing N N 147 
LEU CB  HB2  sing N N 148 
LEU CB  HB3  sing N N 149 
LEU CG  CD1  sing N N 150 
LEU CG  CD2  sing N N 151 
LEU CG  HG   sing N N 152 
LEU CD1 HD11 sing N N 153 
LEU CD1 HD12 sing N N 154 
LEU CD1 HD13 sing N N 155 
LEU CD2 HD21 sing N N 156 
LEU CD2 HD22 sing N N 157 
LEU CD2 HD23 sing N N 158 
LEU OXT HXT  sing N N 159 
LYS N   CA   sing N N 160 
LYS N   H    sing N N 161 
LYS N   H2   sing N N 162 
LYS CA  C    sing N N 163 
LYS CA  CB   sing N N 164 
LYS CA  HA   sing N N 165 
LYS C   O    doub N N 166 
LYS C   OXT  sing N N 167 
LYS CB  CG   sing N N 168 
LYS CB  HB2  sing N N 169 
LYS CB  HB3  sing N N 170 
LYS CG  CD   sing N N 171 
LYS CG  HG2  sing N N 172 
LYS CG  HG3  sing N N 173 
LYS CD  CE   sing N N 174 
LYS CD  HD2  sing N N 175 
LYS CD  HD3  sing N N 176 
LYS CE  NZ   sing N N 177 
LYS CE  HE2  sing N N 178 
LYS CE  HE3  sing N N 179 
LYS NZ  HZ1  sing N N 180 
LYS NZ  HZ2  sing N N 181 
LYS NZ  HZ3  sing N N 182 
LYS OXT HXT  sing N N 183 
MET N   CA   sing N N 184 
MET N   H    sing N N 185 
MET N   H2   sing N N 186 
MET CA  C    sing N N 187 
MET CA  CB   sing N N 188 
MET CA  HA   sing N N 189 
MET C   O    doub N N 190 
MET C   OXT  sing N N 191 
MET CB  CG   sing N N 192 
MET CB  HB2  sing N N 193 
MET CB  HB3  sing N N 194 
MET CG  SD   sing N N 195 
MET CG  HG2  sing N N 196 
MET CG  HG3  sing N N 197 
MET SD  CE   sing N N 198 
MET CE  HE1  sing N N 199 
MET CE  HE2  sing N N 200 
MET CE  HE3  sing N N 201 
MET OXT HXT  sing N N 202 
PHE N   CA   sing N N 203 
PHE N   H    sing N N 204 
PHE N   H2   sing N N 205 
PHE CA  C    sing N N 206 
PHE CA  CB   sing N N 207 
PHE CA  HA   sing N N 208 
PHE C   O    doub N N 209 
PHE C   OXT  sing N N 210 
PHE CB  CG   sing N N 211 
PHE CB  HB2  sing N N 212 
PHE CB  HB3  sing N N 213 
PHE CG  CD1  doub Y N 214 
PHE CG  CD2  sing Y N 215 
PHE CD1 CE1  sing Y N 216 
PHE CD1 HD1  sing N N 217 
PHE CD2 CE2  doub Y N 218 
PHE CD2 HD2  sing N N 219 
PHE CE1 CZ   doub Y N 220 
PHE CE1 HE1  sing N N 221 
PHE CE2 CZ   sing Y N 222 
PHE CE2 HE2  sing N N 223 
PHE CZ  HZ   sing N N 224 
PHE OXT HXT  sing N N 225 
PRO N   CA   sing N N 226 
PRO N   CD   sing N N 227 
PRO N   H    sing N N 228 
PRO CA  C    sing N N 229 
PRO CA  CB   sing N N 230 
PRO CA  HA   sing N N 231 
PRO C   O    doub N N 232 
PRO C   OXT  sing N N 233 
PRO CB  CG   sing N N 234 
PRO CB  HB2  sing N N 235 
PRO CB  HB3  sing N N 236 
PRO CG  CD   sing N N 237 
PRO CG  HG2  sing N N 238 
PRO CG  HG3  sing N N 239 
PRO CD  HD2  sing N N 240 
PRO CD  HD3  sing N N 241 
PRO OXT HXT  sing N N 242 
SER N   CA   sing N N 243 
SER N   H    sing N N 244 
SER N   H2   sing N N 245 
SER CA  C    sing N N 246 
SER CA  CB   sing N N 247 
SER CA  HA   sing N N 248 
SER C   O    doub N N 249 
SER C   OXT  sing N N 250 
SER CB  OG   sing N N 251 
SER CB  HB2  sing N N 252 
SER CB  HB3  sing N N 253 
SER OG  HG   sing N N 254 
SER OXT HXT  sing N N 255 
THR N   CA   sing N N 256 
THR N   H    sing N N 257 
THR N   H2   sing N N 258 
THR CA  C    sing N N 259 
THR CA  CB   sing N N 260 
THR CA  HA   sing N N 261 
THR C   O    doub N N 262 
THR C   OXT  sing N N 263 
THR CB  OG1  sing N N 264 
THR CB  CG2  sing N N 265 
THR CB  HB   sing N N 266 
THR OG1 HG1  sing N N 267 
THR CG2 HG21 sing N N 268 
THR CG2 HG22 sing N N 269 
THR CG2 HG23 sing N N 270 
THR OXT HXT  sing N N 271 
TRP N   CA   sing N N 272 
TRP N   H    sing N N 273 
TRP N   H2   sing N N 274 
TRP CA  C    sing N N 275 
TRP CA  CB   sing N N 276 
TRP CA  HA   sing N N 277 
TRP C   O    doub N N 278 
TRP C   OXT  sing N N 279 
TRP CB  CG   sing N N 280 
TRP CB  HB2  sing N N 281 
TRP CB  HB3  sing N N 282 
TRP CG  CD1  doub Y N 283 
TRP CG  CD2  sing Y N 284 
TRP CD1 NE1  sing Y N 285 
TRP CD1 HD1  sing N N 286 
TRP CD2 CE2  doub Y N 287 
TRP CD2 CE3  sing Y N 288 
TRP NE1 CE2  sing Y N 289 
TRP NE1 HE1  sing N N 290 
TRP CE2 CZ2  sing Y N 291 
TRP CE3 CZ3  doub Y N 292 
TRP CE3 HE3  sing N N 293 
TRP CZ2 CH2  doub Y N 294 
TRP CZ2 HZ2  sing N N 295 
TRP CZ3 CH2  sing Y N 296 
TRP CZ3 HZ3  sing N N 297 
TRP CH2 HH2  sing N N 298 
TRP OXT HXT  sing N N 299 
TYR N   CA   sing N N 300 
TYR N   H    sing N N 301 
TYR N   H2   sing N N 302 
TYR CA  C    sing N N 303 
TYR CA  CB   sing N N 304 
TYR CA  HA   sing N N 305 
TYR C   O    doub N N 306 
TYR C   OXT  sing N N 307 
TYR CB  CG   sing N N 308 
TYR CB  HB2  sing N N 309 
TYR CB  HB3  sing N N 310 
TYR CG  CD1  doub Y N 311 
TYR CG  CD2  sing Y N 312 
TYR CD1 CE1  sing Y N 313 
TYR CD1 HD1  sing N N 314 
TYR CD2 CE2  doub Y N 315 
TYR CD2 HD2  sing N N 316 
TYR CE1 CZ   doub Y N 317 
TYR CE1 HE1  sing N N 318 
TYR CE2 CZ   sing Y N 319 
TYR CE2 HE2  sing N N 320 
TYR CZ  OH   sing N N 321 
TYR OH  HH   sing N N 322 
TYR OXT HXT  sing N N 323 
VAL N   CA   sing N N 324 
VAL N   H    sing N N 325 
VAL N   H2   sing N N 326 
VAL CA  C    sing N N 327 
VAL CA  CB   sing N N 328 
VAL CA  HA   sing N N 329 
VAL C   O    doub N N 330 
VAL C   OXT  sing N N 331 
VAL CB  CG1  sing N N 332 
VAL CB  CG2  sing N N 333 
VAL CB  HB   sing N N 334 
VAL CG1 HG11 sing N N 335 
VAL CG1 HG12 sing N N 336 
VAL CG1 HG13 sing N N 337 
VAL CG2 HG21 sing N N 338 
VAL CG2 HG22 sing N N 339 
VAL CG2 HG23 sing N N 340 
VAL OXT HXT  sing N N 341 
# 
_pdbx_entity_nonpoly.entity_id   3 
_pdbx_entity_nonpoly.name        water 
_pdbx_entity_nonpoly.comp_id     HOH 
# 
_pdbx_initial_refinement_model.id               1 
_pdbx_initial_refinement_model.entity_id_list   ? 
_pdbx_initial_refinement_model.type             'experimental model' 
_pdbx_initial_refinement_model.source_name      PDB 
_pdbx_initial_refinement_model.accession_code   2O2W 
_pdbx_initial_refinement_model.details          ? 
# 
